data_7DW7
#
_entry.id   7DW7
#
_cell.length_a   146.626
_cell.length_b   146.626
_cell.length_c   141.022
_cell.angle_alpha   90.000
_cell.angle_beta   90.000
_cell.angle_gamma   120.000
#
_symmetry.space_group_name_H-M   'P 65'
#
loop_
_entity.id
_entity.type
_entity.pdbx_description
1 polymer 'Phosphoribosylformylglycinamidine synthase'
2 non-polymer "ADENOSINE-5'-DIPHOSPHATE"
3 non-polymer GLYCEROL
4 non-polymer 'SULFATE ION'
5 non-polymer 'MAGNESIUM ION'
6 water water
#
_entity_poly.entity_id   1
_entity_poly.type   'polypeptide(L)'
_entity_poly.pdbx_seq_one_letter_code
;SGLVPRGSHMMEILRGSPALSAFRINKLLARFQAANLQVHNIYAEYVHFADLNAPLNDSEQAQLTRLLQYGPALSSHTPA
GKLLLVTPRPGTISPWSSKATDIAHNCGLQQVDRLERGVAYYIEASTLTAEQWRQVAAELHDRMMETVFSSLTDAEKLFI
HHQPAPVSSVDLLGEGRQALIDANLRLGLALAEDEIDYLQEAFTKLGRNPNDIELYMFAQANSEHCRHKIFNADWIIDGK
PQPKSLFKMIKNTFETTPDYVLSAYKDNAAVMEGSAVGRYFADHNTGRYDFHQEPAHILMKVETHNHPTAISPWPGAATG
SGGEIRDEGATGRGAKPKAGLVGFSVSNLRIPGFEQPWEEDFGKPERIVTALDIMTEGPLGGAAFNNEFGRPALTGYFRT
YEEKVNSHNGEELRGYHKPIMLAGGIGNIRADHVQKGEIVVGAKLIVLGGPAMNIGLGGGAASSMASGQSDADLDFASVQ
RDNPEMERRCQEVIDRCWQLGDANPILFIHDVGAGGLSNAMPELVSDGGRGGKFELRDILSDEPGMSPLEIWCNESQERY
VLAVAADQLPLFDELCKRERAPYAVIGDATEEQHLSLHDNHFDNQPIDLPLDVLLGKTPKMTRDVQTLKAKGDALNRADI
TIADAVKRVLHLPTVAEKTFLVTIGDRTVTGMVARDQMVGPWQVPVADCAVTTASLDSYYGEAMSIGERAPVALLDFAAS
ARLAVGEALTNIAATQIGDIKRIKLSANWMAAAGHPGEDAGLYDAVKAVGEELCPQLGLTIPVGKDSMSMKTRWQEGNEQ
REMTSPLSLVISAFARVEDVRHTLTPQLSTEDNALLLIDLGKGHNALGATALAQVYRQLGDKPADVRDVAQLKGFYDAMQ
ALVAARKLLAWHDRSDGGLLVTLAEMAFAGHCGVQVDIAALGDDHLAALFNEELGGVIQVRAEDRDAVEALLAQYGLADC
VHYLGQALAGDRFVITANDQTVFSESRTTLRVWWAETTWQMQRLRDNPQCADQEHEAKANDTDPGLNVKLSFDINEDIAA
PYIATGARPKVAVLREQGVASHVEMAAAFHRAGFDAIDVHMSDLLGGRIGLGNFHALVACGGFSYGDVLGAGEGWAKSIL
FNHRVRDEFETFFHRPQTLALGVCNGCQMMSNLRELIPGSELWPRFVRNHSDRFEARFSLVEVTQSPSLLLQGMVGSQMP
IAVSHGEGRVEVRDDAHLAALESKGLVALRYVDNFGKVTETYPANPNGSPNGITAVTTENGRVTIMMPHPERVFRTVANS
WHPENWGEDSPWMRIFRNARKQLG
;
_entity_poly.pdbx_strand_id   A
#
loop_
_chem_comp.id
_chem_comp.type
_chem_comp.name
_chem_comp.formula
ADP non-polymer ADENOSINE-5'-DIPHOSPHATE 'C10 H15 N5 O10 P2'
GOL non-polymer GLYCEROL 'C3 H8 O3'
MG non-polymer 'MAGNESIUM ION' 'Mg 2'
SO4 non-polymer 'SULFATE ION' 'O4 S -2'
#
# COMPACT_ATOMS: atom_id res chain seq x y z
N SER A 1 -30.50 -4.80 25.74
CA SER A 1 -30.42 -4.48 24.27
C SER A 1 -31.81 -4.56 23.55
N GLY A 2 -31.92 -3.73 22.53
CA GLY A 2 -33.16 -3.52 21.74
C GLY A 2 -33.32 -4.65 20.75
N LEU A 3 -34.55 -5.05 20.38
CA LEU A 3 -34.81 -6.24 19.51
C LEU A 3 -36.27 -6.23 18.97
N VAL A 4 -36.37 -5.90 17.69
CA VAL A 4 -37.63 -5.58 17.05
C VAL A 4 -37.78 -6.45 15.80
N PRO A 5 -39.03 -6.58 15.29
CA PRO A 5 -39.16 -7.26 13.94
C PRO A 5 -38.41 -6.48 12.80
N ARG A 6 -37.82 -7.22 11.86
CA ARG A 6 -37.10 -6.59 10.69
C ARG A 6 -37.43 -7.64 9.61
N GLY A 7 -38.54 -7.47 8.87
CA GLY A 7 -39.01 -8.52 7.87
C GLY A 7 -39.12 -9.95 8.46
N SER A 8 -38.56 -11.01 7.83
CA SER A 8 -38.51 -12.47 8.39
C SER A 8 -37.38 -12.68 9.46
N HIS A 9 -36.77 -11.57 9.85
CA HIS A 9 -35.62 -11.50 10.72
C HIS A 9 -36.05 -10.51 11.81
N MET A 10 -35.15 -10.28 12.78
CA MET A 10 -35.41 -9.41 13.96
C MET A 10 -34.07 -8.63 14.04
N MET A 11 -34.14 -7.36 14.21
CA MET A 11 -32.93 -6.55 14.49
C MET A 11 -32.76 -6.25 16.00
N GLU A 12 -31.61 -6.62 16.55
CA GLU A 12 -31.18 -6.16 17.90
C GLU A 12 -30.26 -4.92 17.84
N ILE A 13 -30.44 -3.97 18.76
CA ILE A 13 -29.63 -2.80 18.92
C ILE A 13 -28.76 -2.91 20.15
N LEU A 14 -27.44 -2.83 20.00
CA LEU A 14 -26.52 -2.91 21.15
C LEU A 14 -25.65 -1.70 21.25
N ARG A 15 -25.69 -0.99 22.39
CA ARG A 15 -24.88 0.22 22.51
CA ARG A 15 -24.87 0.19 22.71
C ARG A 15 -23.44 -0.15 22.74
N GLY A 16 -22.55 0.61 22.12
CA GLY A 16 -21.11 0.37 22.21
C GLY A 16 -20.45 1.44 23.04
N SER A 17 -19.20 1.66 22.81
CA SER A 17 -18.40 2.49 23.63
C SER A 17 -18.29 3.90 23.03
N PRO A 18 -17.82 4.87 23.82
CA PRO A 18 -17.52 6.12 23.17
C PRO A 18 -16.64 6.08 22.02
N ALA A 19 -16.98 6.88 21.01
CA ALA A 19 -16.36 6.75 19.70
C ALA A 19 -15.19 7.74 19.38
N LEU A 20 -15.17 8.83 20.07
CA LEU A 20 -14.22 9.90 19.73
C LEU A 20 -13.42 10.27 21.01
N SER A 21 -12.14 10.42 20.79
CA SER A 21 -11.33 10.93 21.89
C SER A 21 -11.51 12.45 22.03
N ALA A 22 -10.94 12.99 23.10
CA ALA A 22 -11.15 14.38 23.44
C ALA A 22 -10.63 15.29 22.34
N PHE A 23 -9.48 14.98 21.69
CA PHE A 23 -9.03 15.86 20.61
C PHE A 23 -9.97 15.93 19.43
N ARG A 24 -10.60 14.81 19.13
CA ARG A 24 -11.52 14.78 18.01
C ARG A 24 -12.86 15.52 18.33
N ILE A 25 -13.31 15.35 19.56
CA ILE A 25 -14.46 16.13 20.03
C ILE A 25 -14.14 17.62 19.92
N ASN A 26 -13.00 18.06 20.41
CA ASN A 26 -12.62 19.49 20.34
C ASN A 26 -12.50 20.02 18.92
N LYS A 27 -11.95 19.23 17.99
CA LYS A 27 -11.91 19.56 16.55
C LYS A 27 -13.29 19.78 15.99
N LEU A 28 -14.23 18.91 16.35
CA LEU A 28 -15.63 19.11 15.89
C LEU A 28 -16.26 20.41 16.44
N LEU A 29 -16.09 20.65 17.72
CA LEU A 29 -16.59 21.88 18.36
C LEU A 29 -15.94 23.05 17.68
N ALA A 30 -14.64 23.00 17.39
CA ALA A 30 -13.99 24.16 16.74
C ALA A 30 -14.54 24.35 15.33
N ARG A 31 -14.82 23.28 14.62
CA ARG A 31 -15.41 23.41 13.28
C ARG A 31 -16.82 23.98 13.33
N PHE A 32 -17.58 23.59 14.37
CA PHE A 32 -18.95 24.14 14.43
C PHE A 32 -18.81 25.63 14.75
N GLN A 33 -17.95 26.00 15.71
CA GLN A 33 -17.76 27.43 16.04
C GLN A 33 -17.31 28.27 14.80
N ALA A 34 -16.31 27.81 14.08
CA ALA A 34 -15.90 28.45 12.82
C ALA A 34 -17.06 28.61 11.82
N ALA A 35 -18.04 27.69 11.80
CA ALA A 35 -19.21 27.79 10.92
C ALA A 35 -20.38 28.58 11.52
N ASN A 36 -20.14 29.23 12.65
CA ASN A 36 -21.18 29.98 13.40
C ASN A 36 -22.35 29.12 13.84
N LEU A 37 -22.08 27.89 14.25
CA LEU A 37 -23.12 26.99 14.77
C LEU A 37 -22.87 26.94 16.24
N GLN A 38 -23.81 27.46 17.03
CA GLN A 38 -23.61 27.53 18.47
C GLN A 38 -23.90 26.11 19.07
N VAL A 39 -22.84 25.31 19.19
CA VAL A 39 -22.92 23.99 19.81
C VAL A 39 -22.26 24.03 21.19
N HIS A 40 -22.96 23.59 22.22
CA HIS A 40 -22.60 23.61 23.68
C HIS A 40 -21.76 22.36 23.87
N ASN A 41 -22.23 21.20 23.41
CA ASN A 41 -21.40 20.00 23.56
C ASN A 41 -21.72 18.94 22.54
N ILE A 42 -20.80 17.99 22.36
CA ILE A 42 -21.08 16.83 21.49
C ILE A 42 -20.45 15.60 22.07
N TYR A 43 -21.18 14.48 22.04
CA TYR A 43 -20.71 13.24 22.58
C TYR A 43 -21.07 12.17 21.51
N ALA A 44 -20.21 11.15 21.32
CA ALA A 44 -20.48 10.12 20.28
C ALA A 44 -20.29 8.78 20.88
N GLU A 45 -21.15 7.81 20.54
CA GLU A 45 -21.05 6.44 20.96
C GLU A 45 -21.22 5.56 19.75
N TYR A 46 -20.43 4.47 19.65
CA TYR A 46 -20.79 3.44 18.66
C TYR A 46 -22.07 2.77 19.01
N VAL A 47 -22.86 2.43 17.98
CA VAL A 47 -24.07 1.61 18.14
C VAL A 47 -24.01 0.46 17.17
N HIS A 48 -24.34 -0.75 17.64
CA HIS A 48 -24.32 -1.91 16.80
C HIS A 48 -25.72 -2.44 16.51
N PHE A 49 -25.88 -2.97 15.30
CA PHE A 49 -27.14 -3.53 14.81
C PHE A 49 -26.95 -4.96 14.36
N ALA A 50 -27.68 -5.87 14.97
CA ALA A 50 -27.56 -7.27 14.64
C ALA A 50 -28.87 -7.76 14.06
N ASP A 51 -28.83 -8.19 12.82
CA ASP A 51 -30.00 -8.73 12.12
C ASP A 51 -29.95 -10.17 12.29
N LEU A 52 -30.94 -10.72 13.01
CA LEU A 52 -30.96 -12.13 13.42
C LEU A 52 -32.03 -12.96 12.66
N ASN A 53 -31.63 -14.15 12.29
CA ASN A 53 -32.46 -15.14 11.56
C ASN A 53 -33.13 -16.12 12.49
N ALA A 54 -32.77 -16.03 13.77
CA ALA A 54 -33.32 -16.94 14.78
C ALA A 54 -32.88 -16.41 16.13
N PRO A 55 -33.57 -16.83 17.19
CA PRO A 55 -33.25 -16.26 18.49
C PRO A 55 -31.94 -16.73 19.14
N LEU A 56 -31.47 -15.87 20.05
CA LEU A 56 -30.36 -16.16 20.92
C LEU A 56 -30.89 -16.56 22.28
N ASN A 57 -30.30 -17.61 22.82
CA ASN A 57 -30.55 -18.02 24.23
C ASN A 57 -29.71 -17.10 25.10
N ASP A 58 -29.87 -17.20 26.42
CA ASP A 58 -29.18 -16.24 27.30
C ASP A 58 -27.65 -16.31 27.19
N SER A 59 -27.12 -17.50 27.12
CA SER A 59 -25.67 -17.68 26.95
C SER A 59 -25.17 -16.96 25.62
N GLU A 60 -25.91 -17.20 24.55
CA GLU A 60 -25.60 -16.62 23.21
C GLU A 60 -25.71 -15.11 23.19
N GLN A 61 -26.76 -14.60 23.82
CA GLN A 61 -26.90 -13.18 23.95
C GLN A 61 -25.73 -12.52 24.69
N ALA A 62 -25.30 -13.17 25.77
CA ALA A 62 -24.16 -12.61 26.57
C ALA A 62 -22.90 -12.67 25.72
N GLN A 63 -22.78 -13.69 24.90
CA GLN A 63 -21.62 -13.78 23.99
C GLN A 63 -21.64 -12.68 22.96
N LEU A 64 -22.82 -12.41 22.34
CA LEU A 64 -22.91 -11.34 21.38
C LEU A 64 -22.62 -10.01 22.03
N THR A 65 -23.19 -9.78 23.22
CA THR A 65 -22.89 -8.54 23.98
C THR A 65 -21.38 -8.34 24.22
N ARG A 66 -20.74 -9.43 24.57
CA ARG A 66 -19.30 -9.44 24.87
C ARG A 66 -18.46 -9.21 23.58
N LEU A 67 -18.87 -9.81 22.48
CA LEU A 67 -18.26 -9.57 21.22
C LEU A 67 -18.25 -8.10 20.89
N LEU A 68 -19.31 -7.38 21.29
CA LEU A 68 -19.46 -6.00 20.89
C LEU A 68 -19.02 -5.01 21.98
N GLN A 69 -18.20 -5.50 22.92
CA GLN A 69 -17.48 -4.65 23.90
C GLN A 69 -16.05 -4.61 23.58
N TYR A 70 -15.60 -3.46 23.05
CA TYR A 70 -14.22 -3.40 22.61
C TYR A 70 -13.75 -1.97 22.53
N GLY A 71 -12.45 -1.79 22.30
CA GLY A 71 -11.96 -0.45 22.05
C GLY A 71 -11.51 0.24 23.31
N PRO A 72 -10.99 1.44 23.18
CA PRO A 72 -10.46 2.15 24.32
C PRO A 72 -11.56 2.45 25.36
N ALA A 73 -11.19 2.38 26.63
CA ALA A 73 -12.16 2.51 27.74
C ALA A 73 -12.41 3.96 28.04
N LEU A 74 -12.85 4.72 27.05
CA LEU A 74 -13.25 6.11 27.26
C LEU A 74 -14.50 6.23 28.17
N SER A 75 -14.65 7.35 28.87
CA SER A 75 -15.74 7.46 29.85
C SER A 75 -17.08 7.79 29.08
N SER A 76 -18.06 6.99 29.48
CA SER A 76 -19.40 6.91 28.96
C SER A 76 -20.08 8.16 29.49
N HIS A 77 -21.04 8.67 28.74
CA HIS A 77 -21.87 9.79 29.23
C HIS A 77 -23.30 9.36 28.96
N THR A 78 -24.16 9.84 29.84
CA THR A 78 -25.60 9.72 29.61
C THR A 78 -25.99 10.50 28.34
N PRO A 79 -26.70 9.87 27.39
CA PRO A 79 -27.14 10.61 26.21
C PRO A 79 -27.93 11.87 26.56
N ALA A 80 -27.64 12.98 25.88
CA ALA A 80 -28.32 14.28 26.11
C ALA A 80 -28.29 15.06 24.85
N GLY A 81 -29.35 15.83 24.57
CA GLY A 81 -29.43 16.58 23.31
C GLY A 81 -30.02 15.76 22.15
N LYS A 82 -29.76 16.25 20.94
CA LYS A 82 -30.37 15.72 19.73
C LYS A 82 -29.49 14.55 19.25
N LEU A 83 -30.13 13.44 18.99
CA LEU A 83 -29.50 12.25 18.34
C LEU A 83 -29.34 12.47 16.85
N LEU A 84 -28.09 12.31 16.32
CA LEU A 84 -27.92 12.14 14.88
C LEU A 84 -27.17 10.83 14.72
N LEU A 85 -27.76 9.84 14.10
CA LEU A 85 -27.10 8.54 13.90
C LEU A 85 -26.52 8.51 12.49
N VAL A 86 -25.23 8.23 12.40
CA VAL A 86 -24.55 8.10 11.08
C VAL A 86 -24.25 6.63 10.82
N THR A 87 -24.67 6.13 9.68
CA THR A 87 -24.50 4.74 9.32
C THR A 87 -24.03 4.70 7.83
N PRO A 88 -23.65 3.51 7.37
CA PRO A 88 -23.44 3.34 5.94
C PRO A 88 -24.76 3.63 5.23
N ARG A 89 -24.68 4.07 4.00
CA ARG A 89 -25.93 4.31 3.31
C ARG A 89 -26.72 3.02 3.01
N PRO A 90 -28.06 3.08 3.15
CA PRO A 90 -28.86 1.95 2.74
C PRO A 90 -28.53 1.45 1.36
N GLY A 91 -28.49 0.14 1.21
CA GLY A 91 -28.03 -0.52 0.01
C GLY A 91 -26.56 -0.85 -0.02
N THR A 92 -25.80 -0.40 1.00
CA THR A 92 -24.37 -0.72 1.09
C THR A 92 -24.16 -1.55 2.38
N ILE A 93 -23.11 -2.32 2.37
CA ILE A 93 -22.66 -3.18 3.52
C ILE A 93 -21.19 -2.79 3.77
N SER A 94 -20.91 -2.29 4.94
CA SER A 94 -19.53 -1.89 5.29
C SER A 94 -18.61 -3.09 5.35
N PRO A 95 -17.34 -2.86 5.04
CA PRO A 95 -16.38 -3.91 5.32
C PRO A 95 -16.32 -4.34 6.80
N TRP A 96 -16.55 -3.36 7.66
CA TRP A 96 -16.74 -3.63 9.11
C TRP A 96 -17.75 -4.73 9.31
N SER A 97 -18.90 -4.58 8.64
CA SER A 97 -19.95 -5.64 8.68
C SER A 97 -19.50 -7.02 8.26
N SER A 98 -18.79 -7.11 7.13
CA SER A 98 -18.35 -8.39 6.62
C SER A 98 -17.47 -9.12 7.70
N LYS A 99 -16.52 -8.35 8.24
CA LYS A 99 -15.60 -8.92 9.23
C LYS A 99 -16.27 -9.27 10.59
N ALA A 100 -17.09 -8.35 11.11
CA ALA A 100 -17.77 -8.52 12.38
C ALA A 100 -18.69 -9.75 12.25
N THR A 101 -19.38 -9.87 11.13
CA THR A 101 -20.27 -11.01 10.93
C THR A 101 -19.50 -12.33 10.84
N ASP A 102 -18.32 -12.34 10.21
CA ASP A 102 -17.48 -13.55 10.18
C ASP A 102 -17.10 -13.93 11.65
N ILE A 103 -16.81 -12.91 12.48
CA ILE A 103 -16.39 -13.22 13.88
C ILE A 103 -17.60 -13.86 14.59
N ALA A 104 -18.76 -13.29 14.42
CA ALA A 104 -19.94 -13.86 15.08
C ALA A 104 -20.17 -15.31 14.67
N HIS A 105 -20.02 -15.58 13.38
CA HIS A 105 -20.18 -16.97 12.91
C HIS A 105 -19.09 -17.89 13.41
N ASN A 106 -17.85 -17.44 13.46
CA ASN A 106 -16.77 -18.27 14.00
C ASN A 106 -16.85 -18.43 15.52
N CYS A 107 -17.73 -17.69 16.20
CA CYS A 107 -18.02 -17.82 17.62
C CYS A 107 -19.28 -18.63 17.80
N GLY A 108 -19.73 -19.28 16.76
CA GLY A 108 -20.90 -20.16 16.81
C GLY A 108 -22.24 -19.46 16.83
N LEU A 109 -22.31 -18.17 16.51
CA LEU A 109 -23.60 -17.46 16.47
C LEU A 109 -24.14 -17.41 15.01
N GLN A 110 -24.55 -18.57 14.49
CA GLN A 110 -25.11 -18.69 13.13
C GLN A 110 -26.43 -17.91 12.98
N GLN A 111 -27.09 -17.60 14.07
CA GLN A 111 -28.32 -16.80 14.04
C GLN A 111 -28.08 -15.36 13.63
N VAL A 112 -26.83 -14.90 13.71
CA VAL A 112 -26.52 -13.56 13.21
C VAL A 112 -26.46 -13.62 11.68
N ASP A 113 -27.36 -12.92 11.07
CA ASP A 113 -27.34 -12.80 9.65
C ASP A 113 -26.34 -11.73 9.20
N ARG A 114 -26.39 -10.63 9.88
CA ARG A 114 -25.48 -9.51 9.64
C ARG A 114 -25.36 -8.58 10.83
N LEU A 115 -24.14 -8.16 11.11
CA LEU A 115 -23.87 -7.09 12.03
C LEU A 115 -23.47 -5.82 11.25
N GLU A 116 -23.92 -4.67 11.71
CA GLU A 116 -23.52 -3.38 11.21
C GLU A 116 -23.31 -2.40 12.33
N ARG A 117 -22.53 -1.38 12.06
CA ARG A 117 -22.22 -0.36 13.04
C ARG A 117 -22.53 1.02 12.56
N GLY A 118 -22.99 1.85 13.47
CA GLY A 118 -23.09 3.29 13.29
C GLY A 118 -22.45 4.08 14.42
N VAL A 119 -22.51 5.39 14.30
CA VAL A 119 -22.13 6.32 15.34
C VAL A 119 -23.33 7.18 15.71
N ALA A 120 -23.71 7.10 16.99
CA ALA A 120 -24.72 7.96 17.55
C ALA A 120 -24.04 9.20 18.10
N TYR A 121 -24.37 10.34 17.52
CA TYR A 121 -23.93 11.65 18.01
C TYR A 121 -25.06 12.28 18.81
N TYR A 122 -24.69 12.88 19.91
CA TYR A 122 -25.64 13.58 20.84
C TYR A 122 -25.13 15.00 20.91
N ILE A 123 -25.90 15.88 20.30
CA ILE A 123 -25.51 17.29 20.16
C ILE A 123 -26.44 18.21 20.99
N GLU A 124 -25.84 18.93 21.91
CA GLU A 124 -26.52 20.00 22.70
C GLU A 124 -26.21 21.35 22.07
N ALA A 125 -27.24 21.88 21.44
CA ALA A 125 -27.18 23.14 20.72
C ALA A 125 -28.64 23.65 20.65
N SER A 126 -29.14 24.10 21.79
CA SER A 126 -30.60 24.46 21.88
C SER A 126 -31.10 25.60 20.92
N THR A 127 -30.20 26.34 20.31
CA THR A 127 -30.62 27.53 19.61
C THR A 127 -30.61 27.41 18.07
N LEU A 128 -30.50 26.22 17.49
CA LEU A 128 -30.26 26.14 16.06
C LEU A 128 -31.54 25.98 15.32
N THR A 129 -31.53 26.52 14.11
CA THR A 129 -32.64 26.47 13.17
C THR A 129 -32.52 25.23 12.37
N ALA A 130 -33.52 24.93 11.58
CA ALA A 130 -33.63 23.63 10.92
C ALA A 130 -32.54 23.46 9.84
N GLU A 131 -32.29 24.55 9.13
CA GLU A 131 -31.15 24.73 8.20
C GLU A 131 -29.77 24.50 8.89
N GLN A 132 -29.58 25.13 10.04
CA GLN A 132 -28.35 24.96 10.78
C GLN A 132 -28.18 23.48 11.23
N TRP A 133 -29.27 22.80 11.60
CA TRP A 133 -29.22 21.37 11.91
C TRP A 133 -28.76 20.56 10.70
N ARG A 134 -29.20 20.91 9.49
CA ARG A 134 -28.68 20.28 8.27
C ARG A 134 -27.16 20.50 8.12
N GLN A 135 -26.61 21.69 8.46
CA GLN A 135 -25.17 21.88 8.36
C GLN A 135 -24.45 21.05 9.42
N VAL A 136 -25.05 20.89 10.61
CA VAL A 136 -24.44 20.05 11.60
C VAL A 136 -24.38 18.63 11.02
N ALA A 137 -25.50 18.14 10.49
CA ALA A 137 -25.56 16.76 9.95
C ALA A 137 -24.54 16.54 8.83
N ALA A 138 -24.44 17.54 7.94
CA ALA A 138 -23.39 17.58 6.90
C ALA A 138 -22.05 17.48 7.46
N GLU A 139 -21.75 18.16 8.54
CA GLU A 139 -20.43 17.99 9.12
C GLU A 139 -20.08 16.59 9.70
N LEU A 140 -21.10 15.85 10.12
CA LEU A 140 -20.86 14.61 10.83
C LEU A 140 -20.80 13.35 9.97
N HIS A 141 -20.92 13.51 8.63
CA HIS A 141 -20.83 12.33 7.76
C HIS A 141 -20.26 12.57 6.38
N ASP A 142 -19.90 11.48 5.76
CA ASP A 142 -19.36 11.49 4.39
C ASP A 142 -20.54 11.28 3.45
N ARG A 143 -20.90 12.29 2.67
CA ARG A 143 -22.06 12.16 1.79
C ARG A 143 -21.96 11.12 0.71
N MET A 144 -20.73 10.66 0.43
CA MET A 144 -20.58 9.61 -0.54
C MET A 144 -20.80 8.19 -0.05
N MET A 145 -20.75 7.98 1.28
CA MET A 145 -20.77 6.62 1.82
C MET A 145 -21.81 6.42 2.95
N GLU A 146 -22.29 7.50 3.55
CA GLU A 146 -23.05 7.45 4.75
C GLU A 146 -24.36 8.23 4.66
N THR A 147 -25.23 7.89 5.62
CA THR A 147 -26.49 8.59 5.82
C THR A 147 -26.69 8.95 7.27
N VAL A 148 -27.49 10.00 7.48
CA VAL A 148 -27.84 10.48 8.81
C VAL A 148 -29.30 10.14 9.13
N PHE A 149 -29.54 9.52 10.26
CA PHE A 149 -30.90 9.14 10.70
C PHE A 149 -31.19 9.83 12.04
N SER A 150 -32.47 10.07 12.29
CA SER A 150 -32.89 10.65 13.56
CA SER A 150 -32.84 10.66 13.56
C SER A 150 -33.31 9.65 14.65
N SER A 151 -33.34 8.34 14.34
CA SER A 151 -33.69 7.30 15.32
C SER A 151 -32.81 6.11 15.16
N LEU A 152 -32.52 5.43 16.24
CA LEU A 152 -31.76 4.17 16.15
C LEU A 152 -32.51 3.09 15.36
N THR A 153 -33.84 3.05 15.54
CA THR A 153 -34.71 2.10 14.83
CA THR A 153 -34.68 2.09 14.83
C THR A 153 -34.63 2.26 13.31
N ASP A 154 -34.29 3.48 12.84
CA ASP A 154 -34.08 3.68 11.39
C ASP A 154 -33.04 2.78 10.72
N ALA A 155 -32.10 2.25 11.50
CA ALA A 155 -31.10 1.31 10.99
C ALA A 155 -31.74 0.03 10.40
N GLU A 156 -33.00 -0.28 10.73
CA GLU A 156 -33.69 -1.37 10.02
C GLU A 156 -33.63 -1.27 8.50
N LYS A 157 -33.59 -0.04 8.05
CA LYS A 157 -33.52 0.22 6.62
CA LYS A 157 -33.50 0.27 6.62
C LYS A 157 -32.25 -0.37 5.97
N LEU A 158 -31.18 -0.61 6.76
CA LEU A 158 -29.94 -1.17 6.20
C LEU A 158 -30.00 -2.62 5.91
N PHE A 159 -31.04 -3.32 6.39
CA PHE A 159 -31.11 -4.74 6.23
C PHE A 159 -32.32 -5.23 5.41
N ILE A 160 -32.99 -4.30 4.76
CA ILE A 160 -34.16 -4.69 3.90
C ILE A 160 -33.81 -5.76 2.89
N HIS A 161 -34.64 -6.81 2.83
CA HIS A 161 -34.52 -7.94 1.85
C HIS A 161 -35.20 -7.51 0.54
N HIS A 162 -34.52 -7.59 -0.58
CA HIS A 162 -35.06 -7.24 -1.91
C HIS A 162 -35.08 -8.50 -2.79
N GLN A 163 -36.15 -8.68 -3.58
CA GLN A 163 -36.26 -9.87 -4.45
C GLN A 163 -35.39 -9.62 -5.70
N PRO A 164 -34.89 -10.65 -6.33
CA PRO A 164 -34.06 -10.41 -7.55
C PRO A 164 -34.78 -9.68 -8.63
N ALA A 165 -34.14 -8.69 -9.21
CA ALA A 165 -34.66 -7.94 -10.32
C ALA A 165 -34.46 -8.74 -11.61
N PRO A 166 -35.44 -8.65 -12.52
CA PRO A 166 -35.30 -9.50 -13.69
C PRO A 166 -34.36 -8.84 -14.75
N VAL A 167 -33.97 -9.63 -15.74
CA VAL A 167 -33.26 -9.15 -16.95
C VAL A 167 -34.24 -8.27 -17.75
N SER A 168 -33.75 -7.31 -18.48
CA SER A 168 -34.58 -6.42 -19.32
C SER A 168 -34.02 -6.55 -20.75
N SER A 169 -34.88 -6.71 -21.75
CA SER A 169 -34.40 -6.71 -23.17
C SER A 169 -34.53 -5.30 -23.70
N VAL A 170 -33.74 -5.01 -24.70
CA VAL A 170 -33.69 -3.77 -25.38
C VAL A 170 -34.32 -4.05 -26.77
N ASP A 171 -35.37 -3.31 -27.07
CA ASP A 171 -36.28 -3.69 -28.18
C ASP A 171 -35.84 -3.23 -29.55
N LEU A 172 -34.68 -3.72 -29.97
CA LEU A 172 -34.16 -3.41 -31.31
C LEU A 172 -35.18 -3.89 -32.39
N LEU A 173 -35.71 -5.08 -32.20
CA LEU A 173 -36.61 -5.59 -33.29
C LEU A 173 -37.92 -4.79 -33.36
N GLY A 174 -38.37 -4.24 -32.24
CA GLY A 174 -39.61 -3.52 -32.20
C GLY A 174 -39.53 -2.05 -32.44
N GLU A 175 -38.33 -1.48 -32.35
CA GLU A 175 -38.14 -0.05 -32.46
C GLU A 175 -37.07 0.41 -33.41
N GLY A 176 -36.23 -0.51 -33.91
CA GLY A 176 -35.10 -0.17 -34.69
C GLY A 176 -33.93 0.38 -33.81
N ARG A 177 -33.05 1.10 -34.45
CA ARG A 177 -31.76 1.57 -33.88
C ARG A 177 -32.02 2.46 -32.71
N GLN A 178 -33.15 3.17 -32.75
CA GLN A 178 -33.53 4.08 -31.61
C GLN A 178 -33.51 3.33 -30.26
N ALA A 179 -33.81 2.04 -30.23
CA ALA A 179 -33.78 1.29 -28.98
C ALA A 179 -32.35 1.27 -28.41
N LEU A 180 -31.38 1.09 -29.29
CA LEU A 180 -29.95 1.06 -28.89
C LEU A 180 -29.47 2.45 -28.48
N ILE A 181 -29.92 3.50 -29.19
CA ILE A 181 -29.61 4.89 -28.84
C ILE A 181 -30.16 5.17 -27.44
N ASP A 182 -31.42 4.84 -27.17
CA ASP A 182 -32.02 5.08 -25.88
C ASP A 182 -31.30 4.31 -24.75
N ALA A 183 -31.01 3.04 -25.00
CA ALA A 183 -30.28 2.23 -24.00
C ALA A 183 -28.87 2.80 -23.77
N ASN A 184 -28.20 3.26 -24.84
CA ASN A 184 -26.90 3.88 -24.74
C ASN A 184 -26.89 5.01 -23.66
N LEU A 185 -27.84 5.90 -23.81
CA LEU A 185 -28.07 7.01 -22.86
C LEU A 185 -28.53 6.55 -21.49
N ARG A 186 -29.55 5.72 -21.42
CA ARG A 186 -30.16 5.31 -20.14
C ARG A 186 -29.17 4.51 -19.28
N LEU A 187 -28.41 3.62 -19.89
CA LEU A 187 -27.50 2.71 -19.16
C LEU A 187 -26.08 3.34 -19.04
N GLY A 188 -25.85 4.51 -19.64
CA GLY A 188 -24.52 5.10 -19.77
C GLY A 188 -23.45 4.26 -20.40
N LEU A 189 -23.71 3.68 -21.58
CA LEU A 189 -22.83 2.74 -22.20
C LEU A 189 -21.65 3.41 -22.89
N ALA A 190 -21.80 4.68 -23.16
CA ALA A 190 -20.78 5.45 -23.89
C ALA A 190 -20.32 4.81 -25.18
N LEU A 191 -21.24 4.29 -25.98
CA LEU A 191 -20.89 3.62 -27.21
C LEU A 191 -20.70 4.65 -28.29
N ALA A 192 -19.69 4.44 -29.10
CA ALA A 192 -19.53 5.21 -30.34
C ALA A 192 -20.56 4.78 -31.39
N GLU A 193 -20.76 5.62 -32.39
CA GLU A 193 -21.65 5.29 -33.50
C GLU A 193 -21.31 3.98 -34.14
N ASP A 194 -20.02 3.70 -34.36
CA ASP A 194 -19.63 2.46 -35.02
C ASP A 194 -19.82 1.23 -34.13
N GLU A 195 -19.84 1.45 -32.84
CA GLU A 195 -20.19 0.39 -31.89
C GLU A 195 -21.70 0.12 -31.89
N ILE A 196 -22.50 1.17 -31.94
CA ILE A 196 -23.98 0.97 -32.11
C ILE A 196 -24.22 0.22 -33.43
N ASP A 197 -23.53 0.61 -34.51
CA ASP A 197 -23.65 -0.13 -35.79
C ASP A 197 -23.35 -1.61 -35.63
N TYR A 198 -22.24 -1.92 -34.95
CA TYR A 198 -21.81 -3.29 -34.79
C TYR A 198 -22.88 -4.10 -34.01
N LEU A 199 -23.40 -3.50 -32.91
CA LEU A 199 -24.38 -4.19 -32.08
C LEU A 199 -25.71 -4.37 -32.89
N GLN A 200 -26.06 -3.38 -33.62
CA GLN A 200 -27.31 -3.49 -34.43
CA GLN A 200 -27.27 -3.43 -34.45
C GLN A 200 -27.20 -4.61 -35.43
N GLU A 201 -26.10 -4.69 -36.12
CA GLU A 201 -25.90 -5.79 -37.05
C GLU A 201 -25.80 -7.13 -36.38
N ALA A 202 -25.04 -7.21 -35.27
CA ALA A 202 -24.90 -8.52 -34.58
C ALA A 202 -26.24 -9.09 -34.13
N PHE A 203 -27.08 -8.23 -33.53
CA PHE A 203 -28.35 -8.70 -33.02
C PHE A 203 -29.43 -8.90 -34.15
N THR A 204 -29.31 -8.09 -35.16
CA THR A 204 -30.11 -8.31 -36.39
C THR A 204 -29.84 -9.71 -36.96
N LYS A 205 -28.59 -10.08 -37.03
CA LYS A 205 -28.16 -11.40 -37.56
C LYS A 205 -28.69 -12.49 -36.65
N LEU A 206 -28.59 -12.30 -35.32
CA LEU A 206 -29.12 -13.31 -34.38
C LEU A 206 -30.64 -13.37 -34.35
N GLY A 207 -31.31 -12.34 -34.85
CA GLY A 207 -32.77 -12.33 -34.90
C GLY A 207 -33.42 -12.27 -33.57
N ARG A 208 -32.79 -11.54 -32.63
CA ARG A 208 -33.43 -11.30 -31.38
C ARG A 208 -32.88 -10.10 -30.68
N ASN A 209 -33.60 -9.67 -29.66
CA ASN A 209 -33.28 -8.44 -29.00
C ASN A 209 -32.09 -8.72 -28.02
N PRO A 210 -31.18 -7.76 -27.93
CA PRO A 210 -30.08 -7.92 -26.91
C PRO A 210 -30.72 -7.74 -25.55
N ASN A 211 -30.20 -8.44 -24.56
CA ASN A 211 -30.51 -8.08 -23.16
C ASN A 211 -29.61 -6.95 -22.65
N ASP A 212 -30.10 -6.23 -21.65
CA ASP A 212 -29.35 -5.14 -21.10
C ASP A 212 -27.94 -5.60 -20.69
N ILE A 213 -27.88 -6.72 -20.03
CA ILE A 213 -26.58 -7.28 -19.58
C ILE A 213 -25.61 -7.52 -20.70
N GLU A 214 -26.09 -7.99 -21.87
CA GLU A 214 -25.22 -8.20 -22.99
C GLU A 214 -24.68 -6.87 -23.55
N LEU A 215 -25.49 -5.81 -23.61
CA LEU A 215 -25.04 -4.53 -24.08
C LEU A 215 -23.98 -3.96 -23.07
N TYR A 216 -24.27 -4.14 -21.79
CA TYR A 216 -23.38 -3.53 -20.73
C TYR A 216 -22.03 -4.19 -20.75
N MET A 217 -22.03 -5.50 -20.85
CA MET A 217 -20.82 -6.27 -20.97
C MET A 217 -20.00 -5.81 -22.17
N PHE A 218 -20.68 -5.70 -23.32
CA PHE A 218 -20.00 -5.21 -24.49
C PHE A 218 -19.41 -3.82 -24.29
N ALA A 219 -20.16 -2.93 -23.68
CA ALA A 219 -19.73 -1.56 -23.51
C ALA A 219 -18.50 -1.48 -22.56
N GLN A 220 -18.48 -2.29 -21.51
CA GLN A 220 -17.32 -2.29 -20.57
C GLN A 220 -16.07 -2.85 -21.27
N ALA A 221 -16.22 -3.88 -22.11
CA ALA A 221 -15.13 -4.50 -22.83
C ALA A 221 -14.57 -3.56 -23.89
N ASN A 222 -15.38 -2.65 -24.39
CA ASN A 222 -14.93 -1.69 -25.46
C ASN A 222 -14.66 -0.27 -25.00
N SER A 223 -14.64 -0.01 -23.70
CA SER A 223 -14.17 1.26 -23.14
C SER A 223 -12.69 1.53 -23.46
N GLU A 224 -12.31 2.82 -23.36
CA GLU A 224 -10.86 3.20 -23.46
C GLU A 224 -10.13 2.44 -22.32
N HIS A 225 -10.68 2.54 -21.11
CA HIS A 225 -10.04 1.90 -19.93
C HIS A 225 -9.66 0.49 -20.13
N CYS A 226 -10.54 -0.30 -20.86
CA CYS A 226 -10.37 -1.75 -21.05
CA CYS A 226 -10.38 -1.79 -21.06
C CYS A 226 -9.75 -2.12 -22.38
N ARG A 227 -10.10 -1.42 -23.40
CA ARG A 227 -9.60 -1.81 -24.74
C ARG A 227 -8.19 -1.15 -25.10
N HIS A 228 -7.82 -0.04 -24.50
CA HIS A 228 -6.55 0.61 -24.93
C HIS A 228 -6.51 1.03 -26.40
N LYS A 229 -7.57 1.72 -26.81
CA LYS A 229 -7.63 2.13 -28.22
C LYS A 229 -6.53 3.10 -28.58
N ILE A 230 -6.27 4.08 -27.70
CA ILE A 230 -5.24 5.08 -27.99
C ILE A 230 -3.88 4.40 -28.19
N PHE A 231 -3.53 3.46 -27.29
CA PHE A 231 -2.22 2.76 -27.32
C PHE A 231 -2.09 1.80 -28.48
N ASN A 232 -3.21 1.39 -29.09
CA ASN A 232 -3.18 0.60 -30.30
C ASN A 232 -3.50 1.39 -31.66
N ALA A 233 -3.78 2.68 -31.55
CA ALA A 233 -4.22 3.51 -32.68
C ALA A 233 -3.08 3.67 -33.66
N ASP A 234 -3.43 3.85 -34.91
CA ASP A 234 -2.53 4.51 -35.87
C ASP A 234 -2.51 5.96 -35.66
N TRP A 235 -1.39 6.55 -36.05
CA TRP A 235 -1.16 7.93 -35.90
C TRP A 235 -0.73 8.61 -37.18
N ILE A 236 -1.15 9.85 -37.25
CA ILE A 236 -0.61 10.83 -38.23
C ILE A 236 -0.21 12.06 -37.49
N ILE A 237 1.03 12.50 -37.62
CA ILE A 237 1.51 13.60 -36.83
C ILE A 237 2.13 14.62 -37.80
N ASP A 238 1.57 15.82 -37.74
CA ASP A 238 2.01 16.95 -38.60
C ASP A 238 1.99 16.48 -40.04
N GLY A 239 0.95 15.73 -40.38
CA GLY A 239 0.71 15.27 -41.71
C GLY A 239 1.41 14.04 -42.16
N LYS A 240 2.21 13.36 -41.29
CA LYS A 240 2.88 12.13 -41.69
C LYS A 240 2.43 10.93 -40.95
N PRO A 241 1.97 9.88 -41.66
CA PRO A 241 1.65 8.60 -41.02
C PRO A 241 2.88 8.07 -40.31
N GLN A 242 2.67 7.56 -39.11
CA GLN A 242 3.72 6.99 -38.33
C GLN A 242 3.63 5.51 -38.47
N PRO A 243 4.76 4.81 -38.32
CA PRO A 243 4.88 3.41 -38.58
C PRO A 243 4.52 2.49 -37.41
N LYS A 244 4.45 3.00 -36.18
CA LYS A 244 4.15 2.15 -35.03
C LYS A 244 3.13 2.81 -34.08
N SER A 245 2.31 1.98 -33.51
CA SER A 245 1.42 2.36 -32.40
C SER A 245 2.27 2.60 -31.14
N LEU A 246 1.66 3.24 -30.15
CA LEU A 246 2.38 3.42 -28.88
C LEU A 246 2.78 2.09 -28.29
N PHE A 247 1.84 1.11 -28.28
CA PHE A 247 2.16 -0.19 -27.75
C PHE A 247 3.30 -0.85 -28.49
N LYS A 248 3.36 -0.73 -29.81
CA LYS A 248 4.43 -1.30 -30.54
C LYS A 248 5.80 -0.64 -30.19
N MET A 249 5.82 0.63 -29.96
CA MET A 249 7.02 1.30 -29.52
C MET A 249 7.46 0.85 -28.16
N ILE A 250 6.53 0.62 -27.24
CA ILE A 250 6.93 0.02 -25.96
C ILE A 250 7.53 -1.38 -26.18
N LYS A 251 6.83 -2.24 -26.94
CA LYS A 251 7.34 -3.56 -27.23
C LYS A 251 8.70 -3.55 -27.91
N ASN A 252 9.06 -2.47 -28.64
CA ASN A 252 10.39 -2.36 -29.22
C ASN A 252 11.48 -2.59 -28.15
N THR A 253 11.18 -2.18 -26.90
CA THR A 253 12.16 -2.42 -25.86
C THR A 253 12.48 -3.86 -25.53
N PHE A 254 11.49 -4.75 -25.69
CA PHE A 254 11.59 -6.15 -25.44
C PHE A 254 12.22 -6.86 -26.63
N GLU A 255 11.82 -6.39 -27.83
CA GLU A 255 12.48 -6.85 -29.06
C GLU A 255 13.96 -6.59 -29.03
N THR A 256 14.37 -5.43 -28.51
CA THR A 256 15.78 -5.06 -28.37
C THR A 256 16.45 -5.76 -27.21
N THR A 257 15.78 -5.83 -26.05
CA THR A 257 16.35 -6.38 -24.84
C THR A 257 15.45 -7.39 -24.20
N PRO A 258 15.54 -8.64 -24.67
CA PRO A 258 14.74 -9.66 -24.04
C PRO A 258 15.40 -10.25 -22.82
N ASP A 259 16.63 -9.86 -22.56
CA ASP A 259 17.44 -10.56 -21.59
C ASP A 259 16.75 -10.61 -20.22
N TYR A 260 16.77 -11.76 -19.60
CA TYR A 260 16.23 -11.98 -18.23
C TYR A 260 14.73 -11.92 -18.14
N VAL A 261 14.00 -11.69 -19.23
CA VAL A 261 12.60 -11.59 -19.16
C VAL A 261 11.97 -12.98 -19.32
N LEU A 262 11.10 -13.38 -18.40
CA LEU A 262 10.35 -14.62 -18.50
C LEU A 262 8.94 -14.45 -19.00
N SER A 263 8.34 -13.31 -18.77
CA SER A 263 6.99 -13.04 -19.27
C SER A 263 6.77 -11.56 -19.46
N ALA A 264 6.30 -11.17 -20.68
CA ALA A 264 5.97 -9.76 -20.95
C ALA A 264 4.74 -9.75 -21.86
N TYR A 265 3.84 -8.82 -21.55
CA TYR A 265 2.66 -8.48 -22.39
C TYR A 265 1.71 -9.68 -22.57
N LYS A 266 1.73 -10.64 -21.68
CA LYS A 266 0.78 -11.75 -21.79
C LYS A 266 0.16 -12.23 -20.48
N ASP A 267 0.15 -11.34 -19.52
CA ASP A 267 -0.36 -11.59 -18.21
C ASP A 267 -0.61 -10.21 -17.58
N ASN A 268 -1.20 -10.15 -16.39
CA ASN A 268 -1.38 -8.76 -15.82
CA ASN A 268 -1.48 -9.00 -15.61
C ASN A 268 -0.23 -8.47 -14.85
N ALA A 269 0.98 -8.96 -15.16
CA ALA A 269 2.29 -8.59 -14.51
C ALA A 269 3.37 -9.05 -15.50
N ALA A 270 4.53 -8.49 -15.44
CA ALA A 270 5.68 -9.06 -16.12
C ALA A 270 6.53 -9.91 -15.12
N VAL A 271 7.32 -10.81 -15.65
CA VAL A 271 8.17 -11.62 -14.82
C VAL A 271 9.59 -11.56 -15.37
N MET A 272 10.55 -11.47 -14.46
CA MET A 272 11.96 -11.58 -14.79
C MET A 272 12.64 -12.57 -13.91
N GLU A 273 13.80 -13.00 -14.36
CA GLU A 273 14.63 -13.91 -13.57
C GLU A 273 15.07 -13.37 -12.19
N GLY A 274 14.92 -14.20 -11.17
CA GLY A 274 15.45 -13.90 -9.79
C GLY A 274 16.65 -14.72 -9.43
N SER A 275 16.63 -15.32 -8.22
CA SER A 275 17.76 -16.02 -7.68
C SER A 275 17.36 -17.30 -7.08
N ALA A 276 18.26 -18.27 -7.05
CA ALA A 276 17.96 -19.54 -6.44
C ALA A 276 18.22 -19.41 -4.95
N VAL A 277 17.19 -19.64 -4.17
CA VAL A 277 17.16 -19.38 -2.75
C VAL A 277 16.20 -20.31 -2.06
N GLY A 278 16.14 -20.24 -0.72
CA GLY A 278 15.22 -21.09 0.06
C GLY A 278 13.87 -20.46 0.18
N ARG A 279 12.92 -20.91 -0.60
CA ARG A 279 11.55 -20.45 -0.55
C ARG A 279 10.95 -21.23 0.67
N TYR A 280 10.34 -20.50 1.58
CA TYR A 280 10.01 -21.01 2.90
C TYR A 280 8.49 -21.03 3.09
N PHE A 281 7.92 -22.23 3.30
CA PHE A 281 6.52 -22.40 3.51
C PHE A 281 6.18 -23.76 4.08
N ALA A 282 4.96 -23.90 4.53
CA ALA A 282 4.51 -25.07 5.21
C ALA A 282 4.01 -26.16 4.21
N ASP A 283 4.61 -27.31 4.29
CA ASP A 283 4.27 -28.46 3.47
C ASP A 283 2.81 -28.87 3.59
N HIS A 284 2.20 -29.20 2.44
CA HIS A 284 0.80 -29.57 2.47
C HIS A 284 0.49 -30.82 3.34
N ASN A 285 1.40 -31.74 3.38
CA ASN A 285 1.10 -33.04 4.07
C ASN A 285 1.47 -32.94 5.53
N THR A 286 2.62 -32.38 5.84
CA THR A 286 3.03 -32.35 7.25
C THR A 286 2.65 -31.11 8.04
N GLY A 287 2.32 -30.01 7.35
CA GLY A 287 2.13 -28.71 7.98
C GLY A 287 3.45 -28.11 8.50
N ARG A 288 4.54 -28.81 8.39
CA ARG A 288 5.85 -28.15 8.77
CA ARG A 288 5.81 -28.21 8.81
C ARG A 288 6.53 -27.19 7.73
N TYR A 289 6.96 -26.07 8.27
CA TYR A 289 7.67 -25.15 7.43
C TYR A 289 9.02 -25.64 7.07
N ASP A 290 9.30 -25.59 5.84
CA ASP A 290 10.66 -25.94 5.37
CA ASP A 290 10.61 -26.10 5.22
C ASP A 290 11.18 -25.02 4.12
N PHE A 291 12.49 -24.96 4.09
CA PHE A 291 13.13 -24.22 2.99
C PHE A 291 13.10 -25.12 1.78
N HIS A 292 12.80 -24.56 0.62
CA HIS A 292 12.84 -25.28 -0.68
C HIS A 292 13.77 -24.48 -1.58
N GLN A 293 14.97 -25.03 -1.83
CA GLN A 293 15.96 -24.34 -2.61
C GLN A 293 15.55 -24.40 -4.09
N GLU A 294 15.31 -23.26 -4.69
CA GLU A 294 14.76 -23.16 -6.03
C GLU A 294 14.79 -21.72 -6.51
N PRO A 295 14.62 -21.49 -7.83
CA PRO A 295 14.53 -20.14 -8.28
C PRO A 295 13.28 -19.42 -7.73
N ALA A 296 13.50 -18.20 -7.20
CA ALA A 296 12.42 -17.31 -6.82
C ALA A 296 12.42 -16.18 -7.80
N HIS A 297 11.62 -16.35 -8.87
CA HIS A 297 11.59 -15.37 -9.93
C HIS A 297 10.73 -14.17 -9.47
N ILE A 298 10.89 -13.08 -10.18
CA ILE A 298 10.37 -11.75 -9.73
C ILE A 298 9.35 -11.23 -10.70
N LEU A 299 8.17 -11.05 -10.20
CA LEU A 299 7.10 -10.42 -10.94
C LEU A 299 6.96 -8.95 -10.55
N MET A 300 6.40 -8.16 -11.47
CA MET A 300 6.24 -6.69 -11.20
C MET A 300 5.02 -6.11 -11.92
N LYS A 301 4.38 -5.14 -11.29
CA LYS A 301 3.20 -4.50 -11.88
CA LYS A 301 3.22 -4.50 -11.88
C LYS A 301 3.00 -3.15 -11.20
N VAL A 302 2.47 -2.17 -11.97
CA VAL A 302 2.08 -0.90 -11.48
C VAL A 302 0.80 -0.44 -12.13
N GLU A 303 -0.16 -0.07 -11.30
CA GLU A 303 -1.49 0.38 -11.75
C GLU A 303 -1.89 1.74 -11.19
N THR A 304 -3.02 2.27 -11.67
CA THR A 304 -3.50 3.52 -11.13
C THR A 304 -4.97 3.42 -10.88
N HIS A 305 -5.49 4.37 -10.12
CA HIS A 305 -6.93 4.40 -9.73
C HIS A 305 -7.34 5.87 -9.57
N ASN A 306 -7.20 6.57 -10.70
CA ASN A 306 -7.21 8.04 -10.65
C ASN A 306 -8.62 8.62 -10.50
N HIS A 307 -9.54 8.17 -11.33
CA HIS A 307 -10.90 8.68 -11.32
C HIS A 307 -11.61 8.45 -9.94
N PRO A 308 -11.58 7.19 -9.45
CA PRO A 308 -12.36 7.01 -8.21
C PRO A 308 -11.84 7.71 -7.03
N THR A 309 -10.53 7.95 -7.03
CA THR A 309 -9.87 8.65 -5.94
C THR A 309 -10.30 10.10 -5.85
N ALA A 310 -10.65 10.72 -6.99
CA ALA A 310 -11.14 12.05 -6.97
C ALA A 310 -12.53 12.16 -6.29
N ILE A 311 -13.28 11.08 -6.32
CA ILE A 311 -14.64 11.08 -5.78
C ILE A 311 -14.62 10.64 -4.29
N SER A 312 -13.95 9.51 -3.99
CA SER A 312 -13.95 8.92 -2.66
C SER A 312 -12.52 8.36 -2.42
N PRO A 313 -11.70 9.18 -1.81
CA PRO A 313 -10.26 8.85 -1.84
C PRO A 313 -9.83 7.68 -1.05
N TRP A 314 -10.47 7.42 0.10
CA TRP A 314 -10.04 6.23 0.88
C TRP A 314 -10.24 4.93 0.11
N PRO A 315 -11.46 4.66 -0.35
CA PRO A 315 -11.60 3.42 -1.15
C PRO A 315 -10.93 3.44 -2.50
N GLY A 316 -10.85 4.62 -3.08
CA GLY A 316 -10.09 4.76 -4.34
C GLY A 316 -8.67 4.26 -4.21
N ALA A 317 -7.99 4.79 -3.20
CA ALA A 317 -6.61 4.38 -2.98
C ALA A 317 -6.53 2.92 -2.49
N ALA A 318 -7.41 2.54 -1.58
CA ALA A 318 -7.37 1.23 -1.04
C ALA A 318 -7.54 0.15 -2.11
N THR A 319 -8.57 0.32 -2.97
CA THR A 319 -8.79 -0.66 -4.00
C THR A 319 -7.85 -0.54 -5.16
N GLY A 320 -7.16 0.59 -5.28
CA GLY A 320 -6.01 0.71 -6.12
C GLY A 320 -4.91 -0.24 -5.72
N SER A 321 -4.55 -0.27 -4.44
CA SER A 321 -3.70 -1.35 -3.90
CA SER A 321 -3.64 -1.32 -4.04
C SER A 321 -4.26 -2.76 -4.13
N GLY A 322 -5.52 -2.92 -3.70
CA GLY A 322 -6.16 -4.21 -3.82
C GLY A 322 -6.19 -4.85 -5.17
N GLY A 323 -6.51 -4.07 -6.19
CA GLY A 323 -6.58 -4.59 -7.57
C GLY A 323 -5.19 -4.94 -8.05
N GLU A 324 -4.22 -4.11 -7.72
CA GLU A 324 -2.82 -4.40 -8.10
C GLU A 324 -2.23 -5.67 -7.42
N ILE A 325 -2.53 -5.87 -6.15
CA ILE A 325 -2.16 -7.07 -5.44
C ILE A 325 -2.82 -8.29 -6.11
N ARG A 326 -4.05 -8.16 -6.58
CA ARG A 326 -4.71 -9.27 -7.31
C ARG A 326 -4.04 -9.59 -8.62
N ASP A 327 -3.57 -8.55 -9.33
CA ASP A 327 -2.82 -8.81 -10.60
C ASP A 327 -1.58 -9.61 -10.27
N GLU A 328 -0.90 -9.31 -9.15
CA GLU A 328 0.28 -10.05 -8.80
C GLU A 328 0.03 -11.51 -8.48
N GLY A 329 -0.94 -11.74 -7.57
CA GLY A 329 -1.27 -13.09 -7.18
C GLY A 329 -1.81 -13.99 -8.30
N ALA A 330 -2.40 -13.33 -9.31
CA ALA A 330 -2.95 -14.02 -10.49
C ALA A 330 -1.98 -14.03 -11.66
N THR A 331 -0.70 -13.76 -11.41
CA THR A 331 0.31 -13.93 -12.41
C THR A 331 0.53 -15.45 -12.65
N GLY A 332 0.64 -15.82 -13.91
CA GLY A 332 0.91 -17.23 -14.22
C GLY A 332 -0.16 -18.15 -13.70
N ARG A 333 0.25 -19.18 -13.00
CA ARG A 333 -0.64 -20.12 -12.38
C ARG A 333 -0.69 -19.92 -10.85
N GLY A 334 -0.40 -18.71 -10.42
CA GLY A 334 -0.45 -18.32 -9.01
C GLY A 334 0.92 -17.91 -8.50
N ALA A 335 0.94 -16.79 -7.73
CA ALA A 335 2.21 -16.24 -7.29
C ALA A 335 1.99 -15.48 -6.02
N LYS A 336 3.08 -14.95 -5.43
CA LYS A 336 3.01 -14.32 -4.11
C LYS A 336 3.55 -12.89 -4.06
N PRO A 337 2.63 -11.93 -3.89
CA PRO A 337 3.04 -10.54 -3.62
C PRO A 337 4.08 -10.49 -2.51
N LYS A 338 5.06 -9.63 -2.73
CA LYS A 338 6.11 -9.39 -1.72
C LYS A 338 6.13 -7.99 -1.16
N ALA A 339 6.28 -6.96 -1.96
CA ALA A 339 6.43 -5.60 -1.42
C ALA A 339 5.76 -4.65 -2.40
N GLY A 340 5.32 -3.50 -1.88
CA GLY A 340 4.55 -2.48 -2.61
C GLY A 340 5.27 -1.14 -2.79
N LEU A 341 4.75 -0.33 -3.70
CA LEU A 341 5.11 1.05 -3.91
C LEU A 341 3.88 1.88 -4.14
N VAL A 342 3.96 3.19 -3.90
CA VAL A 342 2.83 4.07 -3.86
C VAL A 342 3.15 5.43 -4.47
N GLY A 343 2.28 5.98 -5.29
CA GLY A 343 2.50 7.31 -5.84
C GLY A 343 1.27 8.19 -5.79
N PHE A 344 1.44 9.48 -5.47
CA PHE A 344 0.35 10.43 -5.51
C PHE A 344 0.81 11.67 -6.26
N SER A 345 -0.07 12.17 -7.15
CA SER A 345 0.06 13.55 -7.64
C SER A 345 -1.31 14.25 -7.44
N VAL A 346 -1.27 15.41 -6.82
CA VAL A 346 -2.42 16.18 -6.53
C VAL A 346 -2.13 17.66 -6.80
N SER A 347 -3.21 18.44 -6.74
CA SER A 347 -3.10 19.90 -6.82
C SER A 347 -2.53 20.51 -5.52
N ASN A 348 -2.54 21.85 -5.36
CA ASN A 348 -1.90 22.43 -4.16
C ASN A 348 -2.69 22.07 -2.91
N LEU A 349 -1.96 21.78 -1.83
CA LEU A 349 -2.63 21.41 -0.58
C LEU A 349 -3.41 22.54 0.06
N ARG A 350 -2.84 23.71 0.12
CA ARG A 350 -3.48 24.85 0.78
C ARG A 350 -3.95 24.48 2.22
N ILE A 351 -3.03 23.96 3.00
CA ILE A 351 -3.26 23.56 4.36
C ILE A 351 -3.64 24.81 5.16
N PRO A 352 -4.81 24.76 5.82
CA PRO A 352 -5.26 25.95 6.60
C PRO A 352 -4.21 26.41 7.59
N GLY A 353 -3.86 27.70 7.51
CA GLY A 353 -2.90 28.27 8.44
C GLY A 353 -1.44 28.09 8.00
N PHE A 354 -1.22 27.39 6.85
CA PHE A 354 0.11 27.03 6.35
C PHE A 354 0.12 27.16 4.87
N GLU A 355 -0.60 28.14 4.37
CA GLU A 355 -0.63 28.39 2.95
C GLU A 355 0.76 28.93 2.49
N GLN A 356 1.21 28.48 1.34
CA GLN A 356 2.49 28.83 0.82
C GLN A 356 2.37 29.86 -0.30
N PRO A 357 3.45 30.61 -0.51
CA PRO A 357 3.29 31.80 -1.39
C PRO A 357 3.02 31.56 -2.86
N TRP A 358 3.23 30.34 -3.36
CA TRP A 358 2.88 29.97 -4.69
C TRP A 358 1.49 29.47 -4.93
N GLU A 359 0.69 29.28 -3.87
CA GLU A 359 -0.56 28.61 -3.96
C GLU A 359 -1.70 29.68 -4.22
N GLU A 360 -2.51 29.44 -5.19
CA GLU A 360 -3.73 30.23 -5.46
C GLU A 360 -4.89 29.31 -5.60
N ASP A 361 -5.98 29.65 -4.92
CA ASP A 361 -7.20 28.84 -5.03
C ASP A 361 -7.83 29.12 -6.37
N PHE A 362 -7.92 28.11 -7.26
CA PHE A 362 -8.56 28.27 -8.58
C PHE A 362 -9.98 27.67 -8.63
N GLY A 363 -10.49 27.20 -7.49
CA GLY A 363 -11.76 26.48 -7.48
C GLY A 363 -11.58 25.03 -7.88
N LYS A 364 -12.68 24.30 -7.86
CA LYS A 364 -12.74 22.93 -8.26
C LYS A 364 -14.21 22.55 -8.52
N PRO A 365 -14.46 21.45 -9.19
CA PRO A 365 -15.75 20.90 -9.29
C PRO A 365 -16.33 20.63 -7.88
N GLU A 366 -17.62 20.96 -7.66
CA GLU A 366 -18.28 20.59 -6.41
C GLU A 366 -18.24 19.11 -6.13
N ARG A 367 -18.28 18.29 -7.18
CA ARG A 367 -18.46 16.84 -7.03
C ARG A 367 -17.17 16.05 -6.62
N ILE A 368 -16.02 16.69 -6.73
CA ILE A 368 -14.77 16.07 -6.36
C ILE A 368 -14.29 16.58 -5.00
N VAL A 369 -13.37 15.81 -4.37
CA VAL A 369 -12.71 16.28 -3.18
C VAL A 369 -11.47 17.14 -3.47
N THR A 370 -10.99 17.84 -2.45
CA THR A 370 -9.78 18.63 -2.58
C THR A 370 -8.51 17.81 -2.60
N ALA A 371 -7.44 18.46 -3.06
CA ALA A 371 -6.12 17.87 -2.98
C ALA A 371 -5.79 17.48 -1.55
N LEU A 372 -6.09 18.37 -0.60
CA LEU A 372 -5.82 18.06 0.79
C LEU A 372 -6.59 16.87 1.27
N ASP A 373 -7.85 16.85 0.89
CA ASP A 373 -8.63 15.63 1.36
CA ASP A 373 -8.73 15.71 1.18
C ASP A 373 -8.11 14.23 0.71
N ILE A 374 -7.64 14.35 -0.53
CA ILE A 374 -7.02 13.20 -1.15
C ILE A 374 -5.75 12.81 -0.34
N MET A 375 -4.94 13.77 0.04
CA MET A 375 -3.67 13.46 0.74
C MET A 375 -3.86 13.16 2.20
N THR A 376 -5.09 13.34 2.68
CA THR A 376 -5.46 12.97 4.05
C THR A 376 -5.97 11.58 4.09
N GLU A 377 -7.08 11.32 3.39
CA GLU A 377 -7.76 10.03 3.38
C GLU A 377 -7.17 8.99 2.41
N GLY A 378 -6.64 9.40 1.27
CA GLY A 378 -6.12 8.48 0.31
C GLY A 378 -4.94 7.67 0.84
N PRO A 379 -3.93 8.33 1.42
CA PRO A 379 -2.80 7.50 1.91
C PRO A 379 -3.20 6.54 2.98
N LEU A 380 -4.19 6.92 3.79
CA LEU A 380 -4.68 6.06 4.86
C LEU A 380 -5.39 4.85 4.27
N GLY A 381 -6.16 5.07 3.22
CA GLY A 381 -6.81 3.90 2.54
C GLY A 381 -5.84 2.92 1.88
N GLY A 382 -4.87 3.47 1.13
CA GLY A 382 -3.88 2.62 0.48
C GLY A 382 -3.04 1.88 1.50
N ALA A 383 -2.64 2.60 2.55
CA ALA A 383 -1.89 1.99 3.64
C ALA A 383 -2.69 0.95 4.42
N ALA A 384 -3.98 1.17 4.66
CA ALA A 384 -4.84 0.21 5.33
C ALA A 384 -4.89 -1.07 4.50
N PHE A 385 -4.94 -0.96 3.16
CA PHE A 385 -4.95 -2.15 2.38
C PHE A 385 -3.63 -2.91 2.45
N ASN A 386 -2.51 -2.22 2.28
CA ASN A 386 -1.24 -2.92 2.33
C ASN A 386 -1.02 -3.50 3.73
N ASN A 387 -1.39 -2.73 4.79
CA ASN A 387 -1.15 -3.18 6.13
C ASN A 387 -1.97 -4.46 6.43
N GLU A 388 -3.24 -4.38 6.14
CA GLU A 388 -4.16 -5.44 6.45
C GLU A 388 -3.92 -6.68 5.59
N PHE A 389 -3.65 -6.47 4.32
CA PHE A 389 -3.27 -7.58 3.43
C PHE A 389 -1.96 -8.22 3.87
N GLY A 390 -1.02 -7.33 4.26
CA GLY A 390 0.30 -7.76 4.69
C GLY A 390 1.41 -7.73 3.65
N ARG A 391 1.60 -6.59 2.97
CA ARG A 391 2.83 -6.40 2.20
C ARG A 391 3.44 -5.07 2.61
N PRO A 392 4.76 -5.05 2.75
CA PRO A 392 5.41 -3.76 3.21
C PRO A 392 5.39 -2.79 2.06
N ALA A 393 5.32 -1.50 2.30
CA ALA A 393 5.24 -0.45 1.30
C ALA A 393 6.54 0.35 1.44
N LEU A 394 7.44 0.22 0.49
CA LEU A 394 8.85 0.58 0.65
C LEU A 394 9.43 1.67 -0.21
N THR A 395 8.64 2.18 -1.15
CA THR A 395 9.11 3.33 -1.96
C THR A 395 7.88 4.00 -2.55
N GLY A 396 8.07 5.26 -2.89
CA GLY A 396 6.95 6.00 -3.42
C GLY A 396 7.35 7.39 -3.85
N TYR A 397 6.36 8.13 -4.36
CA TYR A 397 6.52 9.56 -4.68
C TYR A 397 5.24 10.30 -4.27
N PHE A 398 5.39 11.61 -4.09
CA PHE A 398 4.27 12.51 -3.82
C PHE A 398 4.57 13.91 -4.34
N ARG A 399 3.87 14.25 -5.41
CA ARG A 399 4.04 15.54 -6.07
C ARG A 399 2.78 16.40 -5.96
N THR A 400 2.98 17.67 -5.66
CA THR A 400 1.88 18.66 -5.77
C THR A 400 2.19 19.53 -7.00
N TYR A 401 1.13 19.90 -7.74
CA TYR A 401 1.32 20.83 -8.87
C TYR A 401 0.00 21.42 -9.30
N GLU A 402 -0.08 22.75 -9.24
CA GLU A 402 -1.31 23.44 -9.65
C GLU A 402 -0.93 24.90 -9.92
N GLU A 403 -0.87 25.25 -11.21
CA GLU A 403 -0.42 26.60 -11.53
C GLU A 403 -0.99 27.04 -12.89
N LYS A 404 -1.06 28.34 -13.05
CA LYS A 404 -1.45 28.96 -14.31
C LYS A 404 -0.14 29.24 -15.05
N VAL A 405 0.02 28.55 -16.16
CA VAL A 405 1.29 28.55 -16.88
C VAL A 405 1.04 28.78 -18.37
N ASN A 406 2.09 29.26 -19.01
CA ASN A 406 2.17 29.48 -20.44
C ASN A 406 2.78 28.26 -21.05
N SER A 407 1.98 27.23 -21.29
CA SER A 407 2.45 25.97 -21.80
C SER A 407 2.10 25.80 -23.27
N HIS A 408 1.99 24.58 -23.71
CA HIS A 408 1.88 24.28 -25.12
C HIS A 408 0.62 24.87 -25.79
N ASN A 409 -0.44 24.96 -25.01
CA ASN A 409 -1.69 25.50 -25.47
C ASN A 409 -1.91 26.91 -24.91
N GLY A 410 -0.84 27.67 -24.67
CA GLY A 410 -0.95 29.05 -24.14
C GLY A 410 -1.27 29.04 -22.64
N GLU A 411 -1.73 30.14 -22.13
CA GLU A 411 -1.91 30.29 -20.66
C GLU A 411 -3.12 29.50 -20.22
N GLU A 412 -2.92 28.56 -19.31
CA GLU A 412 -4.08 27.82 -18.78
C GLU A 412 -3.68 27.17 -17.46
N LEU A 413 -4.65 26.58 -16.80
CA LEU A 413 -4.43 25.99 -15.46
C LEU A 413 -3.98 24.49 -15.68
N ARG A 414 -2.85 24.15 -15.07
CA ARG A 414 -2.35 22.83 -15.21
C ARG A 414 -2.16 22.29 -13.80
N GLY A 415 -2.59 21.04 -13.63
CA GLY A 415 -2.64 20.46 -12.27
C GLY A 415 -3.22 19.08 -12.21
N TYR A 416 -3.68 18.69 -11.01
CA TYR A 416 -4.08 17.33 -10.77
C TYR A 416 -5.36 17.30 -9.93
N HIS A 417 -6.42 18.02 -10.37
CA HIS A 417 -7.72 17.87 -9.69
C HIS A 417 -8.22 16.43 -9.77
N LYS A 418 -8.05 15.74 -10.87
CA LYS A 418 -8.13 14.32 -10.94
C LYS A 418 -6.67 13.87 -10.66
N PRO A 419 -6.44 13.17 -9.51
CA PRO A 419 -5.10 12.93 -9.05
C PRO A 419 -4.47 11.76 -9.82
N ILE A 420 -3.17 11.59 -9.62
CA ILE A 420 -2.56 10.31 -9.85
C ILE A 420 -2.59 9.55 -8.53
N MET A 421 -3.25 8.44 -8.51
CA MET A 421 -3.21 7.46 -7.33
CA MET A 421 -3.20 7.45 -7.39
C MET A 421 -2.61 6.03 -7.91
N LEU A 422 -1.34 5.91 -7.59
CA LEU A 422 -0.57 4.83 -8.16
C LEU A 422 -0.17 3.79 -7.14
N ALA A 423 -0.36 2.52 -7.50
CA ALA A 423 -0.01 1.41 -6.63
C ALA A 423 0.73 0.36 -7.47
N GLY A 424 1.83 -0.16 -6.96
CA GLY A 424 2.63 -1.19 -7.65
C GLY A 424 3.34 -2.06 -6.67
N GLY A 425 4.05 -3.02 -7.21
CA GLY A 425 4.83 -3.89 -6.36
C GLY A 425 5.55 -4.98 -7.13
N ILE A 426 6.24 -5.80 -6.32
CA ILE A 426 6.90 -6.98 -6.74
C ILE A 426 6.42 -8.17 -5.98
N GLY A 427 6.54 -9.32 -6.63
CA GLY A 427 6.25 -10.59 -6.03
C GLY A 427 7.23 -11.66 -6.49
N ASN A 428 7.13 -12.83 -5.88
CA ASN A 428 7.90 -13.97 -6.33
C ASN A 428 6.98 -15.08 -6.89
N ILE A 429 7.57 -15.83 -7.81
CA ILE A 429 6.85 -16.83 -8.59
C ILE A 429 7.77 -18.00 -8.87
N ARG A 430 7.20 -19.21 -8.95
CA ARG A 430 7.95 -20.42 -9.28
C ARG A 430 8.13 -20.53 -10.82
N ALA A 431 9.24 -21.08 -11.28
CA ALA A 431 9.52 -21.14 -12.69
C ALA A 431 8.45 -21.86 -13.50
N ASP A 432 7.95 -22.98 -12.95
CA ASP A 432 7.03 -23.83 -13.69
C ASP A 432 5.61 -23.25 -13.61
N HIS A 433 5.41 -22.11 -12.90
CA HIS A 433 4.13 -21.45 -12.89
C HIS A 433 4.06 -20.15 -13.62
N VAL A 434 5.13 -19.75 -14.27
CA VAL A 434 5.12 -18.50 -15.00
C VAL A 434 4.15 -18.50 -16.19
N GLN A 435 4.16 -19.60 -16.93
CA GLN A 435 3.31 -19.75 -18.14
C GLN A 435 1.90 -20.10 -17.70
N LYS A 436 0.88 -19.35 -18.15
CA LYS A 436 -0.54 -19.79 -17.88
C LYS A 436 -0.79 -21.13 -18.59
N GLY A 437 -1.55 -21.97 -17.93
CA GLY A 437 -1.75 -23.36 -18.43
C GLY A 437 -2.88 -23.37 -19.46
N GLU A 438 -3.08 -24.51 -20.07
CA GLU A 438 -4.22 -24.66 -20.96
C GLU A 438 -5.48 -25.04 -20.14
N ILE A 439 -6.63 -24.68 -20.65
CA ILE A 439 -7.92 -24.94 -20.02
C ILE A 439 -8.55 -26.11 -20.82
N VAL A 440 -8.55 -27.25 -20.21
CA VAL A 440 -9.18 -28.46 -20.70
C VAL A 440 -10.65 -28.21 -20.84
N VAL A 441 -11.26 -28.86 -21.85
CA VAL A 441 -12.70 -28.84 -21.93
C VAL A 441 -13.25 -29.50 -20.77
N GLY A 442 -14.30 -28.97 -20.22
CA GLY A 442 -14.88 -29.42 -18.98
C GLY A 442 -14.20 -28.89 -17.67
N ALA A 443 -13.17 -28.10 -17.78
CA ALA A 443 -12.60 -27.45 -16.52
C ALA A 443 -13.68 -26.72 -15.78
N LYS A 444 -13.61 -26.76 -14.44
CA LYS A 444 -14.51 -26.03 -13.63
C LYS A 444 -14.07 -24.56 -13.48
N LEU A 445 -14.98 -23.64 -13.63
CA LEU A 445 -14.70 -22.23 -13.67
C LEU A 445 -15.20 -21.64 -12.35
N ILE A 446 -14.27 -21.01 -11.61
CA ILE A 446 -14.52 -20.66 -10.21
C ILE A 446 -14.34 -19.19 -9.98
N VAL A 447 -15.16 -18.61 -9.11
CA VAL A 447 -14.91 -17.28 -8.52
C VAL A 447 -14.39 -17.51 -7.08
N LEU A 448 -13.15 -17.07 -6.87
CA LEU A 448 -12.50 -17.12 -5.54
C LEU A 448 -12.68 -15.71 -4.94
N GLY A 449 -13.27 -15.61 -3.79
CA GLY A 449 -13.38 -14.35 -3.05
C GLY A 449 -14.74 -13.88 -2.73
N GLY A 450 -14.84 -12.57 -2.50
CA GLY A 450 -15.98 -12.03 -1.78
C GLY A 450 -17.35 -12.10 -2.47
N PRO A 451 -18.40 -12.41 -1.73
CA PRO A 451 -19.82 -12.19 -2.16
C PRO A 451 -19.99 -10.82 -2.60
N ALA A 452 -20.58 -10.67 -3.81
CA ALA A 452 -20.65 -9.40 -4.48
C ALA A 452 -21.86 -8.53 -4.20
N MET A 453 -21.70 -7.26 -4.51
CA MET A 453 -22.71 -6.26 -4.37
C MET A 453 -22.70 -5.38 -5.60
N ASN A 454 -23.60 -4.40 -5.64
CA ASN A 454 -23.74 -3.56 -6.84
C ASN A 454 -22.80 -2.38 -6.64
N ILE A 455 -21.51 -2.63 -6.85
CA ILE A 455 -20.47 -1.64 -6.57
C ILE A 455 -19.86 -1.31 -7.92
N GLY A 456 -19.69 -0.04 -8.18
CA GLY A 456 -18.77 0.43 -9.17
C GLY A 456 -19.19 0.09 -10.51
N LEU A 457 -20.49 0.19 -10.73
CA LEU A 457 -20.99 -0.45 -11.91
C LEU A 457 -20.46 0.47 -12.99
N GLY A 458 -19.91 -0.12 -14.09
CA GLY A 458 -19.23 0.58 -15.16
C GLY A 458 -18.12 1.58 -14.75
N GLY A 459 -17.44 1.33 -13.60
CA GLY A 459 -16.49 2.28 -13.08
C GLY A 459 -17.25 3.60 -12.77
N LEU A 474 -25.82 12.14 -6.79
CA LEU A 474 -24.29 12.07 -6.66
C LEU A 474 -23.69 10.79 -7.28
N ASP A 475 -22.43 10.85 -7.71
CA ASP A 475 -21.69 9.67 -8.33
C ASP A 475 -21.26 8.48 -7.40
N PHE A 476 -22.25 7.83 -6.93
CA PHE A 476 -22.08 6.67 -6.12
C PHE A 476 -21.37 5.52 -6.79
N ALA A 477 -21.45 5.45 -8.13
CA ALA A 477 -20.87 4.37 -8.84
C ALA A 477 -19.32 4.45 -8.86
N SER A 478 -18.79 5.60 -8.48
CA SER A 478 -17.36 5.86 -8.37
C SER A 478 -16.80 5.62 -6.93
N VAL A 479 -17.68 5.23 -6.02
CA VAL A 479 -17.29 4.98 -4.61
C VAL A 479 -16.97 3.49 -4.55
N GLN A 480 -15.69 3.15 -4.32
CA GLN A 480 -15.30 1.78 -4.24
C GLN A 480 -15.43 1.25 -2.80
N ARG A 481 -14.98 0.03 -2.58
CA ARG A 481 -15.16 -0.66 -1.30
C ARG A 481 -14.00 -1.63 -1.09
N ASP A 482 -13.28 -1.49 0.03
CA ASP A 482 -12.11 -2.29 0.26
C ASP A 482 -12.21 -3.22 1.45
N ASN A 483 -11.88 -4.50 1.25
CA ASN A 483 -11.82 -5.48 2.33
C ASN A 483 -10.55 -6.32 2.23
N PRO A 484 -9.44 -5.77 2.73
CA PRO A 484 -8.14 -6.47 2.56
C PRO A 484 -8.10 -7.82 3.22
N GLU A 485 -8.85 -8.01 4.30
CA GLU A 485 -8.80 -9.32 4.96
C GLU A 485 -9.34 -10.40 4.06
N MET A 486 -10.37 -10.08 3.31
CA MET A 486 -10.87 -11.02 2.29
C MET A 486 -9.80 -11.40 1.28
N GLU A 487 -9.03 -10.42 0.83
CA GLU A 487 -7.99 -10.67 -0.15
C GLU A 487 -6.85 -11.51 0.45
N ARG A 488 -6.49 -11.26 1.72
CA ARG A 488 -5.52 -12.11 2.38
C ARG A 488 -5.96 -13.59 2.46
N ARG A 489 -7.21 -13.82 2.81
CA ARG A 489 -7.73 -15.17 2.82
C ARG A 489 -7.61 -15.83 1.40
N CYS A 490 -7.92 -15.07 0.35
CA CYS A 490 -7.73 -15.60 -0.99
C CYS A 490 -6.26 -15.86 -1.30
N GLN A 491 -5.36 -14.93 -0.90
CA GLN A 491 -3.96 -15.09 -1.18
C GLN A 491 -3.45 -16.37 -0.52
N GLU A 492 -3.91 -16.66 0.69
CA GLU A 492 -3.51 -17.90 1.35
C GLU A 492 -3.86 -19.14 0.50
N VAL A 493 -5.01 -19.10 -0.13
CA VAL A 493 -5.39 -20.21 -1.00
C VAL A 493 -4.48 -20.30 -2.22
N ILE A 494 -4.22 -19.14 -2.81
CA ILE A 494 -3.30 -19.10 -3.98
C ILE A 494 -1.97 -19.66 -3.59
N ASP A 495 -1.52 -19.29 -2.42
CA ASP A 495 -0.25 -19.77 -1.87
C ASP A 495 -0.26 -21.31 -1.68
N ARG A 496 -1.29 -21.82 -1.04
CA ARG A 496 -1.39 -23.28 -0.92
C ARG A 496 -1.28 -23.98 -2.30
N CYS A 497 -1.90 -23.38 -3.33
CA CYS A 497 -1.92 -23.95 -4.67
C CYS A 497 -0.54 -23.96 -5.23
N TRP A 498 0.15 -22.80 -5.25
CA TRP A 498 1.46 -22.82 -5.92
C TRP A 498 2.50 -23.59 -5.09
N GLN A 499 2.28 -23.69 -3.78
CA GLN A 499 3.09 -24.48 -2.91
C GLN A 499 2.97 -25.98 -3.12
N LEU A 500 1.97 -26.40 -3.86
CA LEU A 500 1.86 -27.83 -4.28
C LEU A 500 2.74 -28.17 -5.48
N GLY A 501 3.38 -27.15 -6.07
CA GLY A 501 4.37 -27.40 -7.16
C GLY A 501 3.72 -28.02 -8.38
N ASP A 502 4.17 -29.22 -8.75
CA ASP A 502 3.58 -29.96 -9.85
C ASP A 502 2.09 -30.25 -9.68
N ALA A 503 1.65 -30.32 -8.45
CA ALA A 503 0.25 -30.58 -8.08
C ALA A 503 -0.59 -29.36 -7.89
N ASN A 504 -0.07 -28.19 -8.29
CA ASN A 504 -0.82 -26.94 -8.22
C ASN A 504 -2.08 -27.14 -9.03
N PRO A 505 -3.24 -27.08 -8.42
CA PRO A 505 -4.47 -27.31 -9.22
C PRO A 505 -4.97 -26.18 -10.07
N ILE A 506 -4.38 -25.01 -9.96
CA ILE A 506 -4.78 -23.88 -10.79
C ILE A 506 -4.24 -24.03 -12.21
N LEU A 507 -5.16 -24.11 -13.16
CA LEU A 507 -4.78 -24.16 -14.56
C LEU A 507 -4.61 -22.80 -15.10
N PHE A 508 -5.44 -21.87 -14.64
CA PHE A 508 -5.40 -20.52 -15.12
C PHE A 508 -6.03 -19.70 -14.07
N ILE A 509 -5.52 -18.51 -13.86
CA ILE A 509 -6.11 -17.56 -12.90
C ILE A 509 -6.00 -16.13 -13.46
N HIS A 510 -6.98 -15.32 -13.13
CA HIS A 510 -7.02 -13.91 -13.47
C HIS A 510 -7.65 -13.10 -12.39
N ASP A 511 -7.27 -11.86 -12.28
CA ASP A 511 -7.95 -11.02 -11.35
C ASP A 511 -9.31 -10.55 -11.92
N VAL A 512 -10.23 -10.19 -11.05
CA VAL A 512 -11.50 -9.56 -11.43
C VAL A 512 -11.39 -8.06 -11.18
N GLY A 513 -11.40 -7.32 -12.28
CA GLY A 513 -11.25 -5.85 -12.21
C GLY A 513 -12.40 -5.17 -12.99
N ALA A 514 -12.03 -4.30 -13.92
CA ALA A 514 -13.03 -3.52 -14.65
C ALA A 514 -13.93 -4.44 -15.42
N GLY A 515 -15.19 -4.12 -15.41
CA GLY A 515 -16.22 -4.99 -16.06
C GLY A 515 -16.69 -6.15 -15.21
N GLY A 516 -16.01 -6.37 -14.10
CA GLY A 516 -16.34 -7.51 -13.21
C GLY A 516 -16.29 -8.83 -13.96
N LEU A 517 -17.17 -9.73 -13.63
CA LEU A 517 -17.16 -11.05 -14.23
C LEU A 517 -17.35 -11.00 -15.76
N SER A 518 -18.02 -9.95 -16.22
CA SER A 518 -18.41 -9.81 -17.60
C SER A 518 -17.20 -9.62 -18.51
N ASN A 519 -16.12 -9.08 -17.95
CA ASN A 519 -14.85 -9.14 -18.60
C ASN A 519 -14.02 -10.33 -18.23
N ALA A 520 -13.90 -10.57 -16.91
CA ALA A 520 -12.93 -11.59 -16.43
C ALA A 520 -13.23 -13.00 -16.90
N MET A 521 -14.49 -13.42 -16.87
CA MET A 521 -14.81 -14.81 -17.30
C MET A 521 -14.67 -15.01 -18.80
N PRO A 522 -15.23 -14.11 -19.63
CA PRO A 522 -14.97 -14.24 -21.08
C PRO A 522 -13.50 -14.16 -21.48
N GLU A 523 -12.73 -13.31 -20.81
CA GLU A 523 -11.33 -13.27 -21.10
C GLU A 523 -10.58 -14.52 -20.66
N LEU A 524 -10.99 -15.12 -19.54
CA LEU A 524 -10.39 -16.37 -19.13
C LEU A 524 -10.64 -17.51 -20.14
N VAL A 525 -11.90 -17.73 -20.55
CA VAL A 525 -12.17 -18.84 -21.48
C VAL A 525 -11.55 -18.54 -22.84
N SER A 526 -11.65 -17.31 -23.27
CA SER A 526 -11.05 -16.88 -24.57
C SER A 526 -9.54 -17.09 -24.58
N ASP A 527 -8.87 -16.73 -23.50
CA ASP A 527 -7.39 -16.94 -23.40
C ASP A 527 -6.98 -18.41 -23.50
N GLY A 528 -7.89 -19.32 -23.12
CA GLY A 528 -7.70 -20.78 -23.37
C GLY A 528 -8.27 -21.36 -24.65
N GLY A 529 -8.83 -20.53 -25.50
CA GLY A 529 -9.43 -20.98 -26.71
C GLY A 529 -10.72 -21.76 -26.49
N ARG A 530 -11.37 -21.53 -25.31
CA ARG A 530 -12.62 -22.20 -24.98
C ARG A 530 -13.78 -21.25 -24.95
N GLY A 531 -14.93 -21.86 -24.82
CA GLY A 531 -16.13 -21.15 -24.45
C GLY A 531 -16.45 -21.39 -22.97
N GLY A 532 -17.58 -20.88 -22.54
CA GLY A 532 -18.06 -21.14 -21.17
C GLY A 532 -19.53 -21.19 -21.03
N LYS A 533 -19.97 -22.08 -20.16
CA LYS A 533 -21.32 -21.98 -19.70
C LYS A 533 -21.42 -21.81 -18.23
N PHE A 534 -22.23 -20.84 -17.83
CA PHE A 534 -22.27 -20.31 -16.50
C PHE A 534 -23.67 -20.36 -15.95
N GLU A 535 -23.79 -20.46 -14.62
CA GLU A 535 -25.05 -20.33 -13.93
C GLU A 535 -25.04 -19.16 -13.00
N LEU A 536 -25.89 -18.19 -13.25
CA LEU A 536 -25.92 -16.97 -12.51
C LEU A 536 -26.11 -17.21 -11.02
N ARG A 537 -26.99 -18.17 -10.67
CA ARG A 537 -27.33 -18.40 -9.27
C ARG A 537 -26.30 -19.13 -8.45
N ASP A 538 -25.18 -19.53 -9.07
CA ASP A 538 -24.11 -20.16 -8.34
C ASP A 538 -23.09 -19.06 -7.85
N ILE A 539 -23.23 -17.83 -8.31
CA ILE A 539 -22.31 -16.77 -7.92
C ILE A 539 -22.68 -16.31 -6.52
N LEU A 540 -21.67 -16.12 -5.64
CA LEU A 540 -21.97 -15.64 -4.30
C LEU A 540 -22.37 -14.20 -4.28
N SER A 541 -23.50 -13.93 -3.58
CA SER A 541 -24.05 -12.57 -3.54
C SER A 541 -24.24 -12.10 -2.13
N ASP A 542 -23.99 -10.84 -1.90
CA ASP A 542 -24.42 -10.18 -0.64
C ASP A 542 -25.53 -9.18 -0.96
N GLU A 543 -26.19 -9.28 -2.12
CA GLU A 543 -27.22 -8.30 -2.46
C GLU A 543 -28.27 -9.00 -3.35
N PRO A 544 -29.24 -9.66 -2.68
CA PRO A 544 -30.14 -10.56 -3.46
C PRO A 544 -31.05 -9.84 -4.45
N GLY A 545 -31.17 -8.52 -4.31
CA GLY A 545 -31.96 -7.65 -5.19
C GLY A 545 -31.32 -7.43 -6.55
N MET A 546 -30.05 -7.81 -6.68
CA MET A 546 -29.33 -7.43 -7.91
C MET A 546 -30.03 -8.07 -9.19
N SER A 547 -30.02 -7.28 -10.26
CA SER A 547 -30.30 -7.79 -11.60
C SER A 547 -29.20 -8.65 -12.15
N PRO A 548 -29.47 -9.39 -13.26
CA PRO A 548 -28.43 -10.14 -13.87
C PRO A 548 -27.27 -9.22 -14.34
N LEU A 549 -27.62 -8.08 -14.93
CA LEU A 549 -26.61 -7.11 -15.34
C LEU A 549 -25.70 -6.73 -14.13
N GLU A 550 -26.33 -6.42 -13.04
CA GLU A 550 -25.55 -6.00 -11.82
C GLU A 550 -24.68 -7.16 -11.34
N ILE A 551 -25.24 -8.36 -11.25
CA ILE A 551 -24.46 -9.50 -10.83
C ILE A 551 -23.24 -9.71 -11.73
N TRP A 552 -23.45 -9.69 -13.03
CA TRP A 552 -22.41 -10.02 -13.96
C TRP A 552 -21.39 -8.90 -14.13
N CYS A 553 -21.79 -7.65 -13.99
CA CYS A 553 -20.96 -6.54 -14.42
C CYS A 553 -20.36 -5.73 -13.26
N ASN A 554 -20.91 -5.91 -12.04
CA ASN A 554 -20.47 -5.10 -10.89
C ASN A 554 -18.97 -5.30 -10.67
N GLU A 555 -18.38 -4.30 -10.05
CA GLU A 555 -16.89 -4.25 -9.79
C GLU A 555 -16.57 -4.39 -8.31
N SER A 556 -17.29 -5.34 -7.71
CA SER A 556 -17.01 -5.75 -6.31
C SER A 556 -15.57 -6.26 -6.27
N GLN A 557 -14.98 -6.12 -5.09
CA GLN A 557 -13.61 -6.32 -4.91
C GLN A 557 -13.24 -7.68 -4.35
N GLU A 558 -11.93 -7.93 -4.29
CA GLU A 558 -11.42 -9.15 -3.72
C GLU A 558 -11.96 -10.42 -4.35
N ARG A 559 -11.98 -10.44 -5.68
CA ARG A 559 -12.32 -11.62 -6.44
C ARG A 559 -11.30 -11.96 -7.53
N TYR A 560 -11.19 -13.24 -7.76
CA TYR A 560 -10.38 -13.83 -8.76
C TYR A 560 -11.24 -14.84 -9.51
N VAL A 561 -10.91 -15.08 -10.79
CA VAL A 561 -11.44 -16.19 -11.57
C VAL A 561 -10.38 -17.21 -11.85
N LEU A 562 -10.73 -18.41 -11.64
CA LEU A 562 -9.80 -19.46 -12.14
CA LEU A 562 -9.79 -19.49 -11.99
C LEU A 562 -10.50 -20.83 -12.63
N ALA A 563 -9.63 -21.53 -13.30
CA ALA A 563 -10.09 -22.81 -13.91
C ALA A 563 -9.32 -23.91 -13.18
N VAL A 564 -10.03 -24.94 -12.78
CA VAL A 564 -9.46 -26.13 -12.13
C VAL A 564 -10.12 -27.36 -12.84
N ALA A 565 -9.37 -28.44 -12.94
CA ALA A 565 -9.91 -29.75 -13.42
C ALA A 565 -10.92 -30.22 -12.47
N ALA A 566 -12.02 -30.89 -12.94
CA ALA A 566 -13.03 -31.33 -12.03
C ALA A 566 -12.51 -32.26 -10.93
N ASP A 567 -11.52 -33.08 -11.23
CA ASP A 567 -11.03 -34.02 -10.25
C ASP A 567 -10.22 -33.37 -9.12
N GLN A 568 -9.96 -32.09 -9.28
CA GLN A 568 -9.24 -31.28 -8.25
C GLN A 568 -10.14 -30.48 -7.37
N LEU A 569 -11.45 -30.50 -7.61
CA LEU A 569 -12.33 -29.79 -6.76
C LEU A 569 -12.31 -30.17 -5.34
N PRO A 570 -12.25 -31.52 -4.98
CA PRO A 570 -12.20 -31.82 -3.58
C PRO A 570 -10.94 -31.16 -2.82
N LEU A 571 -9.78 -31.23 -3.47
CA LEU A 571 -8.54 -30.58 -2.96
C LEU A 571 -8.79 -29.06 -2.85
N PHE A 572 -9.28 -28.43 -3.91
CA PHE A 572 -9.55 -27.01 -3.85
C PHE A 572 -10.50 -26.58 -2.73
N ASP A 573 -11.59 -27.33 -2.58
CA ASP A 573 -12.52 -27.13 -1.50
C ASP A 573 -11.82 -27.24 -0.10
N GLU A 574 -10.99 -28.26 0.08
CA GLU A 574 -10.24 -28.42 1.36
C GLU A 574 -9.40 -27.14 1.61
N LEU A 575 -8.67 -26.73 0.59
CA LEU A 575 -7.76 -25.57 0.73
C LEU A 575 -8.54 -24.35 1.11
N CYS A 576 -9.63 -24.07 0.43
CA CYS A 576 -10.45 -22.90 0.72
C CYS A 576 -11.08 -22.97 2.09
N LYS A 577 -11.62 -24.15 2.46
CA LYS A 577 -12.31 -24.20 3.74
C LYS A 577 -11.33 -23.99 4.93
N ARG A 578 -10.14 -24.44 4.77
CA ARG A 578 -9.08 -24.28 5.81
C ARG A 578 -8.66 -22.82 5.98
N GLU A 579 -8.65 -22.05 4.89
CA GLU A 579 -8.40 -20.64 5.01
C GLU A 579 -9.63 -19.75 5.25
N ARG A 580 -10.82 -20.34 5.24
CA ARG A 580 -12.10 -19.64 5.27
C ARG A 580 -12.18 -18.68 4.03
N ALA A 581 -11.69 -19.09 2.86
CA ALA A 581 -11.81 -18.26 1.67
C ALA A 581 -13.11 -18.72 0.91
N PRO A 582 -14.06 -17.85 0.75
CA PRO A 582 -15.30 -18.18 0.00
C PRO A 582 -14.94 -18.44 -1.44
N TYR A 583 -15.58 -19.45 -2.03
CA TYR A 583 -15.38 -19.69 -3.43
C TYR A 583 -16.72 -20.24 -3.98
N ALA A 584 -16.86 -20.16 -5.30
CA ALA A 584 -18.00 -20.88 -5.97
C ALA A 584 -17.59 -21.37 -7.32
N VAL A 585 -17.96 -22.62 -7.65
CA VAL A 585 -17.92 -23.10 -9.00
C VAL A 585 -19.15 -22.49 -9.73
N ILE A 586 -18.94 -21.72 -10.79
CA ILE A 586 -20.08 -21.01 -11.43
C ILE A 586 -20.21 -21.39 -12.94
N GLY A 587 -19.33 -22.20 -13.44
CA GLY A 587 -19.41 -22.64 -14.84
C GLY A 587 -18.46 -23.72 -15.23
N ASP A 588 -18.56 -24.10 -16.52
CA ASP A 588 -17.72 -25.10 -17.16
C ASP A 588 -17.19 -24.60 -18.46
N ALA A 589 -15.93 -24.88 -18.74
CA ALA A 589 -15.30 -24.53 -19.99
C ALA A 589 -15.85 -25.48 -21.08
N THR A 590 -16.13 -24.92 -22.24
CA THR A 590 -16.70 -25.72 -23.34
C THR A 590 -15.79 -25.74 -24.56
N GLU A 591 -15.94 -26.78 -25.39
CA GLU A 591 -15.23 -26.78 -26.72
C GLU A 591 -15.74 -25.68 -27.64
N GLU A 592 -17.05 -25.55 -27.67
CA GLU A 592 -17.65 -24.57 -28.52
C GLU A 592 -17.28 -23.18 -27.98
N GLN A 593 -16.89 -22.28 -28.84
CA GLN A 593 -16.52 -20.97 -28.39
C GLN A 593 -17.71 -19.98 -28.29
N HIS A 594 -18.54 -20.31 -27.35
CA HIS A 594 -19.79 -19.68 -27.10
C HIS A 594 -19.80 -19.31 -25.60
N LEU A 595 -20.53 -18.27 -25.29
CA LEU A 595 -20.78 -17.82 -23.93
C LEU A 595 -22.26 -17.86 -23.60
N SER A 596 -22.56 -18.63 -22.57
CA SER A 596 -23.90 -18.84 -22.10
C SER A 596 -23.94 -18.50 -20.60
N LEU A 597 -24.88 -17.70 -20.22
CA LEU A 597 -25.20 -17.45 -18.77
C LEU A 597 -26.68 -17.76 -18.56
N HIS A 598 -26.95 -18.76 -17.77
CA HIS A 598 -28.31 -19.20 -17.44
C HIS A 598 -28.70 -18.65 -16.10
N ASP A 599 -29.99 -18.49 -15.85
CA ASP A 599 -30.50 -18.09 -14.57
C ASP A 599 -31.56 -19.12 -14.10
N ASN A 600 -31.18 -19.94 -13.13
CA ASN A 600 -32.09 -20.94 -12.53
C ASN A 600 -33.25 -20.30 -11.80
N HIS A 601 -33.20 -19.05 -11.37
CA HIS A 601 -34.32 -18.47 -10.66
C HIS A 601 -35.42 -18.02 -11.60
N PHE A 602 -35.04 -17.39 -12.69
CA PHE A 602 -35.96 -16.91 -13.67
C PHE A 602 -36.21 -17.89 -14.83
N ASP A 603 -35.52 -18.99 -14.84
CA ASP A 603 -35.58 -20.04 -15.83
C ASP A 603 -35.42 -19.44 -17.21
N ASN A 604 -34.32 -18.70 -17.41
CA ASN A 604 -34.07 -18.06 -18.66
C ASN A 604 -32.51 -17.91 -18.85
N GLN A 605 -32.14 -17.19 -19.91
CA GLN A 605 -30.76 -17.19 -20.39
CA GLN A 605 -30.76 -17.18 -20.38
C GLN A 605 -30.32 -15.78 -20.63
N PRO A 606 -29.88 -15.10 -19.59
CA PRO A 606 -29.45 -13.72 -19.85
C PRO A 606 -28.39 -13.46 -20.91
N ILE A 607 -27.44 -14.35 -21.07
CA ILE A 607 -26.51 -14.26 -22.13
C ILE A 607 -26.50 -15.51 -22.95
N ASP A 608 -26.41 -15.33 -24.28
CA ASP A 608 -26.30 -16.47 -25.22
C ASP A 608 -25.65 -15.94 -26.48
N LEU A 609 -24.32 -15.95 -26.51
CA LEU A 609 -23.62 -15.24 -27.59
C LEU A 609 -22.40 -16.02 -28.06
N PRO A 610 -22.10 -16.05 -29.40
CA PRO A 610 -20.79 -16.54 -29.84
C PRO A 610 -19.77 -15.60 -29.23
N LEU A 611 -18.63 -16.12 -28.80
CA LEU A 611 -17.55 -15.23 -28.32
C LEU A 611 -17.01 -14.32 -29.39
N ASP A 612 -16.99 -14.73 -30.65
CA ASP A 612 -16.44 -13.84 -31.70
C ASP A 612 -17.35 -12.62 -31.88
N VAL A 613 -18.65 -12.79 -31.65
CA VAL A 613 -19.55 -11.65 -31.69
C VAL A 613 -19.26 -10.75 -30.51
N LEU A 614 -19.23 -11.34 -29.35
CA LEU A 614 -19.00 -10.55 -28.17
C LEU A 614 -17.67 -9.84 -28.16
N LEU A 615 -16.63 -10.57 -28.55
CA LEU A 615 -15.24 -10.06 -28.48
C LEU A 615 -14.77 -9.41 -29.76
N GLY A 616 -15.67 -9.31 -30.74
CA GLY A 616 -15.30 -8.72 -32.04
C GLY A 616 -15.17 -7.21 -31.90
N LYS A 617 -14.34 -6.65 -32.76
CA LYS A 617 -13.81 -5.29 -32.62
C LYS A 617 -14.30 -4.44 -33.73
N THR A 618 -14.72 -3.22 -33.41
CA THR A 618 -14.78 -2.13 -34.44
C THR A 618 -13.36 -1.80 -34.99
N PRO A 619 -13.30 -1.01 -36.07
CA PRO A 619 -11.98 -0.64 -36.59
C PRO A 619 -11.04 0.02 -35.52
N LYS A 620 -9.77 -0.28 -35.61
CA LYS A 620 -8.69 0.56 -35.09
C LYS A 620 -8.92 2.06 -35.18
N MET A 621 -8.55 2.78 -34.14
CA MET A 621 -8.54 4.23 -34.17
C MET A 621 -7.38 4.80 -35.00
N THR A 622 -7.63 5.93 -35.60
CA THR A 622 -6.61 6.80 -36.16
C THR A 622 -6.63 8.15 -35.50
N ARG A 623 -5.49 8.60 -34.95
CA ARG A 623 -5.34 9.90 -34.36
C ARG A 623 -4.47 10.72 -35.31
N ASP A 624 -5.09 11.77 -35.81
CA ASP A 624 -4.46 12.74 -36.73
C ASP A 624 -4.28 14.02 -36.07
N VAL A 625 -3.06 14.31 -35.66
CA VAL A 625 -2.79 15.36 -34.70
C VAL A 625 -1.58 16.21 -35.10
N GLN A 626 -1.42 17.27 -34.36
CA GLN A 626 -0.33 18.26 -34.57
C GLN A 626 0.45 18.63 -33.35
N THR A 627 1.75 18.82 -33.59
CA THR A 627 2.63 19.34 -32.58
C THR A 627 2.34 20.77 -32.14
N LEU A 628 2.30 20.97 -30.81
CA LEU A 628 2.39 22.22 -30.16
C LEU A 628 3.56 22.15 -29.26
N LYS A 629 4.26 23.25 -29.21
CA LYS A 629 5.37 23.43 -28.34
C LYS A 629 5.44 24.81 -27.73
N ALA A 630 5.55 24.85 -26.41
CA ALA A 630 5.58 26.10 -25.65
C ALA A 630 6.92 26.76 -25.95
N LYS A 631 6.90 28.06 -26.02
CA LYS A 631 8.12 28.85 -25.97
C LYS A 631 8.30 29.12 -24.48
N GLY A 632 9.42 28.73 -23.95
CA GLY A 632 9.72 29.10 -22.59
C GLY A 632 9.87 30.59 -22.40
N ASP A 633 9.83 31.06 -21.17
CA ASP A 633 10.21 32.46 -20.84
C ASP A 633 11.25 32.29 -19.78
N ALA A 634 12.30 33.10 -19.82
CA ALA A 634 13.34 33.10 -18.83
C ALA A 634 12.75 33.37 -17.43
N LEU A 635 13.37 32.77 -16.43
CA LEU A 635 12.88 32.82 -15.08
C LEU A 635 13.07 34.30 -14.68
N ASN A 636 12.03 34.93 -14.19
CA ASN A 636 12.12 36.26 -13.61
C ASN A 636 12.63 36.14 -12.18
N ARG A 637 13.84 36.64 -11.93
CA ARG A 637 14.53 36.42 -10.65
C ARG A 637 14.38 37.62 -9.69
N ALA A 638 13.50 38.57 -10.05
CA ALA A 638 13.28 39.77 -9.20
C ALA A 638 13.06 39.51 -7.72
N ASP A 639 12.18 38.61 -7.36
CA ASP A 639 11.92 38.31 -5.96
C ASP A 639 12.71 37.10 -5.49
N ILE A 640 13.68 36.61 -6.28
CA ILE A 640 14.38 35.38 -5.87
C ILE A 640 15.69 35.76 -5.21
N THR A 641 15.96 35.24 -4.02
CA THR A 641 17.29 35.19 -3.48
C THR A 641 17.65 33.71 -3.17
N ILE A 642 18.90 33.38 -3.08
CA ILE A 642 19.28 32.02 -2.72
C ILE A 642 18.63 31.62 -1.38
N ALA A 643 18.76 32.46 -0.38
CA ALA A 643 18.21 32.12 0.92
C ALA A 643 16.69 31.92 0.92
N ASP A 644 15.95 32.80 0.26
CA ASP A 644 14.51 32.68 0.18
C ASP A 644 14.12 31.43 -0.62
N ALA A 645 14.91 31.13 -1.66
CA ALA A 645 14.64 29.96 -2.50
C ALA A 645 14.80 28.67 -1.69
N VAL A 646 15.85 28.59 -0.87
CA VAL A 646 16.06 27.40 -0.06
C VAL A 646 14.83 27.19 0.86
N LYS A 647 14.40 28.26 1.55
CA LYS A 647 13.21 28.16 2.39
C LYS A 647 11.95 27.73 1.63
N ARG A 648 11.68 28.33 0.49
CA ARG A 648 10.52 27.94 -0.29
C ARG A 648 10.61 26.49 -0.78
N VAL A 649 11.71 26.14 -1.38
CA VAL A 649 11.83 24.81 -1.95
C VAL A 649 11.63 23.73 -0.90
N LEU A 650 12.19 23.92 0.29
CA LEU A 650 12.01 22.99 1.41
C LEU A 650 10.57 22.87 1.85
N HIS A 651 9.75 23.88 1.50
CA HIS A 651 8.36 23.91 1.80
C HIS A 651 7.49 23.41 0.70
N LEU A 652 8.05 22.97 -0.43
CA LEU A 652 7.24 22.39 -1.50
C LEU A 652 6.97 20.92 -1.12
N PRO A 653 5.72 20.48 -1.06
CA PRO A 653 5.49 19.06 -0.61
C PRO A 653 6.25 18.05 -1.36
N THR A 654 6.42 18.26 -2.68
CA THR A 654 7.16 17.38 -3.54
C THR A 654 8.56 17.12 -3.04
N VAL A 655 9.17 18.17 -2.47
CA VAL A 655 10.51 18.08 -1.88
C VAL A 655 10.51 17.60 -0.45
N ALA A 656 9.56 18.18 0.31
CA ALA A 656 9.56 18.11 1.76
C ALA A 656 9.45 16.67 2.34
N GLU A 657 9.90 16.59 3.59
CA GLU A 657 9.83 15.28 4.31
C GLU A 657 8.49 14.59 4.18
N LYS A 658 8.53 13.28 3.98
CA LYS A 658 7.37 12.46 3.61
C LYS A 658 6.82 11.55 4.72
N THR A 659 7.16 11.84 5.99
CA THR A 659 6.88 10.87 7.06
C THR A 659 5.43 10.48 7.19
N PHE A 660 4.53 11.44 6.99
CA PHE A 660 3.09 11.18 7.02
C PHE A 660 2.60 10.08 6.06
N LEU A 661 3.40 9.82 5.02
CA LEU A 661 3.10 8.81 4.00
C LEU A 661 3.84 7.51 4.21
N VAL A 662 4.85 7.53 5.10
CA VAL A 662 5.79 6.44 5.33
C VAL A 662 5.42 5.63 6.56
N THR A 663 5.26 6.30 7.70
CA THR A 663 5.04 5.57 8.93
C THR A 663 3.63 5.05 9.12
N ILE A 664 2.73 5.44 8.24
CA ILE A 664 1.38 4.90 8.23
C ILE A 664 1.32 3.52 7.58
N GLY A 665 2.40 3.16 6.92
CA GLY A 665 2.48 1.85 6.21
C GLY A 665 3.55 0.95 6.80
N ASP A 666 3.15 -0.31 7.01
CA ASP A 666 4.06 -1.37 7.45
C ASP A 666 5.23 -1.43 6.51
N ARG A 667 6.45 -1.54 7.06
CA ARG A 667 7.70 -1.65 6.28
C ARG A 667 8.52 -2.84 6.67
N THR A 668 7.87 -3.77 7.38
CA THR A 668 8.61 -4.93 7.91
C THR A 668 7.99 -6.29 7.70
N VAL A 669 6.67 -6.34 7.48
CA VAL A 669 6.04 -7.61 7.29
C VAL A 669 6.77 -8.36 6.15
N THR A 670 6.87 -9.67 6.36
CA THR A 670 7.65 -10.70 5.56
C THR A 670 8.99 -10.98 6.13
N GLY A 671 9.59 -10.10 6.91
CA GLY A 671 10.92 -10.26 7.37
C GLY A 671 12.06 -10.21 6.34
N MET A 672 11.69 -9.79 5.14
CA MET A 672 12.57 -9.68 4.00
C MET A 672 12.90 -8.23 3.64
N VAL A 673 12.57 -7.25 4.45
CA VAL A 673 12.88 -5.90 4.07
C VAL A 673 14.28 -5.51 4.58
N ALA A 674 15.16 -5.19 3.65
CA ALA A 674 16.51 -4.77 3.94
C ALA A 674 16.64 -3.23 3.95
N ARG A 675 16.12 -2.54 2.94
CA ARG A 675 16.23 -1.10 2.84
C ARG A 675 14.84 -0.53 2.67
N ASP A 676 14.37 0.14 3.70
CA ASP A 676 13.14 0.90 3.64
C ASP A 676 13.45 2.43 3.52
N GLN A 677 12.38 3.24 3.46
CA GLN A 677 12.51 4.66 3.21
C GLN A 677 13.34 5.35 4.31
N MET A 678 13.13 4.95 5.56
CA MET A 678 13.75 5.61 6.68
C MET A 678 15.23 5.19 6.75
N VAL A 679 16.12 6.17 6.87
CA VAL A 679 17.54 5.91 6.90
C VAL A 679 18.24 6.37 8.16
N GLY A 680 19.10 5.50 8.66
CA GLY A 680 20.08 5.81 9.66
C GLY A 680 19.52 5.92 11.07
N PRO A 681 20.39 6.34 12.00
CA PRO A 681 19.97 6.41 13.40
C PRO A 681 18.87 7.42 13.69
N TRP A 682 18.72 8.45 12.82
CA TRP A 682 17.70 9.46 12.99
C TRP A 682 16.45 9.16 12.12
N GLN A 683 16.46 8.02 11.44
CA GLN A 683 15.27 7.51 10.72
C GLN A 683 14.64 8.58 9.86
N VAL A 684 15.45 9.12 8.96
CA VAL A 684 15.06 10.19 8.08
C VAL A 684 14.63 9.59 6.74
N PRO A 685 13.41 9.92 6.26
CA PRO A 685 12.88 9.24 5.06
C PRO A 685 13.46 9.78 3.76
N VAL A 686 14.66 9.34 3.43
CA VAL A 686 15.33 9.80 2.20
C VAL A 686 15.91 8.65 1.38
N ALA A 687 15.63 7.42 1.74
CA ALA A 687 16.24 6.35 0.91
C ALA A 687 15.73 6.50 -0.53
N ASP A 688 16.65 6.30 -1.46
CA ASP A 688 16.35 6.49 -2.90
C ASP A 688 15.70 5.31 -3.57
N CYS A 689 15.85 4.13 -2.99
CA CYS A 689 15.12 2.97 -3.48
C CYS A 689 14.89 1.98 -2.39
N ALA A 690 14.01 0.99 -2.67
CA ALA A 690 13.69 -0.09 -1.76
C ALA A 690 14.47 -1.34 -2.09
N VAL A 691 14.85 -2.09 -1.07
CA VAL A 691 15.51 -3.36 -1.30
C VAL A 691 14.89 -4.39 -0.36
N THR A 692 14.57 -5.53 -0.91
CA THR A 692 14.14 -6.69 -0.10
C THR A 692 15.10 -7.86 -0.37
N THR A 693 15.24 -8.74 0.62
CA THR A 693 15.95 -10.02 0.39
C THR A 693 15.04 -10.98 -0.36
N ALA A 694 15.62 -11.83 -1.15
CA ALA A 694 14.86 -12.81 -2.04
C ALA A 694 14.16 -13.91 -1.23
N SER A 695 14.73 -14.19 -0.08
CA SER A 695 14.26 -15.18 0.83
C SER A 695 14.69 -14.76 2.23
N LEU A 696 14.26 -15.57 3.16
CA LEU A 696 14.73 -15.49 4.58
C LEU A 696 16.08 -16.11 4.85
N ASP A 697 16.70 -16.64 3.82
CA ASP A 697 18.00 -17.28 3.96
C ASP A 697 19.06 -16.84 2.96
N SER A 698 18.89 -15.67 2.37
CA SER A 698 19.81 -15.22 1.29
C SER A 698 20.17 -13.75 1.48
N TYR A 699 21.25 -13.30 0.86
CA TYR A 699 21.54 -11.91 0.68
C TYR A 699 21.28 -11.48 -0.74
N TYR A 700 20.89 -12.39 -1.61
CA TYR A 700 20.34 -11.97 -2.91
C TYR A 700 19.01 -11.26 -2.63
N GLY A 701 18.52 -10.46 -3.57
CA GLY A 701 17.27 -9.74 -3.34
C GLY A 701 16.66 -9.08 -4.53
N GLU A 702 15.82 -8.08 -4.25
CA GLU A 702 15.16 -7.30 -5.28
C GLU A 702 15.19 -5.83 -4.93
N ALA A 703 15.12 -4.97 -5.92
CA ALA A 703 15.11 -3.52 -5.68
C ALA A 703 13.99 -2.90 -6.50
N MET A 704 13.45 -1.80 -5.97
CA MET A 704 12.44 -0.98 -6.62
C MET A 704 12.75 0.46 -6.54
N SER A 705 12.64 1.19 -7.66
CA SER A 705 12.78 2.68 -7.61
C SER A 705 11.74 3.28 -8.53
N ILE A 706 11.56 4.58 -8.39
CA ILE A 706 10.66 5.36 -9.22
C ILE A 706 11.32 6.61 -9.79
N GLY A 707 11.00 6.93 -11.04
CA GLY A 707 11.38 8.20 -11.57
C GLY A 707 10.16 8.86 -12.16
N GLU A 708 10.03 10.19 -11.99
CA GLU A 708 8.92 10.91 -12.60
C GLU A 708 9.23 12.36 -12.62
N ARG A 709 8.74 13.12 -13.62
CA ARG A 709 9.09 14.50 -13.72
C ARG A 709 8.06 15.28 -14.54
N ALA A 710 6.79 15.00 -14.27
CA ALA A 710 5.69 15.58 -15.05
C ALA A 710 5.82 17.11 -15.38
N PRO A 711 6.17 17.98 -14.43
CA PRO A 711 6.12 19.42 -14.80
C PRO A 711 7.01 19.77 -16.00
N VAL A 712 8.07 19.01 -16.21
CA VAL A 712 8.91 19.16 -17.39
C VAL A 712 8.12 19.03 -18.68
N ALA A 713 7.08 18.17 -18.71
CA ALA A 713 6.24 18.01 -19.88
C ALA A 713 5.46 19.26 -20.28
N LEU A 714 5.39 20.24 -19.42
CA LEU A 714 4.74 21.55 -19.77
C LEU A 714 5.67 22.37 -20.70
N LEU A 715 6.96 22.00 -20.75
CA LEU A 715 7.92 22.57 -21.64
C LEU A 715 8.41 21.63 -22.73
N ASP A 716 8.65 20.38 -22.40
CA ASP A 716 9.25 19.46 -23.35
C ASP A 716 8.81 18.04 -23.02
N PHE A 717 7.96 17.48 -23.86
CA PHE A 717 7.36 16.17 -23.61
C PHE A 717 8.42 15.04 -23.55
N ALA A 718 9.28 15.02 -24.55
CA ALA A 718 10.31 13.97 -24.59
C ALA A 718 11.30 14.08 -23.44
N ALA A 719 11.70 15.28 -23.08
CA ALA A 719 12.63 15.47 -21.97
C ALA A 719 12.01 14.95 -20.67
N SER A 720 10.74 15.15 -20.50
CA SER A 720 10.05 14.66 -19.24
C SER A 720 10.12 13.14 -19.18
N ALA A 721 10.00 12.45 -20.31
CA ALA A 721 9.99 10.99 -20.31
C ALA A 721 11.41 10.47 -20.13
N ARG A 722 12.38 11.16 -20.77
CA ARG A 722 13.79 10.76 -20.59
C ARG A 722 14.22 10.95 -19.14
N LEU A 723 13.81 12.03 -18.52
CA LEU A 723 14.16 12.26 -17.10
C LEU A 723 13.51 11.23 -16.15
N ALA A 724 12.29 10.79 -16.47
CA ALA A 724 11.65 9.76 -15.63
C ALA A 724 12.47 8.49 -15.66
N VAL A 725 12.95 8.10 -16.86
CA VAL A 725 13.81 6.89 -16.95
C VAL A 725 15.13 7.13 -16.26
N GLY A 726 15.72 8.30 -16.47
CA GLY A 726 17.00 8.61 -15.88
C GLY A 726 16.98 8.63 -14.35
N GLU A 727 15.96 9.26 -13.82
CA GLU A 727 15.84 9.32 -12.38
C GLU A 727 15.58 7.95 -11.77
N ALA A 728 14.77 7.09 -12.39
CA ALA A 728 14.61 5.73 -11.88
C ALA A 728 16.01 5.08 -11.75
N LEU A 729 16.87 5.31 -12.73
CA LEU A 729 18.21 4.74 -12.67
CA LEU A 729 18.19 4.75 -12.70
C LEU A 729 19.05 5.40 -11.61
N THR A 730 18.98 6.74 -11.49
CA THR A 730 19.82 7.33 -10.47
C THR A 730 19.37 7.03 -9.01
N ASN A 731 18.07 6.84 -8.81
CA ASN A 731 17.52 6.40 -7.54
C ASN A 731 17.98 4.96 -7.17
N ILE A 732 18.17 4.10 -8.17
CA ILE A 732 18.52 2.69 -7.91
C ILE A 732 20.00 2.41 -7.90
N ALA A 733 20.79 3.39 -8.38
CA ALA A 733 22.18 3.14 -8.78
C ALA A 733 23.16 2.68 -7.69
N ALA A 734 22.89 2.98 -6.40
CA ALA A 734 23.82 2.60 -5.32
C ALA A 734 23.35 1.34 -4.66
N THR A 735 22.83 0.42 -5.47
CA THR A 735 22.39 -0.94 -5.07
C THR A 735 23.16 -1.89 -5.97
N GLN A 736 23.53 -3.05 -5.43
CA GLN A 736 24.42 -3.98 -6.16
C GLN A 736 23.66 -4.91 -7.09
N ILE A 737 23.61 -4.50 -8.33
CA ILE A 737 22.88 -5.18 -9.39
C ILE A 737 23.75 -5.80 -10.50
N GLY A 738 24.71 -5.05 -11.00
CA GLY A 738 25.60 -5.43 -12.10
C GLY A 738 25.06 -4.94 -13.42
N ASP A 739 24.87 -5.86 -14.35
CA ASP A 739 24.43 -5.57 -15.73
C ASP A 739 23.18 -4.67 -15.73
N ILE A 740 23.25 -3.57 -16.45
CA ILE A 740 22.08 -2.68 -16.53
C ILE A 740 20.87 -3.44 -17.12
N LYS A 741 21.11 -4.49 -17.95
CA LYS A 741 20.04 -5.21 -18.55
C LYS A 741 19.21 -5.99 -17.55
N ARG A 742 19.70 -6.10 -16.32
CA ARG A 742 18.88 -6.66 -15.20
C ARG A 742 17.71 -5.71 -14.84
N ILE A 743 17.80 -4.47 -15.20
CA ILE A 743 16.77 -3.48 -14.72
C ILE A 743 15.63 -3.48 -15.65
N LYS A 744 14.44 -3.67 -15.13
CA LYS A 744 13.22 -3.72 -15.94
C LYS A 744 12.28 -2.68 -15.52
N LEU A 745 11.60 -2.06 -16.49
CA LEU A 745 10.71 -0.90 -16.17
C LEU A 745 9.26 -1.14 -16.34
N SER A 746 8.44 -0.55 -15.47
CA SER A 746 7.05 -0.29 -15.84
C SER A 746 6.92 1.16 -16.26
N ALA A 747 6.17 1.39 -17.35
CA ALA A 747 5.88 2.71 -17.83
C ALA A 747 4.38 3.01 -17.76
N ASN A 748 4.05 3.92 -16.85
CA ASN A 748 2.66 4.30 -16.55
C ASN A 748 2.42 5.69 -17.11
N TRP A 749 1.54 5.76 -18.11
CA TRP A 749 1.35 6.98 -18.85
C TRP A 749 0.04 7.66 -18.47
N MET A 750 0.13 8.83 -17.92
CA MET A 750 -1.07 9.64 -17.62
C MET A 750 -1.10 10.85 -18.53
N ALA A 751 -2.24 11.09 -19.19
CA ALA A 751 -2.39 12.23 -20.11
C ALA A 751 -3.83 12.65 -20.23
N ALA A 752 -4.03 13.87 -20.69
CA ALA A 752 -5.32 14.35 -21.07
C ALA A 752 -5.44 14.23 -22.62
N ALA A 753 -5.68 13.05 -23.11
CA ALA A 753 -5.72 12.80 -24.53
C ALA A 753 -6.78 13.71 -25.13
N GLY A 754 -6.43 14.33 -26.25
CA GLY A 754 -7.37 15.28 -26.93
C GLY A 754 -7.14 16.72 -26.54
N HIS A 755 -6.47 17.00 -25.41
CA HIS A 755 -6.10 18.36 -25.07
C HIS A 755 -5.06 18.85 -26.07
N PRO A 756 -5.17 20.09 -26.54
CA PRO A 756 -4.20 20.54 -27.55
C PRO A 756 -2.76 20.33 -27.17
N GLY A 757 -2.03 19.74 -28.11
CA GLY A 757 -0.64 19.39 -27.93
C GLY A 757 -0.31 18.10 -27.19
N GLU A 758 -1.22 17.60 -26.39
CA GLU A 758 -0.91 16.39 -25.59
C GLU A 758 -0.81 15.16 -26.38
N ASP A 759 -1.60 14.99 -27.46
CA ASP A 759 -1.51 13.76 -28.17
C ASP A 759 -0.18 13.60 -28.88
N ALA A 760 0.21 14.62 -29.67
CA ALA A 760 1.53 14.57 -30.28
C ALA A 760 2.62 14.44 -29.27
N GLY A 761 2.42 15.08 -28.12
CA GLY A 761 3.47 15.00 -27.06
C GLY A 761 3.59 13.59 -26.48
N LEU A 762 2.45 12.93 -26.26
CA LEU A 762 2.39 11.57 -25.83
C LEU A 762 3.20 10.69 -26.82
N TYR A 763 2.93 10.81 -28.12
CA TYR A 763 3.62 9.98 -29.12
C TYR A 763 5.08 10.25 -29.06
N ASP A 764 5.47 11.54 -28.95
CA ASP A 764 6.87 11.86 -28.98
C ASP A 764 7.58 11.32 -27.74
N ALA A 765 6.88 11.35 -26.64
CA ALA A 765 7.45 10.84 -25.37
C ALA A 765 7.59 9.34 -25.39
N VAL A 766 6.60 8.63 -25.87
CA VAL A 766 6.69 7.17 -26.02
C VAL A 766 7.80 6.78 -26.94
N LYS A 767 7.95 7.53 -28.02
CA LYS A 767 9.00 7.25 -28.97
C LYS A 767 10.39 7.51 -28.37
N ALA A 768 10.49 8.61 -27.61
CA ALA A 768 11.71 9.01 -26.93
C ALA A 768 12.27 7.90 -26.01
N VAL A 769 11.39 7.18 -25.32
CA VAL A 769 11.85 6.14 -24.45
C VAL A 769 11.80 4.77 -25.07
N GLY A 770 10.78 4.48 -25.86
CA GLY A 770 10.67 3.17 -26.41
C GLY A 770 11.52 2.84 -27.63
N GLU A 771 11.57 3.80 -28.53
CA GLU A 771 12.40 3.63 -29.73
C GLU A 771 13.84 4.06 -29.56
N GLU A 772 14.11 4.94 -28.58
CA GLU A 772 15.41 5.59 -28.50
C GLU A 772 16.14 5.26 -27.20
N LEU A 773 15.77 5.93 -26.12
CA LEU A 773 16.61 5.88 -24.89
C LEU A 773 16.67 4.46 -24.31
N CYS A 774 15.53 3.79 -24.09
CA CYS A 774 15.57 2.48 -23.46
C CYS A 774 16.33 1.43 -24.28
N PRO A 775 16.12 1.38 -25.63
CA PRO A 775 16.95 0.42 -26.43
C PRO A 775 18.44 0.76 -26.36
N GLN A 776 18.79 2.03 -26.41
CA GLN A 776 20.20 2.39 -26.39
CA GLN A 776 20.21 2.44 -26.40
C GLN A 776 20.85 2.02 -25.07
N LEU A 777 20.10 2.12 -23.94
CA LEU A 777 20.63 1.77 -22.64
C LEU A 777 20.60 0.28 -22.32
N GLY A 778 19.73 -0.42 -23.00
CA GLY A 778 19.47 -1.83 -22.77
C GLY A 778 18.41 -2.03 -21.65
N LEU A 779 17.43 -1.14 -21.58
CA LEU A 779 16.33 -1.28 -20.62
C LEU A 779 15.08 -1.73 -21.27
N THR A 780 14.55 -2.84 -20.80
CA THR A 780 13.27 -3.31 -21.25
C THR A 780 12.11 -2.65 -20.48
N ILE A 781 10.98 -2.37 -21.14
CA ILE A 781 9.76 -1.99 -20.53
C ILE A 781 8.76 -3.15 -20.78
N PRO A 782 8.73 -4.19 -19.89
CA PRO A 782 7.88 -5.39 -20.13
C PRO A 782 6.50 -5.26 -19.60
N VAL A 783 6.17 -4.11 -19.00
CA VAL A 783 4.84 -3.89 -18.39
C VAL A 783 4.54 -2.43 -18.31
N GLY A 784 3.24 -2.13 -18.27
CA GLY A 784 2.84 -0.74 -18.29
C GLY A 784 1.38 -0.54 -18.26
N LYS A 785 0.93 0.72 -18.19
CA LYS A 785 -0.51 0.98 -18.27
C LYS A 785 -0.69 2.39 -18.70
N ASP A 786 -1.90 2.73 -19.05
CA ASP A 786 -2.21 4.13 -19.45
C ASP A 786 -3.53 4.61 -18.91
N SER A 787 -3.60 5.88 -18.62
CA SER A 787 -4.79 6.53 -18.10
C SER A 787 -4.91 7.87 -18.86
N MET A 788 -5.94 8.00 -19.66
CA MET A 788 -5.89 8.98 -20.77
C MET A 788 -6.88 10.11 -20.69
N SER A 789 -7.48 10.33 -19.54
CA SER A 789 -8.41 11.45 -19.36
C SER A 789 -8.09 12.31 -18.11
N MET A 790 -6.83 12.71 -18.01
CA MET A 790 -6.31 13.47 -16.88
C MET A 790 -6.59 14.96 -16.97
N LYS A 791 -7.87 15.29 -16.87
CA LYS A 791 -8.37 16.67 -16.95
C LYS A 791 -9.69 16.72 -16.27
N THR A 792 -9.98 17.89 -15.69
CA THR A 792 -11.19 18.13 -14.99
C THR A 792 -11.78 19.44 -15.50
N ARG A 793 -13.09 19.45 -15.63
CA ARG A 793 -13.83 20.64 -16.14
C ARG A 793 -14.98 20.98 -15.20
N TRP A 794 -15.22 22.24 -15.01
CA TRP A 794 -16.40 22.65 -14.23
C TRP A 794 -16.76 24.10 -14.55
N GLN A 795 -17.94 24.50 -14.05
CA GLN A 795 -18.36 25.93 -14.11
C GLN A 795 -18.00 26.65 -12.81
N GLU A 796 -17.28 27.76 -12.91
CA GLU A 796 -16.72 28.49 -11.77
C GLU A 796 -17.30 29.86 -11.94
N GLY A 797 -18.19 30.26 -11.04
CA GLY A 797 -19.10 31.36 -11.36
C GLY A 797 -19.76 31.19 -12.72
N ASN A 798 -19.51 32.15 -13.62
CA ASN A 798 -20.09 32.20 -14.94
C ASN A 798 -19.32 31.47 -16.02
N GLU A 799 -18.05 31.18 -15.75
CA GLU A 799 -17.15 30.74 -16.78
C GLU A 799 -16.87 29.23 -16.71
N GLN A 800 -16.50 28.66 -17.86
CA GLN A 800 -16.02 27.30 -17.97
C GLN A 800 -14.59 27.35 -17.40
N ARG A 801 -14.35 26.47 -16.50
CA ARG A 801 -12.94 26.25 -16.04
CA ARG A 801 -12.97 26.29 -15.95
C ARG A 801 -12.40 24.76 -16.23
N GLU A 802 -11.10 24.75 -16.43
CA GLU A 802 -10.47 23.50 -16.73
C GLU A 802 -9.11 23.39 -16.01
N MET A 803 -8.80 22.20 -15.54
CA MET A 803 -7.50 21.91 -14.91
C MET A 803 -6.98 20.60 -15.57
N THR A 804 -5.86 20.73 -16.28
CA THR A 804 -5.34 19.70 -17.13
C THR A 804 -3.99 19.29 -16.67
N SER A 805 -3.78 17.98 -16.52
CA SER A 805 -2.43 17.52 -16.09
C SER A 805 -1.42 17.75 -17.19
N PRO A 806 -0.14 18.01 -16.84
CA PRO A 806 0.94 17.70 -17.76
C PRO A 806 0.92 16.24 -18.15
N LEU A 807 1.51 15.91 -19.30
CA LEU A 807 1.83 14.52 -19.59
C LEU A 807 2.69 14.00 -18.40
N SER A 808 2.27 12.86 -17.82
CA SER A 808 2.86 12.40 -16.56
C SER A 808 3.25 10.94 -16.76
N LEU A 809 4.46 10.72 -17.20
CA LEU A 809 5.01 9.37 -17.23
C LEU A 809 5.58 9.07 -15.82
N VAL A 810 5.20 7.92 -15.27
CA VAL A 810 5.91 7.44 -14.05
C VAL A 810 6.57 6.17 -14.46
N ILE A 811 7.87 6.11 -14.23
CA ILE A 811 8.67 4.91 -14.47
C ILE A 811 8.97 4.25 -13.13
N SER A 812 8.63 2.97 -13.01
CA SER A 812 9.11 2.16 -11.84
C SER A 812 10.20 1.21 -12.39
N ALA A 813 11.32 1.13 -11.70
CA ALA A 813 12.42 0.22 -12.06
C ALA A 813 12.49 -0.90 -11.03
N PHE A 814 12.74 -2.11 -11.51
CA PHE A 814 12.76 -3.35 -10.72
C PHE A 814 14.01 -4.10 -11.12
N ALA A 815 14.70 -4.66 -10.15
CA ALA A 815 15.91 -5.41 -10.44
C ALA A 815 16.22 -6.46 -9.44
N ARG A 816 16.80 -7.53 -9.93
CA ARG A 816 17.36 -8.54 -9.07
C ARG A 816 18.65 -7.90 -8.48
N VAL A 817 18.90 -8.11 -7.21
CA VAL A 817 20.01 -7.56 -6.46
C VAL A 817 21.00 -8.69 -6.08
N GLU A 818 22.27 -8.47 -6.35
CA GLU A 818 23.38 -9.43 -6.10
C GLU A 818 23.79 -9.55 -4.63
N ASP A 819 23.71 -8.45 -3.86
CA ASP A 819 23.97 -8.52 -2.44
C ASP A 819 23.32 -7.31 -1.78
N VAL A 820 22.25 -7.58 -1.03
CA VAL A 820 21.53 -6.48 -0.38
C VAL A 820 22.37 -5.77 0.66
N ARG A 821 23.42 -6.41 1.16
CA ARG A 821 24.25 -5.78 2.19
C ARG A 821 25.04 -4.59 1.70
N HIS A 822 25.19 -4.43 0.41
CA HIS A 822 26.11 -3.47 -0.14
C HIS A 822 25.47 -2.20 -0.63
N THR A 823 24.18 -2.13 -0.36
CA THR A 823 23.35 -0.95 -0.65
C THR A 823 23.85 0.31 0.07
N LEU A 824 23.96 1.43 -0.63
CA LEU A 824 24.34 2.71 0.06
C LEU A 824 23.09 3.57 0.21
N THR A 825 23.15 4.44 1.25
CA THR A 825 22.06 5.38 1.48
C THR A 825 22.62 6.78 1.52
N PRO A 826 21.74 7.75 1.76
CA PRO A 826 22.24 9.12 1.86
C PRO A 826 22.88 9.47 3.20
N GLN A 827 23.00 8.52 4.11
CA GLN A 827 23.58 8.82 5.44
C GLN A 827 25.07 9.11 5.35
N LEU A 828 25.43 10.40 5.40
CA LEU A 828 26.85 10.78 5.42
C LEU A 828 27.60 10.24 6.64
N SER A 829 28.84 9.83 6.41
CA SER A 829 29.85 9.59 7.43
C SER A 829 30.62 10.92 7.73
N THR A 830 31.11 11.03 8.97
CA THR A 830 32.05 12.14 9.22
C THR A 830 33.46 11.66 9.36
N GLU A 831 33.73 10.40 9.08
CA GLU A 831 35.15 9.98 8.92
C GLU A 831 35.76 10.89 7.81
N ASP A 832 37.07 10.98 7.80
CA ASP A 832 37.69 11.75 6.69
CA ASP A 832 37.76 11.77 6.72
C ASP A 832 37.16 11.36 5.22
N ASN A 833 36.64 12.38 4.57
CA ASN A 833 35.82 12.09 3.39
C ASN A 833 35.91 13.15 2.33
N ALA A 834 35.48 12.79 1.14
CA ALA A 834 35.28 13.65 0.03
C ALA A 834 33.87 13.52 -0.53
N LEU A 835 33.27 14.65 -0.79
CA LEU A 835 31.97 14.76 -1.50
C LEU A 835 32.24 15.12 -2.95
N LEU A 836 31.72 14.29 -3.89
CA LEU A 836 31.91 14.54 -5.33
C LEU A 836 30.57 14.61 -5.95
N LEU A 837 30.34 15.69 -6.70
CA LEU A 837 29.16 15.79 -7.55
C LEU A 837 29.44 15.09 -8.88
N ILE A 838 28.48 14.29 -9.32
CA ILE A 838 28.43 13.77 -10.69
C ILE A 838 27.30 14.54 -11.37
N ASP A 839 27.71 15.51 -12.22
CA ASP A 839 26.71 16.43 -12.86
C ASP A 839 26.45 15.95 -14.24
N LEU A 840 25.44 15.09 -14.41
CA LEU A 840 25.12 14.61 -15.74
C LEU A 840 24.42 15.66 -16.61
N GLY A 841 24.11 16.80 -15.99
CA GLY A 841 23.73 17.95 -16.78
C GLY A 841 24.79 18.62 -17.65
N LYS A 842 26.04 18.25 -17.41
CA LYS A 842 27.19 18.78 -18.19
C LYS A 842 27.26 20.30 -18.16
N GLY A 843 26.86 20.87 -17.04
CA GLY A 843 26.88 22.31 -16.85
C GLY A 843 25.75 23.09 -17.50
N HIS A 844 24.76 22.41 -18.09
CA HIS A 844 23.58 23.05 -18.62
C HIS A 844 22.80 23.78 -17.53
N ASN A 845 22.75 23.19 -16.33
CA ASN A 845 22.15 23.89 -15.19
C ASN A 845 20.75 24.45 -15.50
N ALA A 846 19.92 23.69 -16.18
CA ALA A 846 18.55 24.16 -16.59
C ALA A 846 17.68 24.46 -15.40
N LEU A 847 16.92 25.54 -15.52
CA LEU A 847 15.97 25.88 -14.43
C LEU A 847 14.52 25.79 -14.81
N GLY A 848 14.20 25.55 -16.08
CA GLY A 848 12.83 25.41 -16.45
C GLY A 848 12.14 24.17 -15.80
N ALA A 849 10.91 24.37 -15.38
CA ALA A 849 10.11 23.28 -14.80
C ALA A 849 10.81 22.63 -13.62
N THR A 850 11.48 23.44 -12.80
CA THR A 850 12.01 22.99 -11.56
C THR A 850 11.14 23.31 -10.34
N ALA A 851 11.45 22.71 -9.20
CA ALA A 851 10.84 23.11 -7.90
C ALA A 851 11.07 24.62 -7.68
N LEU A 852 12.30 25.08 -8.00
CA LEU A 852 12.62 26.52 -7.92
C LEU A 852 11.58 27.35 -8.70
N ALA A 853 11.39 27.05 -9.96
CA ALA A 853 10.45 27.81 -10.78
C ALA A 853 9.04 27.74 -10.17
N GLN A 854 8.60 26.53 -9.83
CA GLN A 854 7.29 26.34 -9.27
C GLN A 854 6.99 27.18 -8.02
N VAL A 855 7.94 27.23 -7.11
CA VAL A 855 7.71 27.95 -5.86
C VAL A 855 7.68 29.49 -6.03
N TYR A 856 8.12 29.98 -7.19
CA TYR A 856 7.89 31.35 -7.58
C TYR A 856 6.86 31.52 -8.66
N ARG A 857 5.97 30.53 -8.83
CA ARG A 857 4.80 30.60 -9.72
C ARG A 857 5.22 30.76 -11.20
N GLN A 858 6.30 30.10 -11.62
CA GLN A 858 6.77 30.23 -12.96
C GLN A 858 7.04 28.85 -13.54
N LEU A 859 7.20 28.79 -14.86
CA LEU A 859 7.65 27.61 -15.58
C LEU A 859 9.05 27.71 -16.08
N GLY A 860 9.51 28.91 -16.39
CA GLY A 860 10.87 29.11 -16.90
C GLY A 860 10.98 28.70 -18.37
N ASP A 861 12.22 28.48 -18.79
CA ASP A 861 12.58 28.50 -20.21
CA ASP A 861 12.48 28.47 -20.24
C ASP A 861 12.77 27.09 -20.79
N LYS A 862 13.85 26.45 -20.34
CA LYS A 862 14.27 25.15 -20.85
C LYS A 862 14.52 24.23 -19.62
N PRO A 863 14.00 23.02 -19.65
CA PRO A 863 14.11 22.10 -18.53
C PRO A 863 15.37 21.28 -18.65
N ALA A 864 15.62 20.45 -17.66
CA ALA A 864 16.64 19.44 -17.82
C ALA A 864 16.29 18.40 -18.86
N ASP A 865 17.23 17.52 -19.13
CA ASP A 865 17.04 16.42 -20.05
C ASP A 865 18.21 15.45 -19.95
N VAL A 866 18.02 14.24 -20.43
CA VAL A 866 19.16 13.34 -20.59
C VAL A 866 20.16 14.02 -21.60
N ARG A 867 21.35 14.37 -21.19
CA ARG A 867 22.21 15.13 -22.02
C ARG A 867 23.07 14.24 -22.89
N ASP A 868 23.29 13.02 -22.48
CA ASP A 868 24.34 12.20 -23.11
C ASP A 868 24.07 10.78 -22.72
N VAL A 869 23.60 9.99 -23.66
CA VAL A 869 23.17 8.64 -23.32
C VAL A 869 24.33 7.77 -22.84
N ALA A 870 25.42 7.77 -23.60
CA ALA A 870 26.65 7.05 -23.17
C ALA A 870 27.10 7.39 -21.73
N GLN A 871 27.06 8.68 -21.39
CA GLN A 871 27.41 9.08 -20.04
C GLN A 871 26.40 8.62 -18.94
N LEU A 872 25.13 8.50 -19.32
CA LEU A 872 24.16 8.00 -18.39
C LEU A 872 24.46 6.50 -18.10
N LYS A 873 24.68 5.75 -19.17
CA LYS A 873 25.08 4.40 -19.01
C LYS A 873 26.41 4.31 -18.24
N GLY A 874 27.36 5.15 -18.56
CA GLY A 874 28.66 5.20 -17.90
C GLY A 874 28.55 5.48 -16.39
N PHE A 875 27.68 6.43 -16.06
CA PHE A 875 27.32 6.71 -14.65
C PHE A 875 26.85 5.46 -13.94
N TYR A 876 25.91 4.77 -14.54
CA TYR A 876 25.36 3.56 -13.94
C TYR A 876 26.41 2.53 -13.74
N ASP A 877 27.16 2.24 -14.79
CA ASP A 877 28.23 1.20 -14.72
C ASP A 877 29.29 1.62 -13.73
N ALA A 878 29.65 2.92 -13.67
CA ALA A 878 30.64 3.35 -12.73
C ALA A 878 30.17 3.14 -11.25
N MET A 879 28.92 3.56 -11.01
CA MET A 879 28.32 3.30 -9.72
C MET A 879 28.30 1.83 -9.37
N GLN A 880 27.92 0.99 -10.31
CA GLN A 880 27.95 -0.45 -10.02
C GLN A 880 29.37 -0.96 -9.66
N ALA A 881 30.37 -0.44 -10.35
CA ALA A 881 31.76 -0.82 -10.02
C ALA A 881 32.14 -0.34 -8.61
N LEU A 882 31.77 0.87 -8.28
CA LEU A 882 32.04 1.47 -6.92
C LEU A 882 31.33 0.77 -5.82
N VAL A 883 30.08 0.37 -6.06
CA VAL A 883 29.30 -0.37 -5.10
C VAL A 883 29.92 -1.70 -4.82
N ALA A 884 30.24 -2.43 -5.88
CA ALA A 884 30.70 -3.80 -5.68
C ALA A 884 32.10 -3.75 -5.00
N ALA A 885 32.88 -2.72 -5.28
CA ALA A 885 34.22 -2.59 -4.72
C ALA A 885 34.20 -1.90 -3.35
N ARG A 886 33.02 -1.59 -2.83
CA ARG A 886 32.85 -1.04 -1.48
CA ARG A 886 32.86 -1.04 -1.48
C ARG A 886 33.54 0.31 -1.32
N LYS A 887 33.54 1.12 -2.39
CA LYS A 887 34.28 2.38 -2.39
C LYS A 887 33.41 3.59 -2.04
N LEU A 888 32.10 3.35 -1.84
CA LEU A 888 31.17 4.45 -1.49
C LEU A 888 30.82 4.39 -0.02
N LEU A 889 30.87 5.56 0.62
CA LEU A 889 30.30 5.76 1.95
C LEU A 889 28.80 6.10 1.90
N ALA A 890 28.41 6.86 0.90
CA ALA A 890 27.03 7.27 0.74
C ALA A 890 26.76 7.65 -0.69
N TRP A 891 25.48 7.71 -1.02
CA TRP A 891 24.99 8.24 -2.29
C TRP A 891 23.64 8.87 -2.12
N HIS A 892 23.44 9.99 -2.81
CA HIS A 892 22.11 10.54 -2.93
C HIS A 892 21.99 11.17 -4.25
N ASP A 893 20.93 10.89 -5.00
CA ASP A 893 20.82 11.45 -6.36
C ASP A 893 20.12 12.84 -6.30
N ARG A 894 20.26 13.57 -7.38
CA ARG A 894 19.67 14.85 -7.62
C ARG A 894 18.39 14.74 -8.35
N SER A 895 17.31 15.38 -7.81
CA SER A 895 16.01 15.34 -8.42
C SER A 895 15.29 16.64 -7.98
N ASP A 896 14.08 16.55 -7.45
CA ASP A 896 13.37 17.78 -7.09
C ASP A 896 14.24 18.56 -6.12
N GLY A 897 14.34 19.87 -6.36
CA GLY A 897 15.10 20.77 -5.45
C GLY A 897 16.62 20.83 -5.63
N GLY A 898 17.13 20.07 -6.61
CA GLY A 898 18.50 20.19 -7.07
C GLY A 898 19.56 19.69 -6.11
N LEU A 899 20.77 20.09 -6.38
CA LEU A 899 21.94 19.83 -5.57
C LEU A 899 21.72 20.34 -4.16
N LEU A 900 21.09 21.51 -4.01
CA LEU A 900 20.82 22.06 -2.69
C LEU A 900 20.10 20.97 -1.81
N VAL A 901 19.00 20.47 -2.30
CA VAL A 901 18.18 19.51 -1.55
C VAL A 901 18.95 18.19 -1.38
N THR A 902 19.67 17.77 -2.45
CA THR A 902 20.49 16.55 -2.26
C THR A 902 21.43 16.67 -1.06
N LEU A 903 22.22 17.75 -1.00
CA LEU A 903 23.15 17.96 0.08
C LEU A 903 22.47 18.09 1.43
N ALA A 904 21.39 18.88 1.44
CA ALA A 904 20.61 19.02 2.63
C ALA A 904 20.13 17.68 3.21
N GLU A 905 19.52 16.88 2.32
CA GLU A 905 19.01 15.57 2.76
C GLU A 905 20.09 14.64 3.27
N MET A 906 21.25 14.64 2.62
CA MET A 906 22.39 13.88 3.14
C MET A 906 22.81 14.34 4.54
N ALA A 907 22.86 15.68 4.71
CA ALA A 907 23.22 16.24 6.04
C ALA A 907 22.17 15.88 7.09
N PHE A 908 20.90 15.81 6.68
CA PHE A 908 19.84 15.40 7.61
C PHE A 908 20.01 13.94 8.02
N ALA A 909 20.21 13.09 7.00
CA ALA A 909 20.43 11.67 7.31
C ALA A 909 21.70 11.33 8.12
N GLY A 910 22.82 12.06 7.88
CA GLY A 910 24.05 11.88 8.63
C GLY A 910 24.12 12.70 9.91
N HIS A 911 23.08 13.52 10.15
CA HIS A 911 22.98 14.40 11.32
C HIS A 911 24.30 15.13 11.53
N CYS A 912 24.68 15.79 10.46
CA CYS A 912 25.97 16.49 10.38
C CYS A 912 25.89 17.70 9.52
N GLY A 913 27.09 18.28 9.25
CA GLY A 913 27.23 19.45 8.42
C GLY A 913 27.93 19.15 7.13
N VAL A 914 27.89 20.15 6.21
CA VAL A 914 28.75 20.12 5.04
C VAL A 914 29.44 21.46 4.83
N GLN A 915 30.60 21.37 4.21
CA GLN A 915 31.33 22.55 3.76
C GLN A 915 31.63 22.29 2.30
N VAL A 916 30.92 22.98 1.42
CA VAL A 916 31.09 22.72 -0.01
CA VAL A 916 30.88 22.71 -0.03
C VAL A 916 31.27 23.99 -0.80
N ASP A 917 32.03 23.88 -1.87
CA ASP A 917 32.30 24.99 -2.73
C ASP A 917 31.78 24.68 -4.09
N ILE A 918 31.11 25.66 -4.70
CA ILE A 918 30.46 25.49 -5.99
C ILE A 918 31.05 26.35 -7.15
N ALA A 919 32.25 26.87 -6.93
CA ALA A 919 32.86 27.77 -7.97
C ALA A 919 33.07 27.09 -9.29
N ALA A 920 33.28 25.79 -9.30
CA ALA A 920 33.43 25.10 -10.58
C ALA A 920 32.17 24.79 -11.34
N LEU A 921 31.00 25.10 -10.77
CA LEU A 921 29.71 24.74 -11.37
C LEU A 921 29.04 25.84 -12.15
N GLY A 922 29.78 26.93 -12.43
CA GLY A 922 29.26 28.04 -13.19
C GLY A 922 29.20 29.32 -12.33
N ASP A 923 29.08 30.44 -13.01
CA ASP A 923 28.92 31.70 -12.28
C ASP A 923 27.51 31.91 -11.76
N ASP A 924 26.56 31.20 -12.29
CA ASP A 924 25.17 31.36 -11.91
C ASP A 924 24.88 30.39 -10.66
N HIS A 925 25.02 30.88 -9.44
CA HIS A 925 24.93 29.99 -8.29
C HIS A 925 23.54 29.49 -8.09
N LEU A 926 22.55 30.28 -8.44
CA LEU A 926 21.15 29.78 -8.33
C LEU A 926 20.93 28.58 -9.20
N ALA A 927 21.34 28.70 -10.47
CA ALA A 927 21.21 27.59 -11.40
C ALA A 927 22.07 26.37 -11.02
N ALA A 928 23.28 26.58 -10.50
CA ALA A 928 24.10 25.47 -10.06
C ALA A 928 23.44 24.69 -8.89
N LEU A 929 22.80 25.38 -7.97
CA LEU A 929 22.23 24.74 -6.81
C LEU A 929 20.83 24.17 -7.02
N PHE A 930 20.02 24.80 -7.89
CA PHE A 930 18.63 24.40 -8.05
C PHE A 930 18.29 23.71 -9.34
N ASN A 931 19.24 23.56 -10.31
CA ASN A 931 18.84 22.75 -11.46
C ASN A 931 18.57 21.31 -11.01
N GLU A 932 17.74 20.64 -11.76
CA GLU A 932 17.32 19.28 -11.51
C GLU A 932 17.80 18.32 -12.63
N GLU A 933 18.98 18.58 -13.13
CA GLU A 933 19.67 17.72 -14.04
C GLU A 933 19.94 16.41 -13.33
N LEU A 934 20.17 15.36 -14.14
CA LEU A 934 20.48 14.11 -13.57
C LEU A 934 21.83 14.10 -12.87
N GLY A 935 21.99 13.12 -11.99
CA GLY A 935 23.26 12.93 -11.29
C GLY A 935 23.10 12.83 -9.80
N GLY A 936 24.13 13.29 -9.04
CA GLY A 936 24.05 13.22 -7.62
C GLY A 936 25.38 13.39 -6.94
N VAL A 937 25.38 13.15 -5.62
CA VAL A 937 26.58 13.26 -4.82
C VAL A 937 26.96 11.92 -4.24
N ILE A 938 28.17 11.53 -4.53
CA ILE A 938 28.80 10.40 -3.81
C ILE A 938 29.70 10.92 -2.70
N GLN A 939 29.73 10.18 -1.58
CA GLN A 939 30.70 10.40 -0.54
C GLN A 939 31.64 9.19 -0.53
N VAL A 940 32.95 9.47 -0.50
CA VAL A 940 34.00 8.47 -0.43
C VAL A 940 34.98 8.78 0.68
N ARG A 941 35.75 7.79 1.09
CA ARG A 941 36.80 8.02 2.05
C ARG A 941 37.82 8.96 1.41
N ALA A 942 38.40 9.86 2.16
CA ALA A 942 39.34 10.82 1.59
C ALA A 942 40.51 10.14 0.85
N GLU A 943 40.96 9.04 1.41
CA GLU A 943 42.08 8.28 0.88
C GLU A 943 41.72 7.62 -0.46
N ASP A 944 40.42 7.54 -0.78
CA ASP A 944 39.98 6.93 -2.03
C ASP A 944 39.66 7.93 -3.09
N ARG A 945 39.77 9.21 -2.81
CA ARG A 945 39.33 10.18 -3.76
C ARG A 945 39.97 10.07 -5.17
N ASP A 946 41.29 10.02 -5.21
CA ASP A 946 41.99 9.97 -6.50
C ASP A 946 41.59 8.72 -7.29
N ALA A 947 41.50 7.58 -6.63
CA ALA A 947 41.15 6.30 -7.30
C ALA A 947 39.72 6.36 -7.81
N VAL A 948 38.84 6.95 -7.01
CA VAL A 948 37.42 7.11 -7.45
C VAL A 948 37.30 8.04 -8.66
N GLU A 949 38.02 9.14 -8.62
CA GLU A 949 38.00 10.05 -9.74
C GLU A 949 38.53 9.38 -11.03
N ALA A 950 39.58 8.58 -10.91
CA ALA A 950 40.18 7.87 -12.04
C ALA A 950 39.17 6.84 -12.60
N LEU A 951 38.47 6.16 -11.70
CA LEU A 951 37.43 5.22 -12.09
CA LEU A 951 37.44 5.20 -12.09
C LEU A 951 36.36 5.95 -12.89
N LEU A 952 35.87 7.07 -12.36
CA LEU A 952 34.84 7.81 -13.10
C LEU A 952 35.35 8.27 -14.47
N ALA A 953 36.61 8.68 -14.52
CA ALA A 953 37.21 9.15 -15.76
C ALA A 953 37.26 8.01 -16.81
N GLN A 954 37.46 6.77 -16.36
CA GLN A 954 37.46 5.60 -17.26
CA GLN A 954 37.47 5.66 -17.31
C GLN A 954 36.13 5.41 -17.98
N TYR A 955 35.02 5.82 -17.33
CA TYR A 955 33.71 5.77 -17.89
C TYR A 955 33.32 7.06 -18.63
N GLY A 956 34.27 7.92 -18.94
CA GLY A 956 33.97 9.07 -19.79
C GLY A 956 33.39 10.26 -19.04
N LEU A 957 33.44 10.23 -17.70
CA LEU A 957 32.73 11.23 -16.88
C LEU A 957 33.55 12.37 -16.29
N ALA A 958 34.83 12.49 -16.65
CA ALA A 958 35.69 13.41 -15.88
C ALA A 958 35.17 14.81 -15.89
N ASP A 959 34.67 15.27 -17.02
CA ASP A 959 34.22 16.64 -17.08
C ASP A 959 32.90 16.94 -16.34
N CYS A 960 32.21 15.89 -15.95
CA CYS A 960 30.94 15.94 -15.15
C CYS A 960 31.27 15.84 -13.67
N VAL A 961 32.49 15.46 -13.25
CA VAL A 961 32.78 15.14 -11.88
C VAL A 961 33.40 16.37 -11.21
N HIS A 962 32.93 16.74 -10.00
CA HIS A 962 33.43 17.95 -9.32
C HIS A 962 33.56 17.68 -7.84
N TYR A 963 34.77 17.86 -7.29
CA TYR A 963 34.99 17.79 -5.85
C TYR A 963 34.31 18.98 -5.20
N LEU A 964 33.42 18.68 -4.25
CA LEU A 964 32.65 19.76 -3.62
C LEU A 964 33.24 20.16 -2.27
N GLY A 965 33.74 19.17 -1.53
CA GLY A 965 34.14 19.40 -0.20
C GLY A 965 33.94 18.21 0.72
N GLN A 966 33.49 18.47 1.96
CA GLN A 966 33.49 17.43 3.00
CA GLN A 966 33.40 17.37 2.94
C GLN A 966 32.24 17.50 3.89
N ALA A 967 31.80 16.35 4.40
CA ALA A 967 30.88 16.28 5.50
C ALA A 967 31.73 16.47 6.77
N LEU A 968 31.15 17.21 7.72
CA LEU A 968 31.85 17.55 8.99
C LEU A 968 30.89 17.36 10.15
N ALA A 969 31.40 16.95 11.27
CA ALA A 969 30.59 16.92 12.46
C ALA A 969 30.00 18.30 12.74
N GLY A 970 28.79 18.37 13.27
CA GLY A 970 28.18 19.62 13.70
C GLY A 970 26.98 19.99 12.90
N ASP A 971 26.63 21.27 12.99
CA ASP A 971 25.35 21.78 12.56
C ASP A 971 25.43 22.85 11.49
N ARG A 972 26.58 22.94 10.82
CA ARG A 972 26.70 24.00 9.79
C ARG A 972 26.58 23.46 8.35
N PHE A 973 25.69 24.07 7.61
CA PHE A 973 25.44 23.76 6.21
C PHE A 973 25.95 24.99 5.45
N VAL A 974 27.13 24.86 4.82
CA VAL A 974 27.84 26.02 4.23
C VAL A 974 28.17 25.78 2.80
N ILE A 975 27.76 26.70 1.93
CA ILE A 975 28.06 26.68 0.52
C ILE A 975 28.86 27.98 0.17
N THR A 976 30.03 27.76 -0.36
CA THR A 976 30.95 28.85 -0.76
C THR A 976 31.20 28.84 -2.25
N ALA A 977 31.80 29.93 -2.73
CA ALA A 977 32.31 30.00 -4.11
C ALA A 977 33.48 30.96 -4.03
N ASN A 978 34.65 30.34 -4.06
CA ASN A 978 35.95 30.97 -3.79
C ASN A 978 35.81 31.49 -2.38
N ASP A 979 35.96 32.77 -2.22
CA ASP A 979 35.99 33.36 -0.91
C ASP A 979 34.68 33.93 -0.53
N GLN A 980 33.62 33.77 -1.32
CA GLN A 980 32.33 34.35 -1.02
C GLN A 980 31.53 33.17 -0.29
N THR A 981 30.77 33.51 0.74
CA THR A 981 29.71 32.63 1.24
C THR A 981 28.47 32.77 0.39
N VAL A 982 28.06 31.71 -0.30
CA VAL A 982 26.84 31.76 -1.10
C VAL A 982 25.59 31.55 -0.25
N PHE A 983 25.68 30.56 0.64
CA PHE A 983 24.57 30.25 1.54
C PHE A 983 25.11 29.56 2.76
N SER A 984 24.68 29.97 3.97
CA SER A 984 25.09 29.31 5.18
C SER A 984 23.96 29.31 6.18
N GLU A 985 23.63 28.15 6.74
CA GLU A 985 22.53 28.03 7.70
C GLU A 985 22.76 26.89 8.62
N SER A 986 22.06 26.91 9.75
CA SER A 986 22.03 25.77 10.64
C SER A 986 21.39 24.61 9.92
N ARG A 987 22.02 23.43 9.99
CA ARG A 987 21.40 22.25 9.35
C ARG A 987 20.08 21.87 10.05
N THR A 988 20.04 22.01 11.37
CA THR A 988 18.81 21.77 12.13
C THR A 988 17.67 22.67 11.66
N THR A 989 17.96 23.98 11.53
CA THR A 989 16.96 24.88 10.96
C THR A 989 16.40 24.41 9.63
N LEU A 990 17.33 24.05 8.71
CA LEU A 990 16.89 23.54 7.41
C LEU A 990 15.99 22.24 7.57
N ARG A 991 16.44 21.39 8.47
CA ARG A 991 15.82 20.06 8.61
C ARG A 991 14.42 20.19 9.20
N VAL A 992 14.28 21.19 10.09
CA VAL A 992 12.92 21.51 10.62
C VAL A 992 12.02 22.18 9.61
N TRP A 993 12.52 23.14 8.79
CA TRP A 993 11.74 23.65 7.69
C TRP A 993 11.22 22.54 6.76
N TRP A 994 12.12 21.63 6.41
CA TRP A 994 11.83 20.49 5.52
C TRP A 994 10.81 19.55 6.12
N ALA A 995 10.69 19.60 7.44
CA ALA A 995 9.73 18.76 8.20
C ALA A 995 8.35 19.40 8.31
N GLU A 996 8.21 20.70 8.00
CA GLU A 996 6.97 21.41 8.34
C GLU A 996 5.75 20.91 7.63
N THR A 997 5.89 20.37 6.41
CA THR A 997 4.77 19.85 5.72
C THR A 997 4.23 18.57 6.41
N THR A 998 5.10 17.61 6.66
CA THR A 998 4.63 16.43 7.40
C THR A 998 4.09 16.76 8.76
N TRP A 999 4.72 17.69 9.46
CA TRP A 999 4.18 18.19 10.73
C TRP A 999 2.74 18.60 10.55
N GLN A 1000 2.53 19.47 9.60
CA GLN A 1000 1.18 20.04 9.44
C GLN A 1000 0.15 19.04 8.99
N MET A 1001 0.57 18.09 8.11
CA MET A 1001 -0.31 17.02 7.73
C MET A 1001 -0.64 16.12 8.97
N GLN A 1002 0.37 15.73 9.70
CA GLN A 1002 0.16 14.90 10.91
C GLN A 1002 -0.79 15.60 11.89
N ARG A 1003 -0.60 16.89 12.02
CA ARG A 1003 -1.31 17.73 12.97
C ARG A 1003 -2.80 17.81 12.69
N LEU A 1004 -3.14 17.81 11.42
CA LEU A 1004 -4.55 17.88 11.02
C LEU A 1004 -5.21 16.52 10.88
N ARG A 1005 -4.40 15.48 10.78
CA ARG A 1005 -4.89 14.14 10.58
C ARG A 1005 -4.88 13.23 11.80
N ASP A 1006 -3.93 13.48 12.68
CA ASP A 1006 -3.66 12.58 13.83
C ASP A 1006 -3.81 13.40 15.13
N ASN A 1007 -3.46 12.82 16.25
CA ASN A 1007 -3.48 13.59 17.50
C ASN A 1007 -2.45 14.67 17.40
N PRO A 1008 -2.88 15.97 17.45
CA PRO A 1008 -1.91 17.05 17.30
C PRO A 1008 -0.82 17.09 18.33
N GLN A 1009 -1.12 16.59 19.51
CA GLN A 1009 -0.03 16.46 20.54
C GLN A 1009 1.14 15.61 20.08
N CYS A 1010 0.80 14.49 19.47
CA CYS A 1010 1.80 13.57 18.92
C CYS A 1010 2.53 14.22 17.73
N ALA A 1011 1.78 14.78 16.77
CA ALA A 1011 2.38 15.48 15.68
C ALA A 1011 3.43 16.50 16.18
N ASP A 1012 3.02 17.29 17.17
CA ASP A 1012 3.90 18.29 17.76
C ASP A 1012 5.15 17.74 18.45
N GLN A 1013 4.98 16.69 19.24
CA GLN A 1013 6.08 16.05 19.88
C GLN A 1013 7.09 15.59 18.85
N GLU A 1014 6.59 15.00 17.78
CA GLU A 1014 7.48 14.38 16.77
C GLU A 1014 8.31 15.50 16.06
N HIS A 1015 7.61 16.58 15.77
CA HIS A 1015 8.21 17.71 15.06
C HIS A 1015 9.24 18.38 15.92
N GLU A 1016 8.87 18.65 17.16
CA GLU A 1016 9.75 19.39 18.05
C GLU A 1016 11.04 18.60 18.39
N ALA A 1017 10.96 17.28 18.44
CA ALA A 1017 12.11 16.50 18.73
C ALA A 1017 13.21 16.69 17.65
N LYS A 1018 12.80 16.96 16.42
CA LYS A 1018 13.72 17.14 15.31
C LYS A 1018 14.60 18.36 15.46
N ALA A 1019 14.14 19.32 16.25
CA ALA A 1019 14.90 20.54 16.53
C ALA A 1019 15.94 20.45 17.59
N ASN A 1020 16.04 19.32 18.25
CA ASN A 1020 17.08 19.07 19.27
C ASN A 1020 18.23 18.31 18.61
N ASP A 1021 19.25 19.07 18.25
CA ASP A 1021 20.46 18.53 17.63
C ASP A 1021 21.24 17.54 18.49
N THR A 1022 21.02 17.55 19.82
CA THR A 1022 21.72 16.64 20.70
C THR A 1022 21.16 15.22 20.70
N ASP A 1023 20.04 15.03 20.00
CA ASP A 1023 19.54 13.67 19.83
C ASP A 1023 20.63 12.78 19.21
N PRO A 1024 21.03 11.73 19.89
CA PRO A 1024 22.14 10.93 19.39
C PRO A 1024 21.74 9.89 18.36
N GLY A 1025 20.48 9.79 18.12
CA GLY A 1025 19.88 8.81 17.21
C GLY A 1025 19.80 7.47 17.90
N LEU A 1026 19.16 6.52 17.22
CA LEU A 1026 19.13 5.15 17.71
C LEU A 1026 20.55 4.65 18.02
N ASN A 1027 20.67 3.96 19.16
CA ASN A 1027 21.96 3.43 19.63
C ASN A 1027 21.77 2.24 20.50
N VAL A 1028 22.78 1.37 20.60
CA VAL A 1028 22.61 0.07 21.24
CA VAL A 1028 22.56 0.11 21.31
C VAL A 1028 23.44 -0.04 22.55
N LYS A 1029 22.99 -0.88 23.45
CA LYS A 1029 23.74 -1.35 24.63
C LYS A 1029 23.42 -2.79 24.75
N LEU A 1030 24.46 -3.64 24.75
CA LEU A 1030 24.18 -5.08 24.76
C LEU A 1030 24.65 -5.77 26.00
N SER A 1031 23.79 -6.57 26.64
CA SER A 1031 24.16 -7.21 27.90
C SER A 1031 24.71 -8.61 27.68
N PHE A 1032 24.81 -9.02 26.42
CA PHE A 1032 25.23 -10.38 26.02
C PHE A 1032 25.93 -10.40 24.74
N ASP A 1033 26.51 -11.55 24.40
CA ASP A 1033 27.14 -11.68 23.16
C ASP A 1033 26.14 -12.10 22.06
N ILE A 1034 25.81 -11.18 21.17
CA ILE A 1034 24.79 -11.48 20.14
C ILE A 1034 25.17 -12.56 19.14
N ASN A 1035 26.47 -12.84 19.04
CA ASN A 1035 26.97 -13.91 18.17
C ASN A 1035 27.02 -15.32 18.82
N GLU A 1036 26.72 -15.44 20.08
CA GLU A 1036 26.85 -16.73 20.74
C GLU A 1036 25.58 -17.52 20.59
N ASP A 1037 25.65 -18.58 19.79
CA ASP A 1037 24.45 -19.41 19.55
C ASP A 1037 24.30 -20.35 20.68
N ILE A 1038 23.61 -19.91 21.70
CA ILE A 1038 23.36 -20.77 22.85
C ILE A 1038 22.46 -21.98 22.57
N ALA A 1039 21.79 -22.02 21.43
CA ALA A 1039 20.97 -23.16 21.04
C ALA A 1039 21.82 -24.22 20.28
N ALA A 1040 23.02 -23.87 19.85
CA ALA A 1040 23.82 -24.77 18.96
C ALA A 1040 23.98 -26.17 19.53
N PRO A 1041 24.26 -26.30 20.82
CA PRO A 1041 24.46 -27.70 21.28
C PRO A 1041 23.19 -28.53 21.18
N TYR A 1042 22.02 -27.91 21.34
CA TYR A 1042 20.74 -28.58 21.15
C TYR A 1042 20.46 -28.88 19.68
N ILE A 1043 20.69 -27.92 18.80
CA ILE A 1043 20.48 -28.13 17.38
C ILE A 1043 21.36 -29.32 16.86
N ALA A 1044 22.59 -29.37 17.42
CA ALA A 1044 23.57 -30.38 17.03
C ALA A 1044 23.20 -31.75 17.35
N THR A 1045 22.26 -31.95 18.26
CA THR A 1045 21.67 -33.30 18.48
C THR A 1045 20.69 -33.77 17.37
N GLY A 1046 20.21 -32.90 16.46
CA GLY A 1046 19.15 -33.20 15.54
C GLY A 1046 17.79 -33.35 16.20
N ALA A 1047 17.65 -33.14 17.51
CA ALA A 1047 16.27 -33.27 18.12
C ALA A 1047 15.62 -31.86 18.03
N ARG A 1048 14.50 -31.77 17.31
CA ARG A 1048 13.90 -30.44 17.03
C ARG A 1048 12.49 -30.39 17.60
N PRO A 1049 12.31 -29.66 18.69
CA PRO A 1049 10.97 -29.54 19.19
C PRO A 1049 10.07 -28.79 18.27
N LYS A 1050 8.78 -29.13 18.26
CA LYS A 1050 7.77 -28.43 17.54
C LYS A 1050 7.39 -27.12 18.20
N VAL A 1051 7.07 -26.15 17.36
CA VAL A 1051 6.36 -24.99 17.84
C VAL A 1051 5.11 -24.83 16.98
N ALA A 1052 4.00 -24.57 17.66
CA ALA A 1052 2.75 -24.27 16.96
C ALA A 1052 2.76 -22.81 16.58
N VAL A 1053 2.86 -22.51 15.30
CA VAL A 1053 2.85 -21.15 14.83
C VAL A 1053 1.39 -20.86 14.51
N LEU A 1054 0.74 -20.20 15.42
CA LEU A 1054 -0.71 -20.04 15.35
CA LEU A 1054 -0.72 -20.03 15.37
C LEU A 1054 -1.13 -18.85 14.52
N ARG A 1055 -2.09 -19.08 13.65
CA ARG A 1055 -2.62 -18.05 12.83
C ARG A 1055 -4.16 -18.13 12.74
N GLU A 1056 -4.75 -17.05 12.31
CA GLU A 1056 -6.18 -16.89 12.15
C GLU A 1056 -6.40 -16.22 10.80
N GLN A 1057 -7.62 -16.26 10.28
CA GLN A 1057 -7.95 -15.55 9.07
C GLN A 1057 -7.55 -14.08 9.19
N GLY A 1058 -6.86 -13.59 8.17
CA GLY A 1058 -6.34 -12.21 8.14
C GLY A 1058 -4.95 -12.05 8.62
N VAL A 1059 -4.37 -13.04 9.26
CA VAL A 1059 -3.00 -12.93 9.82
C VAL A 1059 -1.96 -13.12 8.71
N ALA A 1060 -1.03 -12.17 8.62
N ALA A 1060 -1.19 -12.06 8.46
CA ALA A 1060 0.05 -12.23 7.61
CA ALA A 1060 0.20 -12.18 7.94
C ALA A 1060 1.50 -12.38 8.12
C ALA A 1060 1.20 -11.94 9.07
N SER A 1061 1.71 -12.67 9.39
N SER A 1061 2.34 -12.56 8.88
CA SER A 1061 3.07 -12.54 9.93
CA SER A 1061 3.46 -12.53 9.76
C SER A 1061 3.77 -13.90 10.24
C SER A 1061 3.77 -13.91 10.32
N HIS A 1062 3.13 -14.94 9.78
CA HIS A 1062 3.42 -16.27 10.28
C HIS A 1062 4.66 -16.95 9.67
N VAL A 1063 4.97 -16.64 8.40
CA VAL A 1063 6.11 -17.29 7.72
C VAL A 1063 7.38 -16.87 8.39
N GLU A 1064 7.59 -15.57 8.59
CA GLU A 1064 8.83 -15.14 9.20
C GLU A 1064 8.93 -15.47 10.67
N MET A 1065 7.76 -15.63 11.35
CA MET A 1065 7.76 -16.12 12.74
C MET A 1065 8.31 -17.58 12.80
N ALA A 1066 7.82 -18.40 11.88
CA ALA A 1066 8.32 -19.74 11.76
C ALA A 1066 9.81 -19.77 11.49
N ALA A 1067 10.28 -18.92 10.61
CA ALA A 1067 11.70 -18.93 10.23
C ALA A 1067 12.61 -18.57 11.42
N ALA A 1068 12.15 -17.63 12.25
CA ALA A 1068 12.91 -17.29 13.47
C ALA A 1068 13.08 -18.48 14.42
N PHE A 1069 12.00 -19.22 14.71
CA PHE A 1069 12.08 -20.37 15.51
C PHE A 1069 12.90 -21.47 14.81
N HIS A 1070 12.80 -21.53 13.48
CA HIS A 1070 13.54 -22.57 12.68
C HIS A 1070 15.01 -22.37 12.91
N ARG A 1071 15.47 -21.11 12.86
CA ARG A 1071 16.92 -20.84 13.01
C ARG A 1071 17.41 -21.25 14.41
N ALA A 1072 16.52 -21.18 15.36
CA ALA A 1072 16.82 -21.59 16.76
C ALA A 1072 16.67 -23.06 17.01
N GLY A 1073 16.30 -23.85 16.01
CA GLY A 1073 16.27 -25.31 16.09
C GLY A 1073 14.92 -26.00 16.18
N PHE A 1074 13.84 -25.19 16.04
CA PHE A 1074 12.51 -25.75 16.11
C PHE A 1074 12.00 -26.31 14.77
N ASP A 1075 11.07 -27.25 14.87
CA ASP A 1075 10.21 -27.62 13.72
C ASP A 1075 8.93 -26.81 13.88
N ALA A 1076 8.85 -25.77 13.05
CA ALA A 1076 7.69 -24.87 13.00
C ALA A 1076 6.52 -25.45 12.22
N ILE A 1077 5.39 -25.57 12.91
CA ILE A 1077 4.17 -26.16 12.38
C ILE A 1077 3.14 -25.06 12.12
N ASP A 1078 2.52 -25.04 10.95
CA ASP A 1078 1.47 -24.13 10.63
C ASP A 1078 0.16 -24.60 11.31
N VAL A 1079 -0.35 -23.81 12.26
CA VAL A 1079 -1.56 -24.16 12.94
C VAL A 1079 -2.56 -23.05 12.74
N HIS A 1080 -3.55 -23.24 11.86
CA HIS A 1080 -4.63 -22.29 11.68
C HIS A 1080 -5.67 -22.57 12.73
N MET A 1081 -6.42 -21.55 13.13
CA MET A 1081 -7.53 -21.76 14.07
C MET A 1081 -8.52 -22.80 13.47
N SER A 1082 -8.63 -22.88 12.15
CA SER A 1082 -9.51 -23.97 11.50
C SER A 1082 -9.00 -25.35 11.79
N ASP A 1083 -7.70 -25.48 11.97
CA ASP A 1083 -7.05 -26.79 12.27
C ASP A 1083 -7.44 -27.26 13.68
N LEU A 1084 -7.52 -26.28 14.62
CA LEU A 1084 -7.86 -26.59 16.04
C LEU A 1084 -9.32 -26.89 16.06
N LEU A 1085 -10.11 -26.01 15.50
CA LEU A 1085 -11.60 -26.25 15.41
C LEU A 1085 -11.99 -27.58 14.69
N GLY A 1086 -11.22 -28.00 13.69
CA GLY A 1086 -11.49 -29.27 12.99
C GLY A 1086 -10.80 -30.51 13.51
N GLY A 1087 -10.00 -30.44 14.58
CA GLY A 1087 -9.43 -31.60 15.16
C GLY A 1087 -8.18 -32.09 14.57
N ARG A 1088 -7.58 -31.29 13.66
CA ARG A 1088 -6.44 -31.73 12.98
C ARG A 1088 -5.18 -31.49 13.72
N ILE A 1089 -5.23 -30.57 14.69
CA ILE A 1089 -4.09 -30.32 15.50
C ILE A 1089 -4.69 -30.29 16.94
N GLY A 1090 -3.89 -30.81 17.87
CA GLY A 1090 -4.17 -30.66 19.30
C GLY A 1090 -2.88 -30.14 19.95
N LEU A 1091 -3.07 -29.15 20.84
CA LEU A 1091 -2.01 -28.56 21.49
C LEU A 1091 -1.30 -29.43 22.48
N GLY A 1092 -1.93 -30.54 22.90
CA GLY A 1092 -1.21 -31.50 23.75
C GLY A 1092 0.05 -32.08 23.17
N ASN A 1093 0.22 -31.98 21.86
CA ASN A 1093 1.40 -32.45 21.17
C ASN A 1093 2.54 -31.46 21.07
N PHE A 1094 2.36 -30.29 21.68
CA PHE A 1094 3.38 -29.23 21.59
C PHE A 1094 3.86 -28.82 22.96
N HIS A 1095 5.10 -28.44 23.02
CA HIS A 1095 5.65 -27.79 24.21
C HIS A 1095 5.78 -26.27 24.05
N ALA A 1096 5.54 -25.75 22.87
CA ALA A 1096 5.67 -24.30 22.61
C ALA A 1096 4.68 -23.87 21.62
N LEU A 1097 4.17 -22.68 21.83
CA LEU A 1097 3.18 -22.06 20.92
CA LEU A 1097 3.29 -22.07 20.82
C LEU A 1097 3.54 -20.58 20.72
N VAL A 1098 3.28 -20.04 19.55
CA VAL A 1098 3.44 -18.63 19.29
C VAL A 1098 2.22 -18.14 18.54
N ALA A 1099 1.68 -17.03 18.97
CA ALA A 1099 0.58 -16.41 18.26
C ALA A 1099 1.12 -15.17 17.52
N CYS A 1100 0.87 -15.11 16.19
N CYS A 1100 0.86 -15.21 16.18
CA CYS A 1100 1.52 -14.19 15.28
CA CYS A 1100 1.48 -14.41 15.16
C CYS A 1100 0.63 -13.06 14.91
C CYS A 1100 0.73 -13.16 15.01
N GLY A 1101 1.35 -12.06 14.44
N GLY A 1101 1.08 -12.62 13.87
CA GLY A 1101 0.86 -10.75 14.28
CA GLY A 1101 1.48 -11.35 13.74
C GLY A 1101 0.26 -10.54 12.96
C GLY A 1101 0.59 -10.22 13.64
N GLY A 1102 -0.05 -9.26 12.65
N GLY A 1102 -0.53 -10.40 12.90
CA GLY A 1102 -0.94 -9.00 11.55
CA GLY A 1102 -1.02 -9.36 11.93
C GLY A 1102 -2.32 -8.54 11.96
C GLY A 1102 -2.38 -8.67 12.09
N PHE A 1103 -3.29 -8.82 11.24
CA PHE A 1103 -4.63 -8.25 11.30
C PHE A 1103 -5.78 -9.28 11.25
N SER A 1104 -5.84 -10.18 12.19
CA SER A 1104 -6.93 -11.15 12.19
C SER A 1104 -8.26 -10.37 12.19
N TYR A 1105 -9.17 -10.73 11.26
CA TYR A 1105 -10.44 -10.10 11.08
C TYR A 1105 -10.37 -8.63 10.83
N GLY A 1106 -9.25 -8.17 10.25
CA GLY A 1106 -9.07 -6.76 10.06
C GLY A 1106 -9.13 -5.87 11.30
N ASP A 1107 -8.85 -6.50 12.47
CA ASP A 1107 -8.99 -5.86 13.80
C ASP A 1107 -10.41 -5.41 14.16
N VAL A 1108 -11.40 -5.87 13.41
CA VAL A 1108 -12.77 -5.47 13.69
C VAL A 1108 -13.25 -6.14 14.96
N LEU A 1109 -13.93 -5.36 15.79
CA LEU A 1109 -14.32 -5.72 17.16
C LEU A 1109 -13.14 -5.67 18.15
N GLY A 1110 -12.11 -4.93 17.77
CA GLY A 1110 -10.92 -4.69 18.58
C GLY A 1110 -9.81 -5.64 18.24
N ALA A 1111 -8.62 -5.14 18.05
CA ALA A 1111 -7.51 -6.01 17.65
C ALA A 1111 -7.33 -7.23 18.56
N GLY A 1112 -7.30 -8.41 17.94
CA GLY A 1112 -7.17 -9.67 18.68
C GLY A 1112 -8.37 -10.21 19.39
N GLU A 1113 -9.47 -9.47 19.40
CA GLU A 1113 -10.62 -9.83 20.18
C GLU A 1113 -11.38 -10.92 19.51
N GLY A 1114 -11.58 -10.85 18.23
CA GLY A 1114 -12.36 -11.90 17.58
C GLY A 1114 -11.66 -13.21 17.60
N TRP A 1115 -10.35 -13.17 17.42
CA TRP A 1115 -9.54 -14.41 17.52
C TRP A 1115 -9.70 -15.05 18.95
N ALA A 1116 -9.51 -14.22 19.98
CA ALA A 1116 -9.55 -14.68 21.37
C ALA A 1116 -10.96 -15.21 21.73
N LYS A 1117 -11.99 -14.47 21.31
CA LYS A 1117 -13.34 -14.84 21.73
C LYS A 1117 -13.80 -16.10 20.95
N SER A 1118 -13.28 -16.26 19.74
CA SER A 1118 -13.55 -17.50 18.98
CA SER A 1118 -13.52 -17.52 18.97
C SER A 1118 -12.98 -18.75 19.76
N ILE A 1119 -11.85 -18.56 20.45
CA ILE A 1119 -11.30 -19.60 21.31
C ILE A 1119 -12.19 -19.73 22.54
N LEU A 1120 -12.52 -18.62 23.19
CA LEU A 1120 -13.25 -18.67 24.48
C LEU A 1120 -14.66 -19.26 24.33
N PHE A 1121 -15.29 -19.01 23.19
CA PHE A 1121 -16.67 -19.35 23.04
C PHE A 1121 -16.82 -20.76 22.45
N ASN A 1122 -15.75 -21.39 22.08
CA ASN A 1122 -15.83 -22.83 21.73
C ASN A 1122 -15.26 -23.60 22.90
N HIS A 1123 -16.09 -24.32 23.64
CA HIS A 1123 -15.64 -24.89 24.91
C HIS A 1123 -14.48 -25.88 24.70
N ARG A 1124 -14.50 -26.60 23.60
CA ARG A 1124 -13.46 -27.57 23.28
C ARG A 1124 -12.08 -26.92 23.06
N VAL A 1125 -12.05 -25.92 22.20
CA VAL A 1125 -10.83 -25.19 21.89
C VAL A 1125 -10.37 -24.35 23.11
N ARG A 1126 -11.31 -23.77 23.82
CA ARG A 1126 -10.98 -23.03 25.01
C ARG A 1126 -10.24 -23.97 25.97
N ASP A 1127 -10.81 -25.15 26.17
CA ASP A 1127 -10.21 -26.11 27.07
C ASP A 1127 -8.80 -26.51 26.65
N GLU A 1128 -8.60 -26.66 25.36
CA GLU A 1128 -7.33 -27.01 24.84
C GLU A 1128 -6.30 -25.98 25.21
N PHE A 1129 -6.66 -24.73 24.95
CA PHE A 1129 -5.73 -23.63 25.31
C PHE A 1129 -5.42 -23.55 26.84
N GLU A 1130 -6.48 -23.61 27.62
CA GLU A 1130 -6.32 -23.60 29.08
C GLU A 1130 -5.38 -24.71 29.57
N THR A 1131 -5.62 -25.90 29.06
CA THR A 1131 -4.80 -27.07 29.39
C THR A 1131 -3.32 -26.82 29.05
N PHE A 1132 -3.07 -26.30 27.83
CA PHE A 1132 -1.71 -25.99 27.40
C PHE A 1132 -1.03 -25.02 28.39
N PHE A 1133 -1.77 -23.98 28.76
CA PHE A 1133 -1.17 -22.93 29.60
C PHE A 1133 -0.97 -23.38 31.02
N HIS A 1134 -1.69 -24.39 31.46
CA HIS A 1134 -1.56 -24.88 32.80
C HIS A 1134 -0.61 -26.03 32.94
N ARG A 1135 0.02 -26.46 31.85
CA ARG A 1135 1.07 -27.45 31.96
C ARG A 1135 2.30 -26.85 32.59
N PRO A 1136 3.12 -27.69 33.21
CA PRO A 1136 4.24 -27.15 34.02
C PRO A 1136 5.46 -26.59 33.23
N GLN A 1137 5.67 -27.01 31.99
CA GLN A 1137 6.87 -26.60 31.30
C GLN A 1137 6.56 -25.97 29.91
N THR A 1138 5.33 -25.79 29.54
CA THR A 1138 5.09 -25.23 28.22
C THR A 1138 5.49 -23.74 28.15
N LEU A 1139 5.80 -23.29 26.94
CA LEU A 1139 6.20 -21.90 26.67
C LEU A 1139 5.25 -21.32 25.68
N ALA A 1140 4.91 -20.04 25.85
CA ALA A 1140 4.12 -19.39 24.83
C ALA A 1140 4.61 -17.96 24.60
N LEU A 1141 4.53 -17.50 23.37
CA LEU A 1141 4.89 -16.13 22.99
C LEU A 1141 3.74 -15.56 22.20
N GLY A 1142 3.38 -14.32 22.50
CA GLY A 1142 2.43 -13.63 21.67
C GLY A 1142 3.04 -12.37 21.15
N VAL A 1143 3.10 -12.21 19.85
CA VAL A 1143 3.67 -10.98 19.24
C VAL A 1143 2.61 -10.24 18.48
N CYS A 1144 2.54 -8.96 18.77
CA CYS A 1144 1.67 -7.99 18.05
C CYS A 1144 0.22 -8.45 18.07
N ASN A 1145 -0.34 -8.85 16.93
CA ASN A 1145 -1.71 -9.42 17.03
C ASN A 1145 -1.84 -10.58 17.99
N GLY A 1146 -0.79 -11.38 18.10
CA GLY A 1146 -0.76 -12.44 19.12
C GLY A 1146 -0.75 -11.98 20.53
N CYS A 1147 -0.03 -10.85 20.75
CA CYS A 1147 -0.05 -10.21 22.06
C CYS A 1147 -1.42 -9.73 22.41
N GLN A 1148 -2.08 -9.03 21.48
CA GLN A 1148 -3.44 -8.59 21.68
C GLN A 1148 -4.40 -9.76 21.94
N MET A 1149 -4.27 -10.79 21.12
CA MET A 1149 -5.10 -11.96 21.29
C MET A 1149 -4.94 -12.59 22.70
N MET A 1150 -3.69 -12.83 23.09
CA MET A 1150 -3.42 -13.46 24.36
C MET A 1150 -3.84 -12.57 25.53
N SER A 1151 -3.78 -11.27 25.41
CA SER A 1151 -4.24 -10.38 26.48
C SER A 1151 -5.70 -10.54 26.67
N ASN A 1152 -6.42 -10.89 25.62
CA ASN A 1152 -7.89 -11.05 25.65
C ASN A 1152 -8.28 -12.49 26.07
N LEU A 1153 -7.31 -13.36 26.22
CA LEU A 1153 -7.51 -14.75 26.58
C LEU A 1153 -7.02 -14.93 27.95
N ARG A 1154 -6.73 -13.88 28.73
CA ARG A 1154 -5.98 -14.11 29.94
C ARG A 1154 -6.65 -14.91 31.08
N GLU A 1155 -7.99 -15.09 31.01
CA GLU A 1155 -8.67 -15.97 31.92
C GLU A 1155 -8.17 -17.41 31.83
N LEU A 1156 -7.56 -17.79 30.73
CA LEU A 1156 -6.97 -19.14 30.55
C LEU A 1156 -5.54 -19.30 30.97
N ILE A 1157 -4.85 -18.16 31.26
CA ILE A 1157 -3.43 -18.12 31.41
C ILE A 1157 -3.09 -17.89 32.87
N PRO A 1158 -2.43 -18.85 33.52
CA PRO A 1158 -2.06 -18.61 34.93
C PRO A 1158 -1.12 -17.44 35.06
N GLY A 1159 -1.23 -16.68 36.16
CA GLY A 1159 -0.23 -15.63 36.42
C GLY A 1159 -0.36 -14.35 35.63
N SER A 1160 -1.50 -14.16 35.00
CA SER A 1160 -1.75 -13.09 34.07
C SER A 1160 -2.79 -12.07 34.61
N GLU A 1161 -3.15 -12.15 35.89
CA GLU A 1161 -4.27 -11.39 36.42
C GLU A 1161 -4.02 -9.88 36.34
N LEU A 1162 -2.78 -9.47 36.30
CA LEU A 1162 -2.43 -8.02 36.27
C LEU A 1162 -2.18 -7.53 34.87
N TRP A 1163 -2.37 -8.36 33.84
CA TRP A 1163 -2.07 -7.87 32.50
C TRP A 1163 -2.99 -6.73 32.05
N PRO A 1164 -2.46 -5.83 31.20
CA PRO A 1164 -3.24 -4.73 30.66
C PRO A 1164 -3.98 -5.14 29.42
N ARG A 1165 -4.83 -4.25 28.98
CA ARG A 1165 -5.35 -4.34 27.57
CA ARG A 1165 -5.41 -4.36 27.62
C ARG A 1165 -4.46 -3.50 26.55
N PHE A 1166 -4.68 -3.80 25.30
CA PHE A 1166 -3.91 -3.11 24.23
C PHE A 1166 -4.90 -2.45 23.31
N VAL A 1167 -4.85 -1.13 23.24
CA VAL A 1167 -5.91 -0.35 22.56
C VAL A 1167 -5.33 0.70 21.64
N ARG A 1168 -6.20 1.41 20.98
CA ARG A 1168 -5.82 2.45 20.01
C ARG A 1168 -4.69 3.31 20.45
N ASN A 1169 -3.68 3.46 19.56
CA ASN A 1169 -2.53 4.30 19.90
C ASN A 1169 -3.02 5.73 20.22
N HIS A 1170 -2.32 6.43 21.09
CA HIS A 1170 -2.63 7.79 21.47
C HIS A 1170 -2.58 8.72 20.26
N SER A 1171 -1.67 8.44 19.30
CA SER A 1171 -1.70 9.16 18.02
C SER A 1171 -2.93 9.07 17.18
N ASP A 1172 -3.78 8.06 17.42
CA ASP A 1172 -4.89 7.69 16.63
C ASP A 1172 -4.47 7.28 15.22
N ARG A 1173 -3.26 6.77 15.11
CA ARG A 1173 -2.75 6.39 13.82
C ARG A 1173 -1.89 5.13 13.86
N PHE A 1174 -1.97 4.34 12.80
CA PHE A 1174 -1.06 3.22 12.64
C PHE A 1174 0.36 3.73 12.75
N GLU A 1175 1.23 2.97 13.43
CA GLU A 1175 2.60 3.37 13.54
C GLU A 1175 3.52 2.22 13.12
N ALA A 1176 4.20 2.46 12.03
CA ALA A 1176 5.25 1.54 11.52
C ALA A 1176 6.57 2.29 11.73
N ARG A 1177 7.24 1.88 12.81
CA ARG A 1177 8.40 2.53 13.35
C ARG A 1177 9.55 1.53 13.60
N PHE A 1178 10.76 2.06 13.72
CA PHE A 1178 11.89 1.29 14.17
C PHE A 1178 12.26 1.96 15.47
N SER A 1179 11.79 1.35 16.54
CA SER A 1179 11.67 2.03 17.88
C SER A 1179 12.74 1.45 18.80
N LEU A 1180 13.27 2.29 19.70
CA LEU A 1180 14.24 1.85 20.67
C LEU A 1180 13.58 1.28 21.91
N VAL A 1181 14.00 0.06 22.32
CA VAL A 1181 13.47 -0.52 23.56
C VAL A 1181 14.61 -0.92 24.47
N GLU A 1182 14.28 -1.04 25.73
CA GLU A 1182 15.18 -1.65 26.67
CA GLU A 1182 15.13 -1.61 26.72
C GLU A 1182 14.50 -2.90 27.27
N VAL A 1183 15.31 -3.92 27.53
CA VAL A 1183 14.85 -5.14 28.13
C VAL A 1183 14.94 -4.95 29.67
N THR A 1184 13.83 -5.15 30.33
CA THR A 1184 13.73 -4.85 31.76
C THR A 1184 13.66 -6.16 32.55
N GLN A 1185 13.94 -6.08 33.84
CA GLN A 1185 14.01 -7.31 34.66
C GLN A 1185 12.65 -7.87 34.96
N SER A 1186 12.42 -9.09 34.55
CA SER A 1186 11.16 -9.75 34.78
C SER A 1186 11.42 -11.28 34.76
N PRO A 1187 10.43 -12.06 35.17
CA PRO A 1187 10.58 -13.51 35.08
C PRO A 1187 10.72 -14.10 33.67
N SER A 1188 10.55 -13.30 32.65
CA SER A 1188 10.43 -13.87 31.27
C SER A 1188 11.60 -14.75 30.91
N LEU A 1189 11.36 -16.07 30.72
CA LEU A 1189 12.34 -16.99 30.21
C LEU A 1189 12.87 -16.63 28.82
N LEU A 1190 12.04 -16.12 27.99
CA LEU A 1190 12.46 -15.79 26.64
C LEU A 1190 13.44 -14.61 26.56
N LEU A 1191 13.55 -13.78 27.60
CA LEU A 1191 14.47 -12.68 27.59
C LEU A 1191 15.67 -12.87 28.52
N GLN A 1192 15.88 -14.12 28.96
CA GLN A 1192 17.08 -14.45 29.75
C GLN A 1192 18.36 -14.01 29.07
N GLY A 1193 19.24 -13.41 29.89
CA GLY A 1193 20.51 -12.98 29.49
C GLY A 1193 20.52 -11.58 28.86
N MET A 1194 19.31 -11.07 28.54
CA MET A 1194 19.24 -9.84 27.73
C MET A 1194 18.87 -8.62 28.58
N VAL A 1195 18.70 -8.76 29.89
CA VAL A 1195 18.23 -7.67 30.71
C VAL A 1195 19.26 -6.53 30.75
N GLY A 1196 18.80 -5.32 30.46
CA GLY A 1196 19.63 -4.10 30.44
C GLY A 1196 20.01 -3.79 29.01
N SER A 1197 19.78 -4.70 28.08
CA SER A 1197 20.06 -4.42 26.68
C SER A 1197 19.11 -3.38 26.16
N GLN A 1198 19.61 -2.58 25.24
CA GLN A 1198 18.87 -1.53 24.55
C GLN A 1198 19.17 -1.60 23.07
N MET A 1199 18.11 -1.76 22.29
CA MET A 1199 18.31 -1.88 20.82
C MET A 1199 16.98 -1.63 20.11
N PRO A 1200 17.04 -1.27 18.86
CA PRO A 1200 15.76 -1.02 18.18
C PRO A 1200 15.09 -2.31 17.73
N ILE A 1201 13.81 -2.17 17.43
CA ILE A 1201 12.92 -3.27 17.05
C ILE A 1201 11.86 -2.74 16.12
N ALA A 1202 11.41 -3.61 15.25
CA ALA A 1202 10.27 -3.26 14.38
C ALA A 1202 8.95 -3.19 15.12
N VAL A 1203 8.23 -2.11 14.90
CA VAL A 1203 6.90 -1.87 15.43
C VAL A 1203 5.99 -1.61 14.23
N SER A 1204 4.81 -2.22 14.30
CA SER A 1204 3.85 -2.09 13.23
C SER A 1204 2.46 -2.36 13.81
N HIS A 1205 1.83 -1.29 14.33
CA HIS A 1205 0.52 -1.47 14.96
C HIS A 1205 -0.28 -0.19 15.11
N GLY A 1206 -1.60 -0.35 15.18
CA GLY A 1206 -2.51 0.77 15.45
C GLY A 1206 -3.13 0.70 16.82
N GLU A 1207 -3.11 -0.48 17.48
CA GLU A 1207 -3.74 -0.67 18.81
C GLU A 1207 -2.77 -1.29 19.79
N GLY A 1208 -1.64 -0.62 19.94
CA GLY A 1208 -0.62 -1.13 20.85
C GLY A 1208 -0.50 -0.44 22.22
N ARG A 1209 -1.35 0.52 22.50
CA ARG A 1209 -1.23 1.32 23.74
C ARG A 1209 -1.70 0.43 24.89
N VAL A 1210 -0.82 0.25 25.85
CA VAL A 1210 -1.16 -0.39 27.11
C VAL A 1210 -2.24 0.42 27.80
N GLU A 1211 -3.33 -0.25 28.18
CA GLU A 1211 -4.42 0.41 28.91
C GLU A 1211 -4.66 -0.36 30.19
N VAL A 1212 -4.65 0.36 31.29
CA VAL A 1212 -4.94 -0.20 32.59
C VAL A 1212 -6.31 0.31 33.07
N ARG A 1213 -6.89 -0.34 34.03
CA ARG A 1213 -8.23 0.04 34.61
C ARG A 1213 -8.16 1.34 35.42
N ASP A 1214 -7.06 1.48 36.11
CA ASP A 1214 -6.79 2.64 36.94
C ASP A 1214 -5.33 2.64 37.39
N ASP A 1215 -4.93 3.64 38.15
CA ASP A 1215 -3.53 3.64 38.61
C ASP A 1215 -3.18 2.52 39.50
N ALA A 1216 -4.14 2.01 40.27
CA ALA A 1216 -3.93 0.85 41.15
C ALA A 1216 -3.46 -0.40 40.39
N HIS A 1217 -4.10 -0.59 39.23
CA HIS A 1217 -3.76 -1.67 38.31
C HIS A 1217 -2.31 -1.47 37.74
N LEU A 1218 -1.99 -0.26 37.27
CA LEU A 1218 -0.62 0.00 36.77
C LEU A 1218 0.39 -0.24 37.85
N ALA A 1219 0.13 0.34 39.03
CA ALA A 1219 1.09 0.14 40.16
C ALA A 1219 1.27 -1.33 40.55
N ALA A 1220 0.18 -2.11 40.53
CA ALA A 1220 0.26 -3.50 40.91
C ALA A 1220 1.10 -4.26 39.87
N LEU A 1221 0.77 -4.03 38.62
CA LEU A 1221 1.54 -4.71 37.51
C LEU A 1221 3.03 -4.38 37.66
N GLU A 1222 3.34 -3.09 37.87
CA GLU A 1222 4.73 -2.69 38.02
C GLU A 1222 5.44 -3.35 39.27
N SER A 1223 4.75 -3.33 40.41
CA SER A 1223 5.27 -3.93 41.62
C SER A 1223 5.45 -5.41 41.53
N LYS A 1224 4.59 -6.08 40.77
CA LYS A 1224 4.79 -7.50 40.51
C LYS A 1224 6.02 -7.80 39.69
N GLY A 1225 6.56 -6.86 38.96
CA GLY A 1225 7.76 -7.00 38.22
C GLY A 1225 7.59 -7.75 36.88
N LEU A 1226 6.42 -7.63 36.28
CA LEU A 1226 6.09 -8.38 35.07
C LEU A 1226 6.35 -7.62 33.79
N VAL A 1227 6.81 -6.40 33.90
CA VAL A 1227 7.14 -5.61 32.69
C VAL A 1227 8.49 -6.03 32.12
N ALA A 1228 8.55 -6.42 30.86
CA ALA A 1228 9.72 -7.04 30.19
C ALA A 1228 10.42 -6.21 29.12
N LEU A 1229 9.68 -5.27 28.51
CA LEU A 1229 10.23 -4.32 27.55
C LEU A 1229 9.57 -2.96 27.75
N ARG A 1230 10.36 -1.92 27.56
CA ARG A 1230 9.91 -0.56 27.59
C ARG A 1230 10.54 0.28 26.49
N TYR A 1231 9.77 1.16 25.87
CA TYR A 1231 10.29 2.10 24.94
C TYR A 1231 11.13 3.10 25.69
N VAL A 1232 12.26 3.43 25.12
CA VAL A 1232 13.13 4.47 25.63
C VAL A 1232 13.34 5.47 24.50
N ASP A 1233 13.68 6.70 24.87
CA ASP A 1233 14.16 7.65 23.91
C ASP A 1233 15.63 7.42 23.57
N ASN A 1234 16.18 8.19 22.62
CA ASN A 1234 17.53 7.94 22.17
C ASN A 1234 18.59 8.32 23.26
N PHE A 1235 18.16 9.12 24.23
CA PHE A 1235 18.98 9.40 25.40
C PHE A 1235 18.96 8.24 26.38
N GLY A 1236 18.19 7.15 26.09
CA GLY A 1236 18.11 5.99 26.99
C GLY A 1236 17.15 6.07 28.09
N LYS A 1237 16.25 7.05 28.16
CA LYS A 1237 15.32 7.12 29.27
C LYS A 1237 13.97 6.55 28.88
N VAL A 1238 13.33 5.91 29.84
CA VAL A 1238 11.93 5.44 29.67
C VAL A 1238 11.06 6.60 29.28
N THR A 1239 10.22 6.42 28.26
CA THR A 1239 9.52 7.54 27.73
C THR A 1239 8.08 7.24 27.37
N GLU A 1240 7.27 8.26 27.49
CA GLU A 1240 5.94 8.38 26.94
C GLU A 1240 5.83 9.42 25.80
N THR A 1241 6.93 10.07 25.41
CA THR A 1241 6.92 11.00 24.32
C THR A 1241 6.97 10.29 22.98
N TYR A 1242 6.23 10.85 22.06
CA TYR A 1242 6.05 10.30 20.72
C TYR A 1242 7.01 10.89 19.70
N PRO A 1243 7.44 10.09 18.73
CA PRO A 1243 7.17 8.68 18.47
C PRO A 1243 8.16 7.70 19.16
N ALA A 1244 9.08 8.21 19.96
CA ALA A 1244 10.06 7.32 20.59
C ALA A 1244 9.27 6.22 21.28
N ASN A 1245 8.21 6.60 22.05
CA ASN A 1245 7.18 5.72 22.39
C ASN A 1245 6.09 5.90 21.35
N PRO A 1246 5.88 4.88 20.50
CA PRO A 1246 5.00 5.14 19.32
C PRO A 1246 3.52 5.15 19.63
N ASN A 1247 3.09 4.58 20.77
CA ASN A 1247 1.69 4.34 21.01
C ASN A 1247 1.07 4.93 22.27
N GLY A 1248 1.89 5.57 23.11
CA GLY A 1248 1.44 6.23 24.33
C GLY A 1248 1.32 5.33 25.55
N SER A 1249 1.88 4.14 25.51
CA SER A 1249 1.86 3.23 26.66
C SER A 1249 2.49 3.86 27.88
N PRO A 1250 1.77 3.80 28.99
CA PRO A 1250 2.36 4.25 30.27
C PRO A 1250 3.63 3.54 30.64
N ASN A 1251 4.59 4.33 31.13
CA ASN A 1251 5.90 3.83 31.57
C ASN A 1251 6.60 3.06 30.45
N GLY A 1252 6.27 3.40 29.18
CA GLY A 1252 6.81 2.76 28.01
C GLY A 1252 6.53 1.29 27.85
N ILE A 1253 5.61 0.78 28.62
CA ILE A 1253 5.41 -0.67 28.64
C ILE A 1253 5.06 -1.19 27.23
N THR A 1254 5.76 -2.22 26.83
CA THR A 1254 5.35 -2.86 25.57
C THR A 1254 5.51 -4.39 25.52
N ALA A 1255 5.90 -4.97 26.64
CA ALA A 1255 5.90 -6.44 26.85
C ALA A 1255 5.67 -6.76 28.29
N VAL A 1256 4.86 -7.82 28.55
CA VAL A 1256 4.64 -8.32 29.89
C VAL A 1256 4.82 -9.82 29.89
N THR A 1257 5.08 -10.37 31.04
CA THR A 1257 5.22 -11.79 31.22
C THR A 1257 4.32 -12.23 32.35
N THR A 1258 4.20 -13.53 32.57
CA THR A 1258 3.43 -14.05 33.68
C THR A 1258 4.34 -14.24 34.88
N GLU A 1259 3.72 -14.53 36.02
CA GLU A 1259 4.49 -14.77 37.24
C GLU A 1259 5.55 -15.83 37.07
N ASN A 1260 5.28 -16.88 36.30
CA ASN A 1260 6.30 -18.00 36.14
C ASN A 1260 7.24 -17.81 34.97
N GLY A 1261 7.02 -16.73 34.19
CA GLY A 1261 7.90 -16.44 33.15
C GLY A 1261 7.77 -17.25 31.88
N ARG A 1262 6.87 -18.19 31.96
CA ARG A 1262 6.65 -19.09 30.84
CA ARG A 1262 6.65 -19.09 30.84
C ARG A 1262 5.81 -18.60 29.54
N VAL A 1263 5.12 -17.51 29.85
CA VAL A 1263 4.27 -16.85 28.84
C VAL A 1263 4.73 -15.38 28.72
N THR A 1264 5.09 -14.90 27.50
CA THR A 1264 5.49 -13.51 27.30
C THR A 1264 4.75 -12.97 26.11
N ILE A 1265 4.20 -11.76 26.24
CA ILE A 1265 3.51 -11.11 25.16
C ILE A 1265 4.13 -9.75 24.94
N MET A 1266 4.24 -9.35 23.69
CA MET A 1266 4.89 -8.08 23.34
C MET A 1266 4.32 -7.51 22.07
N MET A 1267 4.22 -6.19 21.98
CA MET A 1267 3.77 -5.55 20.76
C MET A 1267 4.75 -5.48 19.62
N PRO A 1268 6.04 -5.21 19.82
CA PRO A 1268 6.95 -5.23 18.72
C PRO A 1268 7.19 -6.61 18.13
N HIS A 1269 7.83 -6.63 16.98
CA HIS A 1269 8.06 -7.84 16.18
C HIS A 1269 9.52 -8.33 16.12
N PRO A 1270 9.98 -9.06 17.14
CA PRO A 1270 11.38 -9.51 17.05
C PRO A 1270 11.67 -10.43 15.88
N GLU A 1271 10.65 -11.18 15.44
CA GLU A 1271 10.81 -12.09 14.33
C GLU A 1271 11.01 -11.36 13.02
N ARG A 1272 10.71 -10.06 12.94
CA ARG A 1272 10.97 -9.37 11.68
C ARG A 1272 12.39 -8.83 11.56
N VAL A 1273 13.12 -8.84 12.68
CA VAL A 1273 14.40 -8.23 12.77
C VAL A 1273 15.45 -9.14 13.39
N PHE A 1274 15.24 -10.46 13.34
CA PHE A 1274 16.27 -11.37 13.88
C PHE A 1274 17.50 -11.45 13.00
N ARG A 1275 17.31 -11.15 11.72
CA ARG A 1275 18.40 -10.98 10.75
CA ARG A 1275 18.42 -10.98 10.78
C ARG A 1275 18.88 -9.54 10.74
N THR A 1276 20.19 -9.33 11.03
CA THR A 1276 20.79 -8.03 10.94
C THR A 1276 20.43 -7.30 9.63
N VAL A 1277 20.42 -8.03 8.49
CA VAL A 1277 20.18 -7.39 7.23
C VAL A 1277 18.74 -6.79 7.09
N ALA A 1278 17.83 -7.23 7.97
CA ALA A 1278 16.48 -6.74 8.00
C ALA A 1278 16.25 -5.64 9.03
N ASN A 1279 17.32 -5.09 9.60
CA ASN A 1279 17.21 -3.99 10.55
C ASN A 1279 17.47 -2.67 9.76
N SER A 1280 16.50 -1.75 9.77
CA SER A 1280 16.52 -0.53 8.98
C SER A 1280 17.84 0.23 9.23
N TRP A 1281 18.24 0.30 10.51
CA TRP A 1281 19.57 0.79 10.86
C TRP A 1281 20.15 -0.26 11.86
N HIS A 1282 21.46 -0.47 11.76
CA HIS A 1282 22.14 -1.27 12.78
C HIS A 1282 23.61 -0.90 12.80
N PRO A 1283 24.25 -1.18 13.94
CA PRO A 1283 25.67 -0.98 14.04
C PRO A 1283 26.42 -1.80 12.92
N GLU A 1284 27.47 -1.19 12.38
CA GLU A 1284 28.16 -1.74 11.29
C GLU A 1284 28.85 -3.08 11.65
N ASN A 1285 29.24 -3.28 12.87
CA ASN A 1285 29.99 -4.51 13.24
C ASN A 1285 29.17 -5.76 13.50
N TRP A 1286 27.85 -5.66 13.43
CA TRP A 1286 27.06 -6.83 13.60
C TRP A 1286 27.25 -7.83 12.48
N GLY A 1287 27.21 -9.09 12.85
CA GLY A 1287 27.09 -10.19 11.87
C GLY A 1287 25.71 -10.48 11.45
N GLU A 1288 25.47 -11.74 11.06
CA GLU A 1288 24.19 -12.18 10.53
C GLU A 1288 23.07 -11.97 11.58
N ASP A 1289 23.37 -12.28 12.83
CA ASP A 1289 22.35 -12.24 13.90
C ASP A 1289 22.23 -10.88 14.59
N SER A 1290 21.00 -10.41 14.73
CA SER A 1290 20.73 -9.29 15.59
C SER A 1290 20.54 -9.75 17.02
N PRO A 1291 20.43 -8.84 17.96
CA PRO A 1291 20.13 -9.25 19.33
C PRO A 1291 18.87 -10.07 19.50
N TRP A 1292 17.89 -9.80 18.65
CA TRP A 1292 16.55 -10.39 18.86
C TRP A 1292 16.55 -11.90 18.64
N MET A 1293 17.53 -12.42 17.88
CA MET A 1293 17.70 -13.88 17.70
C MET A 1293 17.75 -14.60 19.01
N ARG A 1294 18.25 -13.95 20.04
CA ARG A 1294 18.37 -14.62 21.33
C ARG A 1294 17.04 -15.04 21.95
N ILE A 1295 15.92 -14.37 21.67
CA ILE A 1295 14.64 -14.78 22.18
C ILE A 1295 14.34 -16.21 21.76
N PHE A 1296 14.56 -16.48 20.49
CA PHE A 1296 14.15 -17.82 19.95
C PHE A 1296 15.12 -18.88 20.41
N ARG A 1297 16.39 -18.50 20.52
CA ARG A 1297 17.41 -19.38 21.09
C ARG A 1297 17.15 -19.71 22.56
N ASN A 1298 16.71 -18.69 23.33
CA ASN A 1298 16.32 -18.92 24.70
C ASN A 1298 15.19 -19.94 24.78
N ALA A 1299 14.21 -19.82 23.88
CA ALA A 1299 13.12 -20.77 23.91
C ALA A 1299 13.63 -22.18 23.70
N ARG A 1300 14.49 -22.35 22.72
CA ARG A 1300 15.06 -23.69 22.44
C ARG A 1300 15.83 -24.28 23.61
N LYS A 1301 16.64 -23.48 24.22
CA LYS A 1301 17.46 -23.95 25.33
C LYS A 1301 16.56 -24.30 26.52
N GLN A 1302 15.54 -23.50 26.76
CA GLN A 1302 14.59 -23.74 27.84
C GLN A 1302 13.89 -25.09 27.75
N LEU A 1303 13.57 -25.51 26.54
CA LEU A 1303 12.93 -26.77 26.31
C LEU A 1303 13.89 -27.95 26.56
N GLY A 1304 15.15 -27.71 26.39
CA GLY A 1304 16.11 -28.75 26.60
C GLY A 1304 16.15 -29.80 25.53
PB ADP B . 13.33 11.07 -4.53
O1B ADP B . 14.61 10.28 -4.15
O2B ADP B . 13.42 12.58 -4.57
O3B ADP B . 12.73 10.54 -5.80
PA ADP B . 11.20 11.64 -2.62
O1A ADP B . 11.92 12.85 -2.11
O2A ADP B . 10.01 11.74 -3.52
O3A ADP B . 12.30 10.66 -3.32
O5' ADP B . 10.76 10.71 -1.39
C5' ADP B . 11.56 10.70 -0.19
C4' ADP B . 11.37 9.33 0.48
O4' ADP B . 9.97 9.21 0.85
C3' ADP B . 11.70 8.13 -0.40
O3' ADP B . 12.26 7.09 0.46
C2' ADP B . 10.39 7.72 -1.00
O2' ADP B . 10.38 6.31 -1.31
C1' ADP B . 9.39 8.10 0.15
N9 ADP B . 8.02 8.42 -0.35
C8 ADP B . 7.74 9.47 -1.15
N7 ADP B . 6.47 9.44 -1.46
C5 ADP B . 5.95 8.36 -0.85
C6 ADP B . 4.66 7.72 -0.84
N6 ADP B . 3.64 8.22 -1.58
N1 ADP B . 4.48 6.65 -0.06
C2 ADP B . 5.51 6.13 0.61
N3 ADP B . 6.80 6.56 0.59
C4 ADP B . 6.98 7.68 -0.14
C1 GOL C . -2.57 -3.31 14.77
O1 GOL C . -2.79 -3.16 16.10
C2 GOL C . -2.14 -4.84 14.70
O2 GOL C . -1.55 -5.63 15.73
C3 GOL C . -3.40 -5.61 14.48
O3 GOL C . -3.47 -5.31 13.09
C1 GOL D . 12.09 9.86 12.85
O1 GOL D . 11.14 9.25 13.69
C2 GOL D . 11.46 11.24 12.42
O2 GOL D . 10.48 11.82 13.29
C3 GOL D . 10.83 10.99 11.05
O3 GOL D . 10.30 12.14 10.37
C1 GOL E . 37.04 20.76 -12.26
C1 GOL E . 36.26 21.15 -11.71
O1 GOL E . 35.76 21.11 -12.78
O1 GOL E . 37.34 22.06 -11.41
C2 GOL E . 36.63 19.98 -11.07
C2 GOL E . 36.46 19.76 -11.18
O2 GOL E . 35.49 20.69 -10.68
O2 GOL E . 37.65 19.13 -11.69
C3 GOL E . 37.63 19.76 -9.89
C3 GOL E . 36.45 19.77 -9.63
O3 GOL E . 37.06 18.73 -9.00
O3 GOL E . 36.85 18.50 -9.05
C1 GOL F . 26.85 14.71 16.07
O1 GOL F . 25.83 13.79 15.51
C2 GOL F . 26.90 16.13 15.44
O2 GOL F . 27.06 16.13 13.98
C3 GOL F . 25.63 16.87 15.79
O3 GOL F . 25.72 18.25 15.61
C1 GOL G . 25.48 9.97 -27.34
O1 GOL G . 25.50 9.00 -26.30
C2 GOL G . 24.23 9.78 -28.17
O2 GOL G . 23.97 8.45 -28.57
C3 GOL G . 23.03 10.24 -27.39
O3 GOL G . 23.55 10.96 -26.30
C1 GOL H . 13.61 12.86 -30.67
O1 GOL H . 14.40 12.37 -29.54
C2 GOL H . 12.12 12.89 -30.29
O2 GOL H . 11.96 13.63 -29.09
C3 GOL H . 11.53 11.47 -30.15
O3 GOL H . 11.92 10.83 -31.40
C1 GOL I . 23.85 -15.19 -1.38
O1 GOL I . 23.66 -14.76 -0.07
C2 GOL I . 23.52 -16.74 -1.18
O2 GOL I . 22.06 -17.09 -1.09
C3 GOL I . 24.26 -17.40 -2.38
O3 GOL I . 23.91 -18.75 -2.68
C1 GOL J . 13.90 -3.16 35.76
O1 GOL J . 15.07 -3.60 34.87
C2 GOL J . 12.65 -2.31 35.27
O2 GOL J . 11.22 -2.60 35.57
C3 GOL J . 12.74 -0.86 35.57
O3 GOL J . 12.53 -0.52 34.19
C1 GOL K . 2.83 -15.60 4.24
O1 GOL K . 1.74 -15.27 3.63
C2 GOL K . 3.20 -14.32 4.87
O2 GOL K . 4.48 -13.99 4.26
C3 GOL K . 3.19 -14.63 6.36
O3 GOL K . 4.41 -13.87 6.83
C1 GOL L . -12.37 -0.24 -10.69
O1 GOL L . -12.32 -0.16 -9.24
C2 GOL L . -11.86 -1.55 -11.22
O2 GOL L . -10.41 -1.39 -11.27
C3 GOL L . -12.41 -2.71 -10.35
O3 GOL L . -11.40 -3.52 -9.70
C1 GOL M . -16.05 -18.13 5.59
O1 GOL M . -17.18 -17.99 6.44
C2 GOL M . -16.42 -19.09 4.48
O2 GOL M . -15.58 -18.70 3.46
C3 GOL M . -16.25 -20.60 4.80
O3 GOL M . -15.10 -21.33 4.24
C1 GOL N . 25.54 34.92 -8.24
O1 GOL N . 25.62 33.70 -9.02
C2 GOL N . 24.04 35.11 -7.92
O2 GOL N . 23.65 34.61 -6.60
C3 GOL N . 23.28 34.44 -9.09
O3 GOL N . 22.75 33.18 -8.62
C1 GOL O . 18.83 -18.18 -13.21
O1 GOL O . 17.78 -17.18 -13.30
C2 GOL O . 18.41 -19.29 -12.25
O2 GOL O . 17.09 -19.73 -12.56
C3 GOL O . 18.23 -18.90 -10.79
O3 GOL O . 19.48 -18.40 -10.23
C1 GOL P . 23.53 -17.47 30.59
O1 GOL P . 23.85 -18.84 30.84
C2 GOL P . 24.52 -16.81 29.68
O2 GOL P . 24.53 -17.52 28.41
C3 GOL P . 24.14 -15.32 29.59
O3 GOL P . 24.22 -14.76 28.27
C1 GOL Q . -3.59 -4.35 -18.11
O1 GOL Q . -2.54 -3.65 -17.42
C2 GOL Q . -4.85 -3.48 -18.00
O2 GOL Q . -4.57 -2.13 -18.34
C3 GOL Q . -6.01 -3.92 -18.86
O3 GOL Q . -6.97 -2.84 -18.79
C1 GOL R . 16.71 -18.36 33.48
O1 GOL R . 16.33 -18.88 32.17
C2 GOL R . 15.98 -17.09 33.99
O2 GOL R . 14.88 -17.42 34.91
C3 GOL R . 15.61 -16.14 32.85
O3 GOL R . 14.74 -15.04 33.04
C1 GOL S . 28.60 29.26 -16.51
O1 GOL S . 29.62 30.11 -15.90
C2 GOL S . 27.20 29.92 -16.32
O2 GOL S . 26.71 29.73 -14.96
C3 GOL S . 27.20 31.41 -16.78
O3 GOL S . 26.37 32.36 -16.06
C1 GOL T . 17.22 31.20 -16.14
O1 GOL T . 18.10 30.10 -16.00
C2 GOL T . 16.14 30.63 -17.09
O2 GOL T . 15.51 31.64 -17.90
C3 GOL T . 15.00 29.89 -16.37
O3 GOL T . 14.43 28.63 -16.78
C1 GOL U . -18.35 -29.03 -24.30
O1 GOL U . -17.26 -28.73 -25.09
C2 GOL U . -19.39 -29.13 -25.39
O2 GOL U . -18.86 -29.73 -26.60
C3 GOL U . -19.84 -27.80 -25.79
O3 GOL U . -18.89 -27.26 -26.69
C1 GOL V . 42.06 19.59 -3.71
O1 GOL V . 41.21 19.20 -2.62
C2 GOL V . 41.31 20.77 -4.27
O2 GOL V . 40.69 21.64 -3.27
C3 GOL V . 40.09 20.23 -4.94
O3 GOL V . 40.02 20.19 -6.36
C1 GOL W . 22.65 26.96 -23.17
O1 GOL W . 23.66 26.10 -23.70
C2 GOL W . 21.41 26.09 -22.97
O2 GOL W . 21.12 25.26 -24.12
C3 GOL W . 21.67 25.23 -21.73
O3 GOL W . 20.63 24.19 -21.74
C1 GOL X . -4.47 18.41 -32.40
O1 GOL X . -3.52 17.95 -33.15
C2 GOL X . -4.22 17.86 -31.11
O2 GOL X . -5.48 17.13 -30.78
C3 GOL X . -3.93 19.20 -30.47
O3 GOL X . -2.79 20.05 -30.85
C1 GOL Y . -8.55 9.15 11.44
O1 GOL Y . -8.95 8.33 12.62
C2 GOL Y . -9.62 9.82 10.55
O2 GOL Y . -10.17 10.93 11.28
C3 GOL Y . -9.10 10.40 9.22
O3 GOL Y . -8.26 11.61 9.41
C1 GOL Z . -23.88 27.03 24.19
O1 GOL Z . -22.74 26.93 23.34
C2 GOL Z . -25.16 26.47 23.55
O2 GOL Z . -25.78 27.36 22.62
C3 GOL Z . -26.22 26.21 24.63
O3 GOL Z . -27.22 25.53 23.95
C1 GOL AA . 22.16 33.29 9.43
O1 GOL AA . 21.35 33.09 8.25
C2 GOL AA . 22.67 31.90 9.86
O2 GOL AA . 24.08 31.77 9.60
C3 GOL AA . 22.44 31.48 11.31
O3 GOL AA . 22.50 30.04 11.16
C1 GOL BA . -14.46 12.86 3.59
O1 GOL BA . -13.28 13.44 4.16
C2 GOL BA . -14.04 12.21 2.25
O2 GOL BA . -13.63 13.05 1.19
C3 GOL BA . -12.76 11.46 2.38
O3 GOL BA . -12.94 10.52 3.42
C1 GOL CA . -28.29 -0.90 -13.74
O1 GOL CA . -28.35 -0.98 -12.33
C2 GOL CA . -27.27 0.19 -13.91
O2 GOL CA . -27.75 1.38 -13.28
C3 GOL CA . -26.97 0.42 -15.37
O3 GOL CA . -26.87 1.83 -15.58
C1 GOL DA . 8.35 29.31 2.78
O1 GOL DA . 7.61 28.68 1.77
C2 GOL DA . 7.40 30.38 3.29
O2 GOL DA . 7.71 31.46 2.37
C3 GOL DA . 7.67 30.63 4.78
O3 GOL DA . 7.77 29.37 5.52
C1 GOL EA . 13.60 30.60 11.66
O1 GOL EA . 14.72 30.93 10.86
C2 GOL EA . 12.45 30.12 10.82
O2 GOL EA . 11.72 28.99 11.42
C3 GOL EA . 11.61 31.26 10.37
O3 GOL EA . 10.42 30.66 9.79
C1 GOL FA . 28.66 -8.99 20.40
O1 GOL FA . 27.45 -8.78 21.17
C2 GOL FA . 28.86 -8.06 19.17
O2 GOL FA . 30.23 -8.21 18.75
C3 GOL FA . 28.58 -6.60 19.42
O3 GOL FA . 28.87 -5.85 18.20
C1 GOL GA . 30.02 -7.03 3.73
O1 GOL GA . 29.74 -8.02 2.77
C2 GOL GA . 28.68 -6.81 4.42
O2 GOL GA . 28.64 -7.64 5.58
C3 GOL GA . 28.55 -5.30 4.66
O3 GOL GA . 27.41 -4.86 5.42
C1 GOL HA . 37.23 -0.52 0.40
O1 GOL HA . 36.84 -1.64 1.20
C2 GOL HA . 37.47 0.73 1.27
O2 GOL HA . 37.74 0.52 2.68
C3 GOL HA . 38.72 1.47 0.92
O3 GOL HA . 38.67 1.61 -0.45
C1 GOL IA . 9.13 3.68 35.63
O1 GOL IA . 9.75 3.13 34.44
C2 GOL IA . 8.15 2.71 36.29
O2 GOL IA . 8.78 1.46 36.29
C3 GOL IA . 7.88 3.03 37.76
O3 GOL IA . 6.54 2.78 38.23
C1 GOL JA . -3.87 22.94 18.89
O1 GOL JA . -3.29 24.13 18.39
C2 GOL JA . -5.16 22.68 18.11
O2 GOL JA . -6.15 22.77 19.11
C3 GOL JA . -5.23 21.31 17.42
O3 GOL JA . -6.13 21.28 16.27
C1 GOL KA . -19.32 2.41 11.67
O1 GOL KA . -18.97 3.62 12.33
C2 GOL KA . -18.43 1.45 10.88
O2 GOL KA . -19.55 0.88 9.92
C3 GOL KA . -17.23 2.23 10.25
O3 GOL KA . -16.10 1.44 9.79
C1 GOL LA . -5.65 -20.64 37.69
O1 GOL LA . -5.65 -19.69 36.62
C2 GOL LA . -4.15 -20.81 37.83
O2 GOL LA . -3.78 -19.73 38.72
C3 GOL LA . -3.66 -22.21 38.25
O3 GOL LA . -2.23 -22.34 38.00
C1 GOL MA . 17.31 32.83 8.94
O1 GOL MA . 17.50 31.62 9.71
C2 GOL MA . 15.81 32.71 8.63
O2 GOL MA . 15.11 32.92 9.83
C3 GOL MA . 15.21 33.64 7.58
O3 GOL MA . 13.92 33.06 7.27
C1 GOL NA . 4.12 -27.64 -14.06
O1 GOL NA . 4.11 -26.75 -15.21
C2 GOL NA . 3.95 -26.75 -12.80
O2 GOL NA . 2.57 -26.59 -12.41
C3 GOL NA . 4.52 -27.19 -11.45
O3 GOL NA . 5.85 -27.49 -11.05
C1 GOL OA . -1.47 -28.02 9.71
O1 GOL OA . -0.40 -28.38 10.49
C2 GOL OA . -2.04 -28.95 8.64
O2 GOL OA . -1.12 -29.97 8.28
C3 GOL OA . -3.34 -29.52 9.20
O3 GOL OA . -4.05 -30.20 8.15
C1 GOL PA . 4.82 34.33 -5.31
O1 GOL PA . 6.17 34.47 -5.72
C2 GOL PA . 4.27 35.50 -4.48
O2 GOL PA . 3.02 35.18 -3.75
C3 GOL PA . 5.21 36.01 -3.40
O3 GOL PA . 6.38 36.57 -3.99
S SO4 QA . 4.64 -30.57 30.10
O1 SO4 QA . 3.24 -31.02 30.29
O2 SO4 QA . 5.52 -31.19 31.11
O3 SO4 QA . 5.18 -30.97 28.79
O4 SO4 QA . 4.85 -29.11 30.21
S SO4 RA . -7.83 5.34 -13.94
O1 SO4 RA . -6.65 5.18 -13.02
O2 SO4 RA . -8.66 4.09 -13.92
O3 SO4 RA . -7.36 5.60 -15.36
O4 SO4 RA . -8.77 6.53 -13.83
S SO4 SA . 15.16 6.23 33.24
O1 SO4 SA . 14.31 7.42 33.00
O2 SO4 SA . 14.97 5.75 34.58
O3 SO4 SA . 14.95 5.25 32.09
O4 SO4 SA . 16.56 6.70 33.05
S SO4 TA . 19.54 -11.67 32.95
O1 SO4 TA . 18.88 -10.89 34.14
O2 SO4 TA . 18.68 -12.97 32.71
O3 SO4 TA . 19.87 -10.86 31.70
O4 SO4 TA . 20.89 -12.18 33.48
S SO4 UA . -6.54 13.76 23.75
O1 SO4 UA . -7.51 12.96 22.94
O2 SO4 UA . -6.80 13.26 25.08
O3 SO4 UA . -6.69 15.24 23.65
O4 SO4 UA . -5.04 13.51 23.47
S SO4 VA . 8.32 -32.16 20.66
O1 SO4 VA . 8.57 -30.99 21.56
O2 SO4 VA . 7.20 -32.93 21.26
O3 SO4 VA . 7.94 -31.66 19.37
O4 SO4 VA . 9.58 -32.93 20.72
S SO4 WA . 21.43 36.19 -3.64
O1 SO4 WA . 20.72 37.50 -3.30
O2 SO4 WA . 21.89 35.57 -2.34
O3 SO4 WA . 20.66 35.26 -4.46
O4 SO4 WA . 22.57 36.45 -4.60
S SO4 XA . -17.65 -28.40 18.80
O1 SO4 XA . -19.06 -27.97 19.08
O2 SO4 XA . -16.99 -28.88 20.04
O3 SO4 XA . -17.65 -29.51 17.83
O4 SO4 XA . -16.92 -27.38 18.01
S SO4 YA . -7.15 3.31 10.51
O1 SO4 YA . -5.99 2.86 11.39
O2 SO4 YA . -8.46 2.96 11.07
O3 SO4 YA . -6.88 2.60 9.21
O4 SO4 YA . -7.02 4.78 10.22
S SO4 ZA . -8.55 -2.89 -14.25
O1 SO4 ZA . -9.23 -4.13 -14.46
O2 SO4 ZA . -7.54 -3.14 -13.18
O3 SO4 ZA . -9.45 -1.80 -13.64
O4 SO4 ZA . -7.99 -2.73 -15.64
S SO4 AB . 26.34 18.48 -24.37
O1 SO4 AB . 25.02 18.74 -23.68
O2 SO4 AB . 26.45 16.97 -24.68
O3 SO4 AB . 26.53 19.11 -25.73
O4 SO4 AB . 27.49 18.97 -23.49
S SO4 BB . -19.67 20.38 -10.43
O1 SO4 BB . -21.17 20.45 -10.31
O2 SO4 BB . -19.21 19.06 -9.81
O3 SO4 BB . -19.46 20.30 -11.91
O4 SO4 BB . -19.11 21.71 -9.99
S SO4 CB . 4.36 -22.61 38.03
O1 SO4 CB . 5.26 -21.71 38.79
O2 SO4 CB . 3.66 -23.51 38.99
O3 SO4 CB . 3.25 -21.91 37.29
O4 SO4 CB . 5.32 -23.37 37.19
S SO4 DB . -38.46 -5.59 -3.26
O1 SO4 DB . -37.93 -4.90 -2.06
O2 SO4 DB . -38.92 -7.02 -3.02
O3 SO4 DB . -39.55 -4.67 -3.68
O4 SO4 DB . -37.43 -5.56 -4.31
S SO4 EB . -22.60 12.07 32.51
O1 SO4 EB . -23.62 12.00 33.59
O2 SO4 EB . -21.59 11.00 32.74
O3 SO4 EB . -23.25 11.92 31.20
O4 SO4 EB . -21.95 13.41 32.52
S SO4 FB . -14.90 5.34 -23.15
O1 SO4 FB . -13.67 5.69 -22.40
O2 SO4 FB . -15.83 4.54 -22.29
O3 SO4 FB . -14.51 4.59 -24.38
O4 SO4 FB . -15.53 6.67 -23.47
S SO4 GB . -7.97 -1.99 -31.22
O1 SO4 GB . -8.24 -0.90 -30.26
O2 SO4 GB . -7.86 -3.29 -30.50
O3 SO4 GB . -9.08 -2.12 -32.22
O4 SO4 GB . -6.74 -1.56 -31.93
S SO4 HB . -19.31 -18.58 27.40
O1 SO4 HB . -18.13 -18.37 28.31
O2 SO4 HB . -20.42 -19.46 27.99
O3 SO4 HB . -18.70 -19.20 26.20
O4 SO4 HB . -19.87 -17.21 27.11
S SO4 IB . -37.87 -6.32 5.23
O1 SO4 IB . -37.15 -5.32 6.00
O2 SO4 IB . -38.54 -7.28 6.09
O3 SO4 IB . -36.94 -7.03 4.42
O4 SO4 IB . -38.97 -5.66 4.56
MG MG JB . 16.39 10.21 -5.05
MG MG KB . 11.65 11.23 -7.39
MG MG LB . 13.21 14.04 -3.15
#